data_7L3Q
#
_entry.id   7L3Q
#
_cell.length_a   106.440
_cell.length_b   116.270
_cell.length_c   106.820
_cell.angle_alpha   90.00
_cell.angle_beta   119.73
_cell.angle_gamma   90.00
#
_symmetry.space_group_name_H-M   'P 1 21 1'
#
loop_
_entity.id
_entity.type
_entity.pdbx_description
1 polymer 'Acetyl-coenzyme A synthetase'
2 non-polymer 1,2-ETHANEDIOL
3 non-polymer 'COENZYME A'
4 non-polymer "5'-O-[(R)-hydroxy(methoxy)phosphoryl]adenosine"
5 water water
#
_entity_poly.entity_id   1
_entity_poly.type   'polypeptide(L)'
_entity_poly.pdbx_seq_one_letter_code
;MHHHHHHHHENLYFQGSETPAEPKLPVVVEAHQVDTFDVPGVFYENHPHEPHLSGMNEYNQLYQQSINDPDTFWARMARD
LITFEKDFDKTHIGTLEGGDNAWFVGGRLNASFNCVDRHAMRDPNKVAIIYEADEPGHGRSITYAELLKEVSRLAWVMKS
QGVRKGDTVAIYLPMIPEAIFALLACARIGAIHSVVFAGFSSDSLRDRTLDARSKFIITTDEGKRGGKVIGTKKIVDEAL
KQCPDVTNCLVFKRTGADVPWTKGRDLWWHEEVDKYPNYLPAESMDSEDPLFLLYTSGSTGKPKGVMHTTAGYLVGAAAT
GKYVFDIHPADRFFCGGDVGWITGHTYVVYAPLLLGCTTVVFESTPAYPNFSRYWDVIEKHKVTQFYVAPTALRLLKRAG
DHHINHEMKDLRILGSVGEPIAAEVWKWYHEVVGKRQAHIVDTYWQTETGSHVITPLGGITPTKPGSASLPFFGIDPVIL
DPVTGAEIPGNDVEGILAFRKPWPSMARTVWGDHKRYMDTYLNVYKGFYFTGDGAGRDHEGYYWIRGRVDDVVNVSGHRL
STAEIEAALIEHHCVAEAAVVGVPDPLTGQAVHAFVALKSGNDNREQLQKELIMQVRKSIGPFAAPKVVFVIDDLPKTRS
GKIMRRILRKILSGEEDSLGDISTLSDPSVVNKIIDTFHEWKKAMAAAAAAAAAVSATAPPNSTTG
;
_entity_poly.pdbx_strand_id   A,B,C
#
# COMPACT_ATOMS: atom_id res chain seq x y z
N LEU A 25 -51.85 33.75 -9.76
CA LEU A 25 -51.73 33.93 -11.20
C LEU A 25 -50.56 33.15 -11.84
N PRO A 26 -49.36 33.18 -11.24
CA PRO A 26 -48.26 32.37 -11.79
C PRO A 26 -48.38 30.90 -11.40
N VAL A 27 -47.72 30.06 -12.20
CA VAL A 27 -47.71 28.63 -11.94
C VAL A 27 -46.91 28.32 -10.68
N VAL A 28 -45.87 29.10 -10.39
CA VAL A 28 -45.12 29.02 -9.14
C VAL A 28 -45.73 30.06 -8.20
N VAL A 29 -46.63 29.61 -7.32
CA VAL A 29 -47.42 30.53 -6.51
C VAL A 29 -46.55 31.22 -5.45
N GLU A 30 -45.48 30.56 -4.98
CA GLU A 30 -44.60 31.18 -4.00
C GLU A 30 -43.78 32.31 -4.58
N ALA A 31 -43.89 32.58 -5.88
CA ALA A 31 -43.09 33.60 -6.55
C ALA A 31 -43.94 34.76 -7.06
N HIS A 32 -45.11 34.98 -6.49
CA HIS A 32 -46.01 36.05 -6.92
C HIS A 32 -45.63 37.33 -6.17
N GLN A 33 -45.16 38.34 -6.91
CA GLN A 33 -44.80 39.64 -6.36
C GLN A 33 -43.68 39.53 -5.33
N VAL A 34 -42.69 38.68 -5.62
CA VAL A 34 -41.48 38.61 -4.82
C VAL A 34 -40.33 39.10 -5.70
N ASP A 35 -39.83 40.29 -5.41
CA ASP A 35 -38.71 40.81 -6.17
C ASP A 35 -37.40 40.28 -5.59
N THR A 36 -36.30 40.57 -6.29
CA THR A 36 -34.98 40.25 -5.77
C THR A 36 -34.46 41.40 -4.91
N PHE A 37 -33.74 41.04 -3.85
CA PHE A 37 -33.00 42.00 -3.05
C PHE A 37 -31.53 41.91 -3.45
N ASP A 38 -30.92 43.06 -3.68
CA ASP A 38 -29.49 43.11 -3.99
C ASP A 38 -28.69 42.81 -2.73
N VAL A 39 -27.45 42.38 -2.95
CA VAL A 39 -26.47 42.32 -1.85
C VAL A 39 -26.36 43.70 -1.21
N PRO A 40 -26.36 43.81 0.12
CA PRO A 40 -26.30 45.15 0.73
C PRO A 40 -24.99 45.87 0.43
N GLY A 41 -25.09 47.18 0.22
CA GLY A 41 -23.90 47.97 -0.06
C GLY A 41 -22.84 47.87 1.03
N VAL A 42 -23.29 47.73 2.28
CA VAL A 42 -22.35 47.63 3.40
C VAL A 42 -21.45 46.40 3.28
N PHE A 43 -21.94 45.34 2.62
CA PHE A 43 -21.17 44.09 2.50
C PHE A 43 -19.81 44.33 1.84
N TYR A 44 -19.76 45.21 0.84
CA TYR A 44 -18.53 45.45 0.12
C TYR A 44 -17.65 46.47 0.83
N GLU A 45 -18.27 47.40 1.55
CA GLU A 45 -17.50 48.47 2.18
C GLU A 45 -16.69 47.93 3.37
N ASN A 46 -17.26 46.99 4.10
CA ASN A 46 -16.63 46.45 5.30
C ASN A 46 -15.86 45.18 5.03
N HIS A 47 -15.88 44.68 3.80
CA HIS A 47 -15.24 43.42 3.48
C HIS A 47 -13.74 43.55 3.69
N PRO A 48 -13.10 42.64 4.45
CA PRO A 48 -11.65 42.75 4.66
C PRO A 48 -10.83 42.46 3.42
N HIS A 49 -11.37 41.72 2.45
CA HIS A 49 -10.65 41.30 1.25
C HIS A 49 -11.48 41.60 0.00
N GLU A 50 -10.99 41.14 -1.18
CA GLU A 50 -11.79 41.20 -2.40
C GLU A 50 -12.55 39.90 -2.61
N PRO A 51 -13.85 39.96 -2.90
CA PRO A 51 -14.62 38.74 -3.17
C PRO A 51 -14.06 37.98 -4.36
N HIS A 52 -14.51 36.74 -4.51
CA HIS A 52 -13.87 35.83 -5.45
C HIS A 52 -14.38 35.99 -6.88
N LEU A 53 -15.60 36.49 -7.06
CA LEU A 53 -16.12 36.83 -8.37
C LEU A 53 -16.32 38.33 -8.47
N SER A 54 -16.18 38.85 -9.69
CA SER A 54 -16.39 40.27 -9.98
C SER A 54 -17.86 40.65 -10.10
N GLY A 55 -18.77 39.70 -10.04
CA GLY A 55 -20.18 40.05 -10.15
C GLY A 55 -20.97 38.91 -10.74
N MET A 56 -22.25 39.21 -11.00
CA MET A 56 -23.12 38.21 -11.59
C MET A 56 -22.66 37.84 -13.00
N ASN A 57 -22.04 38.79 -13.73
CA ASN A 57 -21.51 38.48 -15.05
C ASN A 57 -20.48 37.35 -15.01
N GLU A 58 -19.63 37.33 -13.98
CA GLU A 58 -18.60 36.29 -13.94
C GLU A 58 -19.17 34.95 -13.47
N TYR A 59 -20.13 34.97 -12.53
CA TYR A 59 -20.88 33.76 -12.23
C TYR A 59 -21.47 33.13 -13.50
N ASN A 60 -22.22 33.93 -14.30
CA ASN A 60 -22.89 33.38 -15.47
C ASN A 60 -21.91 32.77 -16.46
N GLN A 61 -20.77 33.43 -16.67
CA GLN A 61 -19.75 32.92 -17.57
C GLN A 61 -19.09 31.65 -17.03
N LEU A 62 -18.79 31.61 -15.73
CA LEU A 62 -18.24 30.38 -15.14
C LEU A 62 -19.29 29.28 -15.12
N TYR A 63 -20.55 29.64 -14.85
CA TYR A 63 -21.59 28.61 -14.80
C TYR A 63 -21.78 27.97 -16.18
N GLN A 64 -21.80 28.79 -17.23
CA GLN A 64 -21.97 28.23 -18.57
C GLN A 64 -20.80 27.33 -18.95
N GLN A 65 -19.56 27.72 -18.61
CA GLN A 65 -18.44 26.81 -18.85
C GLN A 65 -18.58 25.51 -18.07
N SER A 66 -19.18 25.56 -16.86
CA SER A 66 -19.31 24.33 -16.07
C SER A 66 -20.36 23.38 -16.62
N ILE A 67 -21.34 23.87 -17.39
CA ILE A 67 -22.32 23.00 -18.04
C ILE A 67 -21.84 22.53 -19.42
N ASN A 68 -21.27 23.44 -20.23
CA ASN A 68 -20.85 23.11 -21.59
C ASN A 68 -19.46 22.51 -21.67
N ASP A 69 -18.66 22.65 -20.63
CA ASP A 69 -17.33 22.04 -20.70
C ASP A 69 -16.89 21.69 -19.28
N PRO A 70 -17.61 20.80 -18.60
CA PRO A 70 -17.22 20.49 -17.21
C PRO A 70 -15.81 19.94 -17.12
N ASP A 71 -15.32 19.29 -18.18
CA ASP A 71 -13.97 18.72 -18.15
C ASP A 71 -12.92 19.81 -17.97
N THR A 72 -13.06 20.94 -18.70
CA THR A 72 -12.13 22.04 -18.54
C THR A 72 -12.39 22.76 -17.23
N PHE A 73 -13.64 23.10 -16.95
CA PHE A 73 -13.98 23.85 -15.75
C PHE A 73 -13.51 23.14 -14.49
N TRP A 74 -13.92 21.89 -14.29
CA TRP A 74 -13.63 21.24 -13.02
C TRP A 74 -12.15 20.88 -12.90
N ALA A 75 -11.45 20.70 -14.01
CA ALA A 75 -10.02 20.44 -13.92
C ALA A 75 -9.30 21.66 -13.34
N ARG A 76 -9.69 22.86 -13.78
CA ARG A 76 -9.04 24.07 -13.28
C ARG A 76 -9.43 24.33 -11.83
N MET A 77 -10.72 24.20 -11.52
CA MET A 77 -11.18 24.40 -10.15
C MET A 77 -10.49 23.46 -9.17
N ALA A 78 -10.32 22.20 -9.56
CA ALA A 78 -9.70 21.22 -8.67
C ALA A 78 -8.22 21.51 -8.46
N ARG A 79 -7.52 21.93 -9.51
CA ARG A 79 -6.10 22.24 -9.36
C ARG A 79 -5.90 23.57 -8.65
N ASP A 80 -6.87 24.49 -8.74
CA ASP A 80 -6.85 25.69 -7.90
C ASP A 80 -6.93 25.33 -6.42
N LEU A 81 -7.89 24.45 -6.06
CA LEU A 81 -8.32 24.35 -4.68
C LEU A 81 -7.71 23.18 -3.92
N ILE A 82 -7.25 22.13 -4.61
CA ILE A 82 -6.86 20.89 -3.95
C ILE A 82 -5.44 20.54 -4.35
N THR A 83 -4.61 20.18 -3.36
CA THR A 83 -3.21 19.78 -3.57
C THR A 83 -3.15 18.27 -3.77
N PHE A 84 -2.83 17.84 -4.98
CA PHE A 84 -2.69 16.42 -5.31
C PHE A 84 -1.27 15.95 -5.11
N GLU A 85 -1.12 14.72 -4.60
CA GLU A 85 0.18 14.05 -4.68
C GLU A 85 0.51 13.72 -6.13
N LYS A 86 -0.44 13.12 -6.85
CA LYS A 86 -0.30 12.81 -8.27
C LYS A 86 -1.44 13.48 -9.01
N ASP A 87 -1.10 14.29 -10.01
CA ASP A 87 -2.11 14.98 -10.80
C ASP A 87 -3.07 13.98 -11.41
N PHE A 88 -4.32 14.38 -11.63
CA PHE A 88 -5.28 13.46 -12.24
C PHE A 88 -5.16 13.47 -13.77
N ASP A 89 -5.57 12.36 -14.39
CA ASP A 89 -5.55 12.13 -15.83
C ASP A 89 -6.77 12.66 -16.56
N LYS A 90 -7.95 12.57 -15.98
CA LYS A 90 -9.16 12.93 -16.71
C LYS A 90 -10.18 13.43 -15.69
N THR A 91 -10.89 14.48 -16.06
CA THR A 91 -11.77 15.14 -15.10
C THR A 91 -12.92 14.25 -14.69
N HIS A 92 -13.51 13.52 -15.63
CA HIS A 92 -14.73 12.76 -15.35
C HIS A 92 -14.87 11.64 -16.39
N ILE A 93 -15.33 10.48 -15.92
CA ILE A 93 -15.81 9.41 -16.78
C ILE A 93 -17.14 8.90 -16.21
N GLY A 94 -17.85 8.11 -17.01
CA GLY A 94 -19.13 7.56 -16.63
C GLY A 94 -20.31 8.46 -16.98
N THR A 95 -21.51 7.95 -16.72
CA THR A 95 -22.76 8.66 -17.00
C THR A 95 -23.68 8.55 -15.79
N LEU A 96 -24.74 9.37 -15.75
CA LEU A 96 -25.75 9.25 -14.71
C LEU A 96 -26.45 7.90 -14.81
N GLU A 97 -26.82 7.49 -16.01
CA GLU A 97 -27.56 6.24 -16.16
C GLU A 97 -26.68 5.03 -15.86
N GLY A 98 -25.37 5.14 -16.13
CA GLY A 98 -24.48 4.04 -15.86
C GLY A 98 -24.14 3.83 -14.40
N GLY A 99 -24.40 4.82 -13.55
CA GLY A 99 -24.06 4.69 -12.14
C GLY A 99 -22.59 4.36 -11.95
N ASP A 100 -21.72 4.94 -12.78
CA ASP A 100 -20.29 4.64 -12.81
C ASP A 100 -19.44 5.91 -12.79
N ASN A 101 -19.96 7.00 -12.26
CA ASN A 101 -19.24 8.26 -12.32
C ASN A 101 -17.98 8.21 -11.50
N ALA A 102 -16.90 8.72 -12.07
CA ALA A 102 -15.66 8.86 -11.33
C ALA A 102 -15.06 10.20 -11.74
N TRP A 103 -14.55 10.93 -10.76
CA TRP A 103 -14.04 12.26 -11.00
C TRP A 103 -12.57 12.31 -10.62
N PHE A 104 -11.78 12.99 -11.45
CA PHE A 104 -10.35 13.16 -11.23
C PHE A 104 -9.64 11.82 -11.14
N VAL A 105 -9.95 10.94 -12.11
CA VAL A 105 -9.37 9.61 -12.10
C VAL A 105 -7.87 9.69 -12.38
N GLY A 106 -7.10 8.81 -11.72
CA GLY A 106 -5.67 8.85 -11.81
C GLY A 106 -5.04 9.74 -10.77
N GLY A 107 -5.83 10.57 -10.10
CA GLY A 107 -5.27 11.45 -9.09
C GLY A 107 -5.02 10.71 -7.79
N ARG A 108 -4.05 11.22 -7.02
CA ARG A 108 -3.79 10.73 -5.68
C ARG A 108 -3.65 11.93 -4.76
N LEU A 109 -4.08 11.75 -3.52
CA LEU A 109 -4.16 12.85 -2.57
C LEU A 109 -4.49 12.26 -1.20
N ASN A 110 -4.51 13.12 -0.18
CA ASN A 110 -4.98 12.72 1.13
C ASN A 110 -5.77 13.88 1.70
N ALA A 111 -6.98 13.59 2.19
CA ALA A 111 -7.86 14.65 2.65
C ALA A 111 -7.29 15.37 3.87
N SER A 112 -6.58 14.65 4.74
CA SER A 112 -6.03 15.32 5.91
C SER A 112 -4.77 16.10 5.57
N PHE A 113 -4.04 15.72 4.52
CA PHE A 113 -2.99 16.61 4.04
C PHE A 113 -3.60 17.94 3.62
N ASN A 114 -4.75 17.88 2.97
CA ASN A 114 -5.33 19.07 2.39
C ASN A 114 -6.03 19.92 3.43
N CYS A 115 -6.49 19.31 4.54
CA CYS A 115 -7.11 20.05 5.63
C CYS A 115 -6.13 20.48 6.71
N VAL A 116 -4.94 19.89 6.79
CA VAL A 116 -4.05 20.17 7.91
C VAL A 116 -2.61 20.45 7.45
N ASP A 117 -1.96 19.47 6.82
CA ASP A 117 -0.52 19.55 6.60
C ASP A 117 -0.16 20.81 5.82
N ARG A 118 -0.81 21.03 4.67
CA ARG A 118 -0.38 22.11 3.80
C ARG A 118 -0.52 23.47 4.50
N HIS A 119 -1.45 23.57 5.46
CA HIS A 119 -1.65 24.80 6.21
C HIS A 119 -0.66 24.90 7.37
N ALA A 120 -0.40 23.80 8.05
CA ALA A 120 0.64 23.77 9.09
C ALA A 120 2.00 24.10 8.52
N MET A 121 2.31 23.63 7.31
N MET A 121 2.28 23.65 7.29
CA MET A 121 3.59 23.92 6.68
CA MET A 121 3.58 23.89 6.65
C MET A 121 3.78 25.43 6.49
C MET A 121 3.79 25.35 6.27
N ARG A 122 2.71 26.13 6.12
CA ARG A 122 2.81 27.53 5.75
C ARG A 122 2.63 28.48 6.93
N ASP A 123 1.83 28.10 7.92
CA ASP A 123 1.43 29.01 8.99
C ASP A 123 1.11 28.17 10.22
N PRO A 124 2.13 27.59 10.86
CA PRO A 124 1.87 26.60 11.92
C PRO A 124 1.06 27.16 13.08
N ASN A 125 1.13 28.46 13.36
CA ASN A 125 0.46 29.02 14.52
C ASN A 125 -0.86 29.70 14.20
N LYS A 126 -1.34 29.61 12.96
CA LYS A 126 -2.70 30.05 12.63
C LYS A 126 -3.72 29.14 13.31
N VAL A 127 -4.77 29.74 13.86
CA VAL A 127 -5.79 28.97 14.56
C VAL A 127 -6.64 28.21 13.56
N ALA A 128 -6.74 26.91 13.74
CA ALA A 128 -7.61 26.11 12.88
C ALA A 128 -8.99 25.95 13.45
N ILE A 129 -9.08 25.70 14.76
CA ILE A 129 -10.31 25.31 15.42
C ILE A 129 -10.50 26.20 16.64
N ILE A 130 -11.67 26.80 16.76
CA ILE A 130 -12.11 27.43 18.01
C ILE A 130 -13.17 26.51 18.60
N TYR A 131 -12.86 25.93 19.75
CA TYR A 131 -13.81 25.06 20.43
C TYR A 131 -14.57 25.89 21.45
N GLU A 132 -15.89 25.87 21.35
CA GLU A 132 -16.74 26.56 22.31
C GLU A 132 -17.47 25.50 23.13
N ALA A 133 -17.16 25.45 24.42
CA ALA A 133 -17.62 24.36 25.26
C ALA A 133 -19.10 24.55 25.65
N ASP A 134 -19.66 23.50 26.28
CA ASP A 134 -21.06 23.59 26.71
C ASP A 134 -21.21 24.73 27.72
N GLU A 135 -20.22 24.91 28.61
CA GLU A 135 -20.17 26.07 29.50
C GLU A 135 -19.40 27.21 28.83
N PRO A 136 -19.99 28.41 28.75
CA PRO A 136 -19.22 29.59 28.33
C PRO A 136 -17.89 29.77 29.06
N GLY A 137 -16.95 30.49 28.47
CA GLY A 137 -15.72 30.81 29.16
C GLY A 137 -14.78 29.64 29.33
N HIS A 138 -15.14 28.47 28.80
CA HIS A 138 -14.18 27.40 28.66
C HIS A 138 -13.74 27.35 27.20
N GLY A 139 -13.50 26.18 26.67
CA GLY A 139 -13.03 26.08 25.31
C GLY A 139 -11.60 26.57 25.17
N ARG A 140 -11.07 26.39 23.97
CA ARG A 140 -9.68 26.69 23.64
C ARG A 140 -9.58 26.86 22.13
N SER A 141 -8.45 27.43 21.71
CA SER A 141 -8.15 27.60 20.29
C SER A 141 -6.99 26.70 19.96
N ILE A 142 -7.04 26.08 18.80
CA ILE A 142 -6.15 25.01 18.41
C ILE A 142 -5.48 25.42 17.10
N THR A 143 -4.14 25.39 17.07
CA THR A 143 -3.47 25.85 15.86
C THR A 143 -3.41 24.72 14.82
N TYR A 144 -3.05 25.10 13.59
CA TYR A 144 -2.87 24.08 12.56
C TYR A 144 -1.73 23.14 12.93
N ALA A 145 -0.71 23.63 13.65
CA ALA A 145 0.36 22.73 14.09
C ALA A 145 -0.14 21.76 15.17
N GLU A 146 -0.90 22.27 16.14
CA GLU A 146 -1.46 21.41 17.19
C GLU A 146 -2.42 20.37 16.60
N LEU A 147 -3.24 20.80 15.62
CA LEU A 147 -4.13 19.87 14.94
C LEU A 147 -3.34 18.77 14.22
N LEU A 148 -2.22 19.12 13.59
CA LEU A 148 -1.43 18.12 12.88
C LEU A 148 -0.90 17.08 13.86
N LYS A 149 -0.51 17.53 15.05
CA LYS A 149 -0.01 16.62 16.08
C LYS A 149 -1.11 15.69 16.58
N GLU A 150 -2.30 16.24 16.87
CA GLU A 150 -3.38 15.46 17.47
C GLU A 150 -3.97 14.49 16.45
N VAL A 151 -4.06 14.91 15.18
CA VAL A 151 -4.46 14.00 14.10
C VAL A 151 -3.44 12.87 13.97
N SER A 152 -2.15 13.21 13.98
CA SER A 152 -1.09 12.21 13.80
C SER A 152 -1.07 11.18 14.93
N ARG A 153 -1.14 11.60 16.18
CA ARG A 153 -0.96 10.60 17.20
C ARG A 153 -2.23 9.79 17.43
N LEU A 154 -3.40 10.33 17.11
CA LEU A 154 -4.62 9.52 17.09
C LEU A 154 -4.58 8.52 15.94
N ALA A 155 -4.08 8.94 14.78
CA ALA A 155 -3.88 8.00 13.68
C ALA A 155 -2.91 6.90 14.10
N TRP A 156 -1.91 7.26 14.90
CA TRP A 156 -0.98 6.27 15.42
C TRP A 156 -1.70 5.24 16.28
N VAL A 157 -2.66 5.70 17.11
CA VAL A 157 -3.38 4.78 18.01
C VAL A 157 -4.13 3.73 17.19
N MET A 158 -4.84 4.19 16.15
CA MET A 158 -5.65 3.30 15.32
C MET A 158 -4.78 2.32 14.56
N LYS A 159 -3.75 2.82 13.89
CA LYS A 159 -2.82 1.93 13.20
C LYS A 159 -2.22 0.91 14.16
N SER A 160 -1.88 1.34 15.37
CA SER A 160 -1.28 0.42 16.35
C SER A 160 -2.28 -0.64 16.81
N GLN A 161 -3.57 -0.35 16.81
CA GLN A 161 -4.54 -1.35 17.21
C GLN A 161 -5.02 -2.21 16.04
N GLY A 162 -4.48 -2.01 14.84
CA GLY A 162 -4.82 -2.83 13.70
C GLY A 162 -5.72 -2.19 12.65
N VAL A 163 -6.07 -0.91 12.78
CA VAL A 163 -6.93 -0.30 11.76
C VAL A 163 -6.11 -0.06 10.50
N ARG A 164 -6.62 -0.51 9.36
CA ARG A 164 -5.90 -0.39 8.10
C ARG A 164 -6.71 0.38 7.05
N LYS A 165 -5.99 0.89 6.06
CA LYS A 165 -6.58 1.52 4.87
C LYS A 165 -7.77 0.71 4.38
N GLY A 166 -8.92 1.39 4.24
CA GLY A 166 -10.12 0.74 3.75
C GLY A 166 -11.07 0.19 4.79
N ASP A 167 -10.66 0.07 6.05
CA ASP A 167 -11.57 -0.30 7.13
C ASP A 167 -12.46 0.87 7.51
N THR A 168 -13.69 0.56 7.94
CA THR A 168 -14.54 1.61 8.50
C THR A 168 -14.25 1.79 9.98
N VAL A 169 -14.50 3.00 10.47
CA VAL A 169 -14.28 3.35 11.86
C VAL A 169 -15.52 4.07 12.35
N ALA A 170 -16.19 3.49 13.35
CA ALA A 170 -17.39 4.06 13.93
C ALA A 170 -16.98 5.20 14.86
N ILE A 171 -17.70 6.31 14.77
CA ILE A 171 -17.43 7.50 15.57
C ILE A 171 -18.73 7.89 16.22
N TYR A 172 -18.74 7.90 17.57
CA TYR A 172 -19.93 8.26 18.34
C TYR A 172 -19.46 9.36 19.30
N LEU A 173 -19.38 10.58 18.78
CA LEU A 173 -18.81 11.69 19.52
C LEU A 173 -19.73 12.90 19.45
N PRO A 174 -19.72 13.72 20.48
CA PRO A 174 -20.41 15.00 20.42
C PRO A 174 -19.56 16.05 19.73
N MET A 175 -19.97 17.32 19.85
CA MET A 175 -19.31 18.43 19.16
C MET A 175 -18.16 18.98 19.99
N ILE A 176 -17.04 18.27 19.93
CA ILE A 176 -15.77 18.67 20.55
C ILE A 176 -14.68 18.57 19.49
N PRO A 177 -13.58 19.29 19.65
CA PRO A 177 -12.54 19.26 18.60
C PRO A 177 -12.01 17.85 18.36
N GLU A 178 -12.09 17.01 19.38
CA GLU A 178 -11.70 15.62 19.25
C GLU A 178 -12.45 14.93 18.12
N ALA A 179 -13.65 15.39 17.79
CA ALA A 179 -14.38 14.81 16.67
C ALA A 179 -13.66 15.10 15.36
N ILE A 180 -13.20 16.35 15.21
CA ILE A 180 -12.42 16.68 14.03
C ILE A 180 -11.14 15.88 14.01
N PHE A 181 -10.47 15.74 15.17
CA PHE A 181 -9.29 14.86 15.23
C PHE A 181 -9.63 13.48 14.65
N ALA A 182 -10.79 12.93 15.03
CA ALA A 182 -11.11 11.54 14.68
C ALA A 182 -11.42 11.37 13.20
N LEU A 183 -12.32 12.19 12.64
CA LEU A 183 -12.54 12.13 11.20
C LEU A 183 -11.23 12.25 10.43
N LEU A 184 -10.36 13.18 10.84
CA LEU A 184 -9.21 13.47 9.99
C LEU A 184 -8.07 12.47 10.22
N ALA A 185 -7.98 11.91 11.43
CA ALA A 185 -7.06 10.81 11.63
C ALA A 185 -7.50 9.61 10.79
N CYS A 186 -8.81 9.38 10.68
CA CYS A 186 -9.30 8.33 9.81
C CYS A 186 -8.88 8.59 8.37
N ALA A 187 -9.18 9.79 7.84
CA ALA A 187 -8.74 10.14 6.50
C ALA A 187 -7.23 10.00 6.34
N ARG A 188 -6.47 10.31 7.40
CA ARG A 188 -5.01 10.27 7.27
C ARG A 188 -4.49 8.86 7.00
N ILE A 189 -5.12 7.82 7.56
CA ILE A 189 -4.66 6.46 7.29
C ILE A 189 -5.47 5.77 6.20
N GLY A 190 -6.47 6.45 5.63
CA GLY A 190 -7.27 5.82 4.60
C GLY A 190 -8.40 4.97 5.13
N ALA A 191 -8.62 4.99 6.44
CA ALA A 191 -9.82 4.42 7.01
C ALA A 191 -11.01 5.27 6.59
N ILE A 192 -12.19 4.68 6.71
CA ILE A 192 -13.42 5.29 6.21
C ILE A 192 -14.24 5.63 7.44
N HIS A 193 -14.28 6.90 7.81
CA HIS A 193 -15.02 7.24 9.02
C HIS A 193 -16.52 7.11 8.77
N SER A 194 -17.24 6.66 9.79
CA SER A 194 -18.68 6.47 9.73
C SER A 194 -19.24 7.10 10.99
N VAL A 195 -19.60 8.37 10.91
CA VAL A 195 -20.00 9.14 12.08
C VAL A 195 -21.46 8.84 12.41
N VAL A 196 -21.74 8.64 13.70
CA VAL A 196 -23.08 8.34 14.19
C VAL A 196 -23.46 9.44 15.16
N PHE A 197 -24.45 10.24 14.77
CA PHE A 197 -25.00 11.29 15.61
C PHE A 197 -25.14 10.86 17.06
N ALA A 198 -24.60 11.67 17.98
CA ALA A 198 -24.58 11.33 19.39
C ALA A 198 -25.97 11.37 20.04
N GLY A 199 -27.02 11.70 19.30
CA GLY A 199 -28.39 11.56 19.80
C GLY A 199 -29.05 10.27 19.43
N PHE A 200 -28.33 9.40 18.73
CA PHE A 200 -28.86 8.09 18.37
C PHE A 200 -28.84 7.16 19.59
N SER A 201 -29.83 6.27 19.64
CA SER A 201 -29.90 5.23 20.65
C SER A 201 -28.90 4.12 20.35
N SER A 202 -28.84 3.17 21.28
CA SER A 202 -27.93 2.03 21.14
CA SER A 202 -27.94 2.02 21.14
C SER A 202 -28.29 1.19 19.92
N ASP A 203 -29.59 0.93 19.71
CA ASP A 203 -30.05 0.17 18.55
C ASP A 203 -29.53 0.79 17.25
N SER A 204 -29.72 2.11 17.10
CA SER A 204 -29.28 2.79 15.89
C SER A 204 -27.77 2.76 15.73
N LEU A 205 -27.03 3.01 16.82
CA LEU A 205 -25.58 2.87 16.77
C LEU A 205 -25.16 1.47 16.32
N ARG A 206 -25.77 0.44 16.92
CA ARG A 206 -25.49 -0.95 16.58
C ARG A 206 -25.74 -1.23 15.10
N ASP A 207 -26.93 -0.86 14.60
CA ASP A 207 -27.26 -1.10 13.20
C ASP A 207 -26.20 -0.52 12.28
N ARG A 208 -25.77 0.72 12.55
CA ARG A 208 -24.80 1.37 11.67
C ARG A 208 -23.41 0.76 11.81
N THR A 209 -23.02 0.36 13.02
CA THR A 209 -21.71 -0.25 13.22
C THR A 209 -21.64 -1.63 12.57
N LEU A 210 -22.76 -2.35 12.56
CA LEU A 210 -22.77 -3.68 11.94
C LEU A 210 -22.76 -3.57 10.43
N ASP A 211 -23.69 -2.80 9.86
CA ASP A 211 -23.73 -2.67 8.40
C ASP A 211 -22.40 -2.19 7.84
N ALA A 212 -21.71 -1.29 8.55
CA ALA A 212 -20.40 -0.81 8.12
C ALA A 212 -19.29 -1.77 8.49
N ARG A 213 -19.57 -2.76 9.34
CA ARG A 213 -18.59 -3.77 9.77
C ARG A 213 -17.34 -3.10 10.35
N SER A 214 -17.55 -2.09 11.19
CA SER A 214 -16.43 -1.43 11.85
C SER A 214 -15.88 -2.32 12.97
N LYS A 215 -14.55 -2.37 13.07
CA LYS A 215 -13.88 -3.11 14.12
C LYS A 215 -13.29 -2.20 15.19
N PHE A 216 -13.42 -0.89 15.03
CA PHE A 216 -12.88 0.09 15.95
C PHE A 216 -13.96 1.15 16.12
N ILE A 217 -14.16 1.61 17.35
CA ILE A 217 -15.11 2.67 17.62
C ILE A 217 -14.44 3.71 18.53
N ILE A 218 -14.82 4.97 18.35
CA ILE A 218 -14.27 6.10 19.09
C ILE A 218 -15.43 6.84 19.74
N THR A 219 -15.36 7.04 21.06
CA THR A 219 -16.45 7.73 21.75
C THR A 219 -15.93 8.51 22.96
N THR A 220 -16.85 9.14 23.69
CA THR A 220 -16.57 9.87 24.92
C THR A 220 -17.10 9.09 26.12
N ASP A 221 -16.59 9.41 27.32
CA ASP A 221 -17.20 8.84 28.51
C ASP A 221 -18.64 9.34 28.64
N GLU A 222 -18.83 10.66 28.61
CA GLU A 222 -20.16 11.27 28.65
C GLU A 222 -20.16 12.51 27.75
N GLY A 223 -21.35 12.92 27.33
CA GLY A 223 -21.53 14.21 26.70
C GLY A 223 -22.03 15.26 27.68
N LYS A 224 -21.80 16.53 27.32
CA LYS A 224 -22.47 17.65 27.96
C LYS A 224 -23.08 18.50 26.86
N ARG A 225 -24.41 18.61 26.84
CA ARG A 225 -25.10 19.45 25.87
C ARG A 225 -26.21 20.23 26.56
N GLY A 226 -26.06 21.55 26.62
CA GLY A 226 -27.07 22.36 27.27
C GLY A 226 -27.18 22.07 28.75
N GLY A 227 -26.05 21.77 29.40
CA GLY A 227 -26.05 21.46 30.81
C GLY A 227 -26.42 20.04 31.17
N LYS A 228 -26.67 19.18 30.17
CA LYS A 228 -27.22 17.86 30.39
C LYS A 228 -26.19 16.78 30.08
N VAL A 229 -26.15 15.75 30.91
CA VAL A 229 -25.22 14.64 30.73
C VAL A 229 -25.83 13.63 29.77
N ILE A 230 -25.04 13.20 28.79
CA ILE A 230 -25.42 12.18 27.83
C ILE A 230 -24.53 10.98 28.09
N GLY A 231 -25.12 9.87 28.53
CA GLY A 231 -24.36 8.71 28.95
C GLY A 231 -23.79 7.93 27.78
N THR A 232 -22.88 8.57 27.02
CA THR A 232 -22.45 8.00 25.75
C THR A 232 -21.77 6.65 25.94
N LYS A 233 -20.90 6.53 26.95
CA LYS A 233 -20.22 5.26 27.16
C LYS A 233 -21.21 4.14 27.46
N LYS A 234 -22.26 4.43 28.23
CA LYS A 234 -23.26 3.40 28.52
C LYS A 234 -24.02 3.00 27.26
N ILE A 235 -24.28 3.96 26.36
CA ILE A 235 -24.94 3.61 25.11
C ILE A 235 -24.04 2.69 24.28
N VAL A 236 -22.76 3.05 24.17
CA VAL A 236 -21.83 2.26 23.37
C VAL A 236 -21.76 0.82 23.89
N ASP A 237 -21.61 0.66 25.22
CA ASP A 237 -21.53 -0.68 25.78
C ASP A 237 -22.74 -1.51 25.36
N GLU A 238 -23.95 -0.91 25.38
CA GLU A 238 -25.13 -1.66 24.99
C GLU A 238 -25.08 -2.07 23.52
N ALA A 239 -24.75 -1.12 22.62
CA ALA A 239 -24.64 -1.46 21.20
C ALA A 239 -23.58 -2.51 20.98
N LEU A 240 -22.43 -2.37 21.63
CA LEU A 240 -21.31 -3.26 21.39
C LEU A 240 -21.61 -4.70 21.76
N LYS A 241 -22.56 -4.95 22.67
CA LYS A 241 -22.96 -6.32 22.99
C LYS A 241 -23.42 -7.08 21.75
N GLN A 242 -23.85 -6.37 20.71
CA GLN A 242 -24.36 -6.97 19.49
C GLN A 242 -23.47 -6.63 18.31
N CYS A 243 -22.25 -6.19 18.58
CA CYS A 243 -21.24 -5.91 17.56
C CYS A 243 -19.99 -6.69 17.93
N PRO A 244 -19.99 -8.00 17.72
CA PRO A 244 -18.84 -8.81 18.19
C PRO A 244 -17.58 -8.62 17.36
N ASP A 245 -17.60 -7.84 16.27
CA ASP A 245 -16.38 -7.58 15.50
C ASP A 245 -15.62 -6.33 15.99
N VAL A 246 -16.20 -5.54 16.88
CA VAL A 246 -15.50 -4.39 17.46
C VAL A 246 -14.54 -4.89 18.54
N THR A 247 -13.23 -4.73 18.30
CA THR A 247 -12.23 -5.24 19.25
C THR A 247 -11.51 -4.15 20.02
N ASN A 248 -11.76 -2.88 19.73
CA ASN A 248 -11.19 -1.81 20.52
C ASN A 248 -12.20 -0.68 20.52
N CYS A 249 -12.28 0.02 21.64
CA CYS A 249 -13.18 1.15 21.80
C CYS A 249 -12.41 2.25 22.51
N LEU A 250 -12.09 3.32 21.78
CA LEU A 250 -11.24 4.39 22.30
C LEU A 250 -12.12 5.46 22.93
N VAL A 251 -11.85 5.78 24.18
CA VAL A 251 -12.75 6.61 24.98
C VAL A 251 -12.03 7.90 25.34
N PHE A 252 -12.64 9.03 25.01
CA PHE A 252 -12.10 10.34 25.36
C PHE A 252 -12.72 10.78 26.68
N LYS A 253 -11.88 11.18 27.63
CA LYS A 253 -12.35 11.59 28.96
C LYS A 253 -12.90 13.01 28.88
N ARG A 254 -14.20 13.12 28.60
CA ARG A 254 -14.82 14.44 28.48
C ARG A 254 -15.23 14.99 29.84
N THR A 255 -15.86 14.18 30.69
CA THR A 255 -16.28 14.64 32.01
C THR A 255 -15.50 14.00 33.15
N GLY A 256 -14.84 12.87 32.92
CA GLY A 256 -14.16 12.17 34.00
C GLY A 256 -15.04 11.43 34.99
N ALA A 257 -16.33 11.32 34.72
CA ALA A 257 -17.20 10.52 35.58
C ALA A 257 -16.87 9.05 35.45
N ASP A 258 -17.05 8.33 36.56
CA ASP A 258 -16.94 6.87 36.54
C ASP A 258 -17.91 6.28 35.52
N VAL A 259 -17.37 5.53 34.57
CA VAL A 259 -18.14 4.84 33.54
C VAL A 259 -17.74 3.37 33.58
N PRO A 260 -18.61 2.48 33.08
CA PRO A 260 -18.20 1.07 32.98
C PRO A 260 -17.00 0.90 32.06
N TRP A 261 -16.12 -0.03 32.42
CA TRP A 261 -14.89 -0.25 31.69
C TRP A 261 -14.74 -1.74 31.38
N THR A 262 -14.50 -2.05 30.12
CA THR A 262 -14.35 -3.41 29.62
C THR A 262 -12.88 -3.58 29.25
N LYS A 263 -12.14 -4.22 30.16
CA LYS A 263 -10.70 -4.38 29.99
C LYS A 263 -10.40 -5.28 28.80
N GLY A 264 -9.27 -5.03 28.15
CA GLY A 264 -8.94 -5.68 26.90
C GLY A 264 -9.68 -5.15 25.69
N ARG A 265 -10.69 -4.29 25.88
CA ARG A 265 -11.36 -3.64 24.75
C ARG A 265 -11.32 -2.12 24.83
N ASP A 266 -11.57 -1.54 25.99
CA ASP A 266 -11.64 -0.10 26.13
C ASP A 266 -10.25 0.48 26.38
N LEU A 267 -10.00 1.65 25.80
CA LEU A 267 -8.72 2.34 25.89
C LEU A 267 -8.99 3.81 26.14
N TRP A 268 -8.17 4.44 26.97
CA TRP A 268 -8.30 5.87 27.19
C TRP A 268 -7.55 6.62 26.10
N TRP A 269 -8.26 7.51 25.42
CA TRP A 269 -7.65 8.40 24.44
C TRP A 269 -6.31 8.96 24.92
N HIS A 270 -6.34 9.64 26.09
CA HIS A 270 -5.19 10.40 26.55
C HIS A 270 -4.02 9.48 26.92
N GLU A 271 -4.32 8.29 27.49
CA GLU A 271 -3.26 7.31 27.76
C GLU A 271 -2.62 6.81 26.48
N GLU A 272 -3.42 6.54 25.46
CA GLU A 272 -2.81 5.94 24.27
C GLU A 272 -2.02 6.97 23.44
N VAL A 273 -2.60 8.16 23.15
CA VAL A 273 -1.88 9.11 22.30
C VAL A 273 -0.53 9.51 22.89
N ASP A 274 -0.42 9.53 24.22
CA ASP A 274 0.83 9.89 24.85
C ASP A 274 1.95 8.91 24.52
N LYS A 275 1.59 7.72 24.03
CA LYS A 275 2.60 6.73 23.66
C LYS A 275 3.28 7.01 22.32
N TYR A 276 2.67 7.81 21.45
CA TYR A 276 2.99 7.80 20.02
C TYR A 276 3.50 9.13 19.52
N PRO A 277 4.29 9.14 18.42
CA PRO A 277 4.90 10.38 17.94
C PRO A 277 3.84 11.39 17.55
N ASN A 278 4.28 12.65 17.50
CA ASN A 278 3.42 13.78 17.15
C ASN A 278 3.33 14.01 15.65
N TYR A 279 3.90 13.10 14.84
CA TYR A 279 3.77 13.19 13.39
C TYR A 279 3.60 11.79 12.85
N LEU A 280 2.78 11.65 11.81
CA LEU A 280 2.62 10.39 11.09
C LEU A 280 2.48 10.74 9.60
N PRO A 281 3.12 9.97 8.72
CA PRO A 281 2.87 10.15 7.28
C PRO A 281 1.39 10.02 6.94
N ALA A 282 0.97 10.74 5.92
CA ALA A 282 -0.37 10.62 5.38
C ALA A 282 -0.40 9.51 4.34
N GLU A 283 -1.41 8.63 4.40
CA GLU A 283 -1.53 7.57 3.43
C GLU A 283 -1.99 8.11 2.07
N SER A 284 -1.39 7.61 1.00
CA SER A 284 -1.67 8.07 -0.36
C SER A 284 -2.95 7.41 -0.90
N MET A 285 -4.02 8.20 -1.06
CA MET A 285 -5.33 7.69 -1.46
C MET A 285 -5.62 7.98 -2.94
N ASP A 286 -6.39 7.09 -3.57
CA ASP A 286 -6.91 7.37 -4.89
C ASP A 286 -7.99 8.44 -4.83
N SER A 287 -8.16 9.18 -5.93
CA SER A 287 -9.26 10.15 -6.01
C SER A 287 -10.58 9.50 -5.63
N GLU A 288 -10.79 8.25 -6.03
CA GLU A 288 -12.06 7.57 -5.86
C GLU A 288 -12.07 6.55 -4.71
N ASP A 289 -11.01 6.50 -3.90
CA ASP A 289 -11.10 5.70 -2.66
C ASP A 289 -12.18 6.28 -1.74
N PRO A 290 -12.87 5.45 -0.97
CA PRO A 290 -13.92 5.98 -0.09
C PRO A 290 -13.32 6.89 0.97
N LEU A 291 -14.00 8.00 1.23
CA LEU A 291 -13.65 8.90 2.31
C LEU A 291 -14.49 8.66 3.55
N PHE A 292 -15.81 8.61 3.40
CA PHE A 292 -16.69 8.30 4.53
C PHE A 292 -17.99 7.70 4.04
N LEU A 293 -18.69 7.11 5.02
CA LEU A 293 -20.07 6.65 4.97
C LEU A 293 -20.88 7.50 5.95
N LEU A 294 -22.10 7.87 5.54
CA LEU A 294 -22.97 8.62 6.43
C LEU A 294 -24.38 8.04 6.31
N TYR A 295 -24.82 7.29 7.32
CA TYR A 295 -26.12 6.64 7.25
C TYR A 295 -27.22 7.68 7.26
N THR A 296 -28.17 7.50 6.37
CA THR A 296 -29.13 8.51 5.95
C THR A 296 -30.48 7.83 5.78
N SER A 297 -31.51 8.42 6.36
CA SER A 297 -32.86 7.89 6.22
C SER A 297 -33.45 8.23 4.86
N GLY A 298 -34.16 7.27 4.28
CA GLY A 298 -34.86 7.44 3.03
C GLY A 298 -36.29 6.95 3.07
N SER A 299 -36.93 6.90 1.90
CA SER A 299 -38.36 6.64 1.82
C SER A 299 -38.71 5.22 2.25
N THR A 300 -37.88 4.23 1.91
CA THR A 300 -38.12 2.85 2.31
C THR A 300 -36.85 2.27 2.93
N GLY A 301 -37.02 1.27 3.80
CA GLY A 301 -35.92 0.49 4.32
C GLY A 301 -35.19 1.13 5.49
N LYS A 302 -34.21 0.39 6.01
CA LYS A 302 -33.31 0.91 7.02
C LYS A 302 -32.46 2.05 6.43
N PRO A 303 -31.81 2.85 7.27
CA PRO A 303 -30.94 3.92 6.75
C PRO A 303 -29.84 3.39 5.83
N LYS A 304 -29.60 4.13 4.75
CA LYS A 304 -28.59 3.81 3.75
C LYS A 304 -27.23 4.40 4.13
N GLY A 305 -26.16 3.61 3.96
CA GLY A 305 -24.83 4.14 4.14
C GLY A 305 -24.33 4.94 2.94
N VAL A 306 -24.64 6.22 2.88
CA VAL A 306 -24.29 7.04 1.71
C VAL A 306 -22.78 7.18 1.67
N MET A 307 -22.16 6.80 0.56
CA MET A 307 -20.70 6.82 0.46
CA MET A 307 -20.70 6.81 0.45
C MET A 307 -20.23 7.99 -0.39
N HIS A 308 -19.32 8.80 0.16
CA HIS A 308 -18.60 9.80 -0.61
C HIS A 308 -17.15 9.36 -0.75
N THR A 309 -16.60 9.52 -1.96
CA THR A 309 -15.18 9.25 -2.16
C THR A 309 -14.39 10.55 -1.90
N THR A 310 -13.14 10.64 -2.39
CA THR A 310 -12.18 11.59 -1.83
C THR A 310 -12.01 12.88 -2.65
N ALA A 311 -11.50 12.83 -3.90
CA ALA A 311 -11.18 14.09 -4.59
C ALA A 311 -12.42 14.90 -4.92
N GLY A 312 -13.43 14.29 -5.56
CA GLY A 312 -14.61 15.05 -5.96
C GLY A 312 -15.33 15.68 -4.77
N TYR A 313 -15.50 14.92 -3.68
CA TYR A 313 -16.15 15.47 -2.50
C TYR A 313 -15.41 16.70 -1.99
N LEU A 314 -14.09 16.60 -1.88
CA LEU A 314 -13.29 17.69 -1.35
C LEU A 314 -13.29 18.88 -2.30
N VAL A 315 -13.27 18.64 -3.61
CA VAL A 315 -13.38 19.73 -4.59
C VAL A 315 -14.70 20.47 -4.41
N GLY A 316 -15.81 19.73 -4.29
CA GLY A 316 -17.10 20.37 -4.06
C GLY A 316 -17.18 21.10 -2.72
N ALA A 317 -16.58 20.52 -1.68
CA ALA A 317 -16.56 21.16 -0.37
C ALA A 317 -15.80 22.49 -0.43
N ALA A 318 -14.61 22.46 -1.02
CA ALA A 318 -13.80 23.66 -1.08
C ALA A 318 -14.44 24.70 -2.01
N ALA A 319 -15.05 24.26 -3.12
CA ALA A 319 -15.56 25.21 -4.11
C ALA A 319 -16.82 25.92 -3.60
N THR A 320 -17.65 25.21 -2.84
CA THR A 320 -18.80 25.87 -2.23
C THR A 320 -18.37 26.72 -1.03
N GLY A 321 -17.45 26.22 -0.21
CA GLY A 321 -16.94 27.04 0.88
C GLY A 321 -16.35 28.34 0.37
N LYS A 322 -15.71 28.29 -0.80
CA LYS A 322 -15.09 29.48 -1.37
C LYS A 322 -16.14 30.37 -2.03
N TYR A 323 -16.90 29.83 -2.99
CA TYR A 323 -17.79 30.67 -3.79
C TYR A 323 -19.15 30.92 -3.15
N VAL A 324 -19.69 29.95 -2.40
CA VAL A 324 -21.00 30.16 -1.77
C VAL A 324 -20.86 31.01 -0.53
N PHE A 325 -19.86 30.71 0.30
CA PHE A 325 -19.74 31.30 1.63
C PHE A 325 -18.67 32.38 1.72
N ASP A 326 -18.02 32.70 0.59
CA ASP A 326 -17.01 33.75 0.50
C ASP A 326 -15.89 33.54 1.53
N ILE A 327 -15.38 32.33 1.60
CA ILE A 327 -14.39 32.03 2.65
C ILE A 327 -13.02 32.47 2.17
N HIS A 328 -12.35 33.25 3.01
CA HIS A 328 -10.96 33.64 2.85
C HIS A 328 -10.16 33.10 4.02
N PRO A 329 -8.83 32.92 3.87
CA PRO A 329 -8.05 32.28 4.94
C PRO A 329 -8.20 32.92 6.31
N ALA A 330 -8.31 34.26 6.40
CA ALA A 330 -8.39 34.90 7.71
C ALA A 330 -9.76 34.73 8.38
N ASP A 331 -10.74 34.16 7.69
CA ASP A 331 -12.10 34.14 8.22
C ASP A 331 -12.22 33.20 9.42
N ARG A 332 -13.29 33.40 10.18
CA ARG A 332 -13.67 32.55 11.31
C ARG A 332 -15.06 32.04 10.98
N PHE A 333 -15.15 30.79 10.52
CA PHE A 333 -16.39 30.21 10.01
C PHE A 333 -17.09 29.39 11.08
N PHE A 334 -18.39 29.61 11.23
CA PHE A 334 -19.19 29.00 12.30
C PHE A 334 -20.40 28.33 11.66
N CYS A 335 -20.31 27.03 11.46
CA CYS A 335 -21.49 26.23 11.15
C CYS A 335 -22.08 25.66 12.44
N GLY A 336 -23.40 25.77 12.58
CA GLY A 336 -24.06 25.31 13.79
C GLY A 336 -24.53 23.88 13.75
N GLY A 337 -24.32 23.16 12.65
CA GLY A 337 -24.80 21.80 12.57
C GLY A 337 -23.95 20.84 13.35
N ASP A 338 -24.52 19.67 13.62
CA ASP A 338 -23.80 18.64 14.32
C ASP A 338 -22.95 17.83 13.34
N VAL A 339 -21.78 17.39 13.81
CA VAL A 339 -20.91 16.54 12.99
C VAL A 339 -21.61 15.24 12.65
N GLY A 340 -22.66 14.89 13.40
CA GLY A 340 -23.44 13.69 13.07
C GLY A 340 -24.13 13.74 11.72
N TRP A 341 -24.26 14.92 11.10
CA TRP A 341 -24.97 15.07 9.84
C TRP A 341 -24.07 15.72 8.78
N ILE A 342 -24.59 15.72 7.54
CA ILE A 342 -23.77 16.09 6.38
C ILE A 342 -23.38 17.56 6.43
N THR A 343 -24.22 18.44 6.98
CA THR A 343 -23.79 19.82 7.12
C THR A 343 -22.56 19.93 8.03
N GLY A 344 -22.54 19.17 9.12
CA GLY A 344 -21.36 19.16 9.96
C GLY A 344 -20.15 18.58 9.24
N HIS A 345 -20.35 17.46 8.53
CA HIS A 345 -19.26 16.91 7.73
C HIS A 345 -18.69 17.97 6.79
N THR A 346 -19.55 18.59 5.97
CA THR A 346 -18.98 19.38 4.88
C THR A 346 -18.54 20.76 5.35
N TYR A 347 -19.31 21.41 6.25
CA TYR A 347 -19.07 22.82 6.57
C TYR A 347 -18.60 23.12 7.98
N VAL A 348 -18.74 22.20 8.93
CA VAL A 348 -17.93 22.35 10.13
C VAL A 348 -16.51 21.88 9.85
N VAL A 349 -16.36 20.78 9.09
CA VAL A 349 -15.03 20.16 9.02
C VAL A 349 -14.32 20.43 7.71
N TYR A 350 -14.79 19.80 6.61
CA TYR A 350 -13.96 19.69 5.42
C TYR A 350 -13.78 21.03 4.69
N ALA A 351 -14.87 21.73 4.37
CA ALA A 351 -14.74 22.97 3.59
C ALA A 351 -13.85 23.99 4.28
N PRO A 352 -14.08 24.40 5.54
CA PRO A 352 -13.25 25.48 6.10
C PRO A 352 -11.80 25.07 6.27
N LEU A 353 -11.55 23.83 6.69
CA LEU A 353 -10.18 23.38 6.87
C LEU A 353 -9.45 23.23 5.53
N LEU A 354 -10.13 22.74 4.49
CA LEU A 354 -9.49 22.70 3.17
C LEU A 354 -9.01 24.09 2.75
N LEU A 355 -9.86 25.10 2.93
CA LEU A 355 -9.57 26.48 2.55
C LEU A 355 -8.59 27.17 3.49
N GLY A 356 -8.27 26.55 4.62
CA GLY A 356 -7.28 27.06 5.55
C GLY A 356 -7.75 28.16 6.47
N CYS A 357 -9.04 28.35 6.65
CA CYS A 357 -9.49 29.36 7.61
C CYS A 357 -9.66 28.70 8.98
N THR A 358 -10.33 29.41 9.89
CA THR A 358 -10.66 28.91 11.23
C THR A 358 -12.10 28.38 11.24
N THR A 359 -12.33 27.25 11.95
CA THR A 359 -13.68 26.70 12.10
C THR A 359 -14.06 26.61 13.58
N VAL A 360 -15.32 26.92 13.89
CA VAL A 360 -15.81 26.94 15.27
C VAL A 360 -16.53 25.62 15.55
N VAL A 361 -16.12 24.95 16.62
CA VAL A 361 -16.77 23.72 17.06
C VAL A 361 -17.57 24.09 18.29
N PHE A 362 -18.87 24.17 18.10
CA PHE A 362 -19.82 24.58 19.11
C PHE A 362 -20.39 23.31 19.76
N GLU A 363 -20.17 23.17 21.08
CA GLU A 363 -20.67 22.00 21.81
C GLU A 363 -22.07 22.19 22.40
N SER A 364 -22.56 23.41 22.52
CA SER A 364 -23.77 23.62 23.29
C SER A 364 -24.99 23.71 22.37
N THR A 365 -26.04 24.37 22.85
CA THR A 365 -27.28 24.63 22.13
C THR A 365 -27.51 26.14 22.12
N PRO A 366 -28.36 26.64 21.21
CA PRO A 366 -28.62 28.09 21.20
C PRO A 366 -29.38 28.59 22.41
N ALA A 367 -29.86 27.71 23.31
CA ALA A 367 -30.59 28.14 24.49
C ALA A 367 -29.83 27.96 25.79
N TYR A 368 -28.57 27.53 25.75
CA TYR A 368 -27.81 27.35 26.98
C TYR A 368 -26.53 28.16 26.96
N PRO A 369 -26.25 28.94 28.01
CA PRO A 369 -27.09 29.12 29.20
C PRO A 369 -28.32 29.98 28.95
N ASN A 370 -28.43 30.60 27.78
CA ASN A 370 -29.61 31.40 27.47
C ASN A 370 -29.73 31.51 25.95
N PHE A 371 -30.72 32.29 25.52
CA PHE A 371 -31.05 32.42 24.10
C PHE A 371 -30.17 33.43 23.38
N SER A 372 -29.22 34.07 24.07
CA SER A 372 -28.23 34.93 23.43
C SER A 372 -27.00 34.15 23.00
N ARG A 373 -27.02 32.83 23.15
CA ARG A 373 -25.77 32.06 23.10
C ARG A 373 -25.10 32.20 21.73
N TYR A 374 -25.85 32.00 20.65
CA TYR A 374 -25.25 32.06 19.31
C TYR A 374 -24.48 33.36 19.11
N TRP A 375 -24.97 34.46 19.67
CA TRP A 375 -24.38 35.78 19.50
C TRP A 375 -23.28 36.08 20.53
N ASP A 376 -23.38 35.52 21.75
CA ASP A 376 -22.22 35.47 22.63
C ASP A 376 -21.02 34.91 21.90
N VAL A 377 -21.21 33.77 21.23
CA VAL A 377 -20.11 33.07 20.58
C VAL A 377 -19.60 33.85 19.38
N ILE A 378 -20.52 34.46 18.62
CA ILE A 378 -20.14 35.18 17.41
C ILE A 378 -19.40 36.48 17.77
N GLU A 379 -19.75 37.11 18.88
CA GLU A 379 -19.04 38.33 19.24
C GLU A 379 -17.67 38.02 19.83
N LYS A 380 -17.59 37.02 20.70
CA LYS A 380 -16.31 36.70 21.34
C LYS A 380 -15.24 36.34 20.30
N HIS A 381 -15.58 35.49 19.34
CA HIS A 381 -14.62 34.93 18.38
C HIS A 381 -14.62 35.65 17.04
N LYS A 382 -15.40 36.72 16.89
CA LYS A 382 -15.39 37.58 15.70
C LYS A 382 -15.77 36.79 14.45
N VAL A 383 -16.85 36.01 14.55
CA VAL A 383 -17.23 35.13 13.45
C VAL A 383 -17.62 35.95 12.23
N THR A 384 -17.15 35.51 11.07
CA THR A 384 -17.42 36.15 9.78
C THR A 384 -18.59 35.55 9.02
N GLN A 385 -18.79 34.23 9.13
CA GLN A 385 -19.88 33.52 8.49
C GLN A 385 -20.52 32.58 9.50
N PHE A 386 -21.85 32.65 9.62
CA PHE A 386 -22.63 31.77 10.50
C PHE A 386 -23.66 30.99 9.67
N TYR A 387 -23.85 29.71 10.00
CA TYR A 387 -24.58 28.75 9.16
C TYR A 387 -25.49 27.90 10.02
N VAL A 388 -26.80 28.09 9.88
CA VAL A 388 -27.77 27.51 10.81
C VAL A 388 -29.02 27.09 10.04
N ALA A 389 -29.94 26.41 10.75
CA ALA A 389 -31.17 25.91 10.19
C ALA A 389 -32.34 26.78 10.61
N PRO A 390 -33.38 26.89 9.77
CA PRO A 390 -34.53 27.71 10.15
C PRO A 390 -35.21 27.27 11.44
N THR A 391 -35.12 25.98 11.81
CA THR A 391 -35.70 25.57 13.08
C THR A 391 -35.08 26.35 14.22
N ALA A 392 -33.76 26.50 14.22
CA ALA A 392 -33.08 27.25 15.27
C ALA A 392 -33.52 28.70 15.28
N LEU A 393 -33.73 29.29 14.09
CA LEU A 393 -34.17 30.67 14.03
C LEU A 393 -35.56 30.83 14.62
N ARG A 394 -36.51 29.99 14.20
CA ARG A 394 -37.87 30.10 14.75
C ARG A 394 -37.87 29.93 16.26
N LEU A 395 -37.07 28.99 16.77
CA LEU A 395 -36.94 28.84 18.23
C LEU A 395 -36.42 30.10 18.87
N LEU A 396 -35.53 30.81 18.17
CA LEU A 396 -34.96 32.04 18.69
C LEU A 396 -35.89 33.22 18.47
N LYS A 397 -36.54 33.30 17.30
CA LYS A 397 -37.41 34.44 17.03
C LYS A 397 -38.57 34.50 18.01
N ARG A 398 -39.08 33.34 18.45
CA ARG A 398 -40.14 33.31 19.46
C ARG A 398 -39.61 33.71 20.84
N ALA A 399 -38.30 33.54 21.07
CA ALA A 399 -37.73 33.90 22.36
C ALA A 399 -37.66 35.41 22.54
N GLY A 400 -37.62 36.15 21.44
CA GLY A 400 -37.69 37.60 21.53
C GLY A 400 -36.44 38.29 21.04
N ASP A 401 -36.59 39.49 20.50
CA ASP A 401 -35.46 40.23 19.94
C ASP A 401 -34.51 40.78 20.99
N HIS A 402 -34.86 40.65 22.28
CA HIS A 402 -34.07 41.25 23.35
C HIS A 402 -32.89 40.38 23.76
N HIS A 403 -32.86 39.13 23.34
CA HIS A 403 -31.68 38.28 23.53
C HIS A 403 -30.56 38.63 22.57
N ILE A 404 -30.77 39.65 21.72
CA ILE A 404 -29.83 39.99 20.64
C ILE A 404 -29.45 41.45 20.85
N ASN A 405 -28.35 41.69 21.57
CA ASN A 405 -27.72 43.00 21.66
C ASN A 405 -26.21 42.73 21.59
N HIS A 406 -25.74 42.44 20.38
CA HIS A 406 -24.35 42.17 20.10
C HIS A 406 -23.96 42.95 18.86
N GLU A 407 -22.73 43.46 18.85
CA GLU A 407 -22.25 44.15 17.66
C GLU A 407 -22.07 43.17 16.51
N MET A 408 -21.19 42.18 16.69
CA MET A 408 -20.86 41.21 15.66
C MET A 408 -20.48 41.91 14.36
N LYS A 409 -19.43 42.74 14.44
CA LYS A 409 -19.11 43.62 13.33
C LYS A 409 -18.60 42.84 12.12
N ASP A 410 -17.93 41.72 12.33
CA ASP A 410 -17.31 40.99 11.23
C ASP A 410 -18.26 40.04 10.53
N LEU A 411 -19.53 39.99 10.94
CA LEU A 411 -20.47 38.99 10.43
C LEU A 411 -21.07 39.50 9.12
N ARG A 412 -20.66 38.88 8.01
CA ARG A 412 -21.09 39.31 6.68
C ARG A 412 -21.86 38.25 5.88
N ILE A 413 -21.83 36.98 6.28
CA ILE A 413 -22.62 35.95 5.59
C ILE A 413 -23.51 35.23 6.60
N LEU A 414 -24.78 35.02 6.21
CA LEU A 414 -25.75 34.31 7.04
C LEU A 414 -26.34 33.16 6.24
N GLY A 415 -25.88 31.94 6.49
CA GLY A 415 -26.35 30.77 5.76
C GLY A 415 -27.56 30.09 6.41
N SER A 416 -28.37 29.45 5.57
CA SER A 416 -29.53 28.69 6.02
C SER A 416 -29.62 27.39 5.22
N VAL A 417 -29.96 26.29 5.92
CA VAL A 417 -30.03 24.97 5.28
C VAL A 417 -31.21 24.18 5.84
N GLY A 418 -31.80 23.33 4.99
CA GLY A 418 -32.62 22.21 5.41
C GLY A 418 -34.07 22.35 5.02
N GLU A 419 -34.54 23.57 4.88
CA GLU A 419 -35.92 23.89 4.52
C GLU A 419 -35.94 25.36 4.09
N PRO A 420 -36.98 25.80 3.38
CA PRO A 420 -36.98 27.19 2.93
C PRO A 420 -37.10 28.13 4.12
N ILE A 421 -36.14 29.05 4.25
CA ILE A 421 -36.35 30.15 5.16
C ILE A 421 -37.44 31.05 4.55
N ALA A 422 -38.65 30.99 5.12
CA ALA A 422 -39.80 31.72 4.62
C ALA A 422 -39.64 33.22 4.90
N ALA A 423 -40.65 34.00 4.50
CA ALA A 423 -40.50 35.46 4.43
C ALA A 423 -40.34 36.07 5.82
N GLU A 424 -41.23 35.70 6.75
CA GLU A 424 -41.20 36.27 8.10
C GLU A 424 -39.87 35.96 8.79
N VAL A 425 -39.37 34.73 8.64
CA VAL A 425 -38.10 34.36 9.24
C VAL A 425 -36.93 35.03 8.51
N TRP A 426 -37.04 35.14 7.18
CA TRP A 426 -35.97 35.75 6.39
C TRP A 426 -35.82 37.23 6.71
N LYS A 427 -36.93 37.92 6.95
CA LYS A 427 -36.87 39.32 7.38
C LYS A 427 -36.20 39.46 8.75
N TRP A 428 -36.66 38.66 9.72
CA TRP A 428 -36.10 38.71 11.07
C TRP A 428 -34.62 38.34 11.08
N TYR A 429 -34.21 37.45 10.17
CA TYR A 429 -32.81 37.08 10.04
C TYR A 429 -32.00 38.23 9.44
N HIS A 430 -32.57 38.94 8.47
CA HIS A 430 -31.83 39.96 7.74
C HIS A 430 -31.65 41.23 8.56
N GLU A 431 -32.70 41.66 9.27
CA GLU A 431 -32.69 42.93 9.98
C GLU A 431 -32.20 42.80 11.42
N VAL A 432 -32.81 41.92 12.20
CA VAL A 432 -32.48 41.86 13.62
C VAL A 432 -31.13 41.19 13.82
N VAL A 433 -30.87 40.11 13.09
CA VAL A 433 -29.61 39.40 13.24
C VAL A 433 -28.49 40.10 12.48
N GLY A 434 -28.68 40.28 11.16
CA GLY A 434 -27.64 40.82 10.30
C GLY A 434 -27.57 42.33 10.19
N LYS A 435 -28.54 43.06 10.75
CA LYS A 435 -28.55 44.53 10.71
C LYS A 435 -28.52 45.04 9.27
N ARG A 436 -29.10 44.26 8.34
CA ARG A 436 -29.07 44.54 6.90
C ARG A 436 -27.66 44.68 6.37
N GLN A 437 -26.67 44.21 7.12
CA GLN A 437 -25.27 44.26 6.68
C GLN A 437 -24.76 42.93 6.12
N ALA A 438 -25.50 41.84 6.28
CA ALA A 438 -25.07 40.50 5.88
C ALA A 438 -25.91 39.98 4.73
N HIS A 439 -25.33 39.06 3.96
CA HIS A 439 -26.02 38.41 2.85
C HIS A 439 -26.56 37.06 3.33
N ILE A 440 -27.86 36.85 3.17
CA ILE A 440 -28.48 35.58 3.57
C ILE A 440 -28.48 34.64 2.39
N VAL A 441 -27.94 33.44 2.62
CA VAL A 441 -27.70 32.47 1.57
C VAL A 441 -28.46 31.21 1.96
N ASP A 442 -29.63 31.04 1.35
CA ASP A 442 -30.43 29.83 1.51
C ASP A 442 -29.82 28.74 0.62
N THR A 443 -28.99 27.89 1.20
CA THR A 443 -28.34 26.81 0.46
C THR A 443 -29.26 25.59 0.40
N TYR A 444 -29.60 25.16 -0.81
CA TYR A 444 -30.29 23.88 -0.99
C TYR A 444 -29.29 22.80 -1.41
N TRP A 445 -29.29 21.69 -0.67
CA TRP A 445 -28.52 20.50 -1.00
C TRP A 445 -29.06 19.33 -0.18
N GLN A 446 -28.36 18.20 -0.23
CA GLN A 446 -28.74 17.02 0.56
C GLN A 446 -27.50 16.15 0.74
N THR A 447 -27.59 15.19 1.68
CA THR A 447 -26.45 14.34 1.97
C THR A 447 -25.85 13.75 0.70
N GLU A 448 -26.71 13.40 -0.25
CA GLU A 448 -26.26 12.72 -1.46
C GLU A 448 -25.49 13.64 -2.42
N THR A 449 -25.67 14.96 -2.32
CA THR A 449 -25.02 15.87 -3.26
C THR A 449 -23.66 16.33 -2.76
N GLY A 450 -23.35 16.05 -1.49
CA GLY A 450 -22.04 16.30 -0.93
C GLY A 450 -21.86 17.73 -0.47
N SER A 451 -22.36 18.68 -1.26
CA SER A 451 -22.22 20.11 -0.96
C SER A 451 -23.34 20.87 -1.68
N HIS A 452 -23.34 22.20 -1.55
CA HIS A 452 -24.44 23.00 -2.08
C HIS A 452 -24.65 22.75 -3.57
N VAL A 453 -25.92 22.66 -4.00
CA VAL A 453 -26.17 22.50 -5.43
C VAL A 453 -27.06 23.60 -5.98
N ILE A 454 -27.90 24.20 -5.14
CA ILE A 454 -28.72 25.33 -5.55
C ILE A 454 -28.66 26.34 -4.40
N THR A 455 -28.06 27.51 -4.67
CA THR A 455 -27.72 28.44 -3.62
C THR A 455 -27.32 29.77 -4.24
N PRO A 456 -27.58 30.89 -3.57
CA PRO A 456 -26.97 32.14 -4.00
C PRO A 456 -25.48 32.07 -3.75
N LEU A 457 -24.73 32.92 -4.42
CA LEU A 457 -23.28 32.99 -4.21
C LEU A 457 -23.01 34.18 -3.32
N GLY A 458 -22.49 33.92 -2.11
CA GLY A 458 -22.33 34.92 -1.07
C GLY A 458 -21.69 36.21 -1.55
N GLY A 459 -22.42 37.31 -1.43
CA GLY A 459 -21.94 38.60 -1.90
C GLY A 459 -22.08 38.83 -3.38
N ILE A 460 -22.72 37.93 -4.11
CA ILE A 460 -22.82 38.04 -5.57
C ILE A 460 -24.28 37.97 -6.02
N THR A 461 -24.97 36.91 -5.63
CA THR A 461 -26.26 36.60 -6.25
C THR A 461 -27.37 37.41 -5.58
N PRO A 462 -28.18 38.15 -6.36
CA PRO A 462 -29.40 38.74 -5.79
C PRO A 462 -30.38 37.64 -5.38
N THR A 463 -31.03 37.82 -4.24
CA THR A 463 -31.79 36.76 -3.60
C THR A 463 -33.29 37.06 -3.63
N LYS A 464 -34.10 36.05 -3.25
CA LYS A 464 -35.55 36.20 -3.02
C LYS A 464 -35.90 35.43 -1.74
N PRO A 465 -36.61 36.04 -0.80
CA PRO A 465 -36.99 35.31 0.42
C PRO A 465 -37.82 34.07 0.13
N GLY A 466 -37.30 32.92 0.56
CA GLY A 466 -37.95 31.64 0.35
C GLY A 466 -37.48 30.88 -0.87
N SER A 467 -36.51 31.42 -1.62
CA SER A 467 -35.98 30.80 -2.84
C SER A 467 -34.53 30.39 -2.64
N ALA A 468 -34.16 29.21 -3.16
CA ALA A 468 -32.77 28.79 -3.20
C ALA A 468 -32.00 29.49 -4.31
N SER A 469 -32.65 30.35 -5.08
N SER A 469 -32.67 30.31 -5.10
CA SER A 469 -32.04 31.13 -6.16
CA SER A 469 -32.08 31.15 -6.15
C SER A 469 -31.57 30.28 -7.32
C SER A 469 -31.56 30.23 -7.25
N LEU A 470 -30.27 30.21 -7.55
CA LEU A 470 -29.72 29.63 -8.77
C LEU A 470 -28.82 28.43 -8.52
N PRO A 471 -28.61 27.57 -9.54
CA PRO A 471 -27.75 26.40 -9.37
C PRO A 471 -26.29 26.78 -9.20
N PHE A 472 -25.59 25.96 -8.41
CA PHE A 472 -24.15 26.11 -8.27
C PHE A 472 -23.47 25.64 -9.57
N PHE A 473 -22.17 25.93 -9.66
CA PHE A 473 -21.35 25.46 -10.78
C PHE A 473 -21.48 23.96 -10.96
N GLY A 474 -21.67 23.53 -12.22
CA GLY A 474 -21.78 22.14 -12.56
C GLY A 474 -23.11 21.48 -12.25
N ILE A 475 -24.07 22.22 -11.73
CA ILE A 475 -25.40 21.71 -11.41
C ILE A 475 -26.34 22.17 -12.52
N ASP A 476 -27.05 21.22 -13.11
CA ASP A 476 -27.91 21.46 -14.27
C ASP A 476 -29.31 21.00 -13.91
N PRO A 477 -30.08 21.81 -13.17
CA PRO A 477 -31.40 21.37 -12.72
C PRO A 477 -32.40 21.36 -13.87
N VAL A 478 -33.30 20.38 -13.84
CA VAL A 478 -34.44 20.32 -14.74
C VAL A 478 -35.68 20.07 -13.89
N ILE A 479 -36.83 20.47 -14.42
CA ILE A 479 -38.12 20.21 -13.80
C ILE A 479 -38.81 19.11 -14.61
N LEU A 480 -39.25 18.06 -13.93
CA LEU A 480 -39.83 16.89 -14.59
C LEU A 480 -41.30 16.73 -14.22
N ASP A 481 -42.11 16.37 -15.20
CA ASP A 481 -43.50 15.99 -14.94
C ASP A 481 -43.52 14.78 -14.01
N PRO A 482 -44.12 14.88 -12.82
CA PRO A 482 -44.08 13.75 -11.87
C PRO A 482 -44.58 12.42 -12.45
N VAL A 483 -45.50 12.45 -13.40
CA VAL A 483 -46.10 11.23 -13.93
C VAL A 483 -45.36 10.73 -15.16
N THR A 484 -45.42 11.47 -16.27
CA THR A 484 -44.78 11.01 -17.49
C THR A 484 -43.27 11.08 -17.44
N GLY A 485 -42.70 11.73 -16.42
CA GLY A 485 -41.26 11.87 -16.31
C GLY A 485 -40.62 12.80 -17.31
N ALA A 486 -41.41 13.51 -18.11
CA ALA A 486 -40.82 14.28 -19.20
C ALA A 486 -40.30 15.62 -18.70
N GLU A 487 -39.36 16.17 -19.46
CA GLU A 487 -38.77 17.46 -19.13
C GLU A 487 -39.76 18.59 -19.42
N ILE A 488 -39.97 19.47 -18.45
CA ILE A 488 -40.84 20.63 -18.63
C ILE A 488 -39.97 21.84 -18.88
N PRO A 489 -39.90 22.36 -20.11
CA PRO A 489 -38.90 23.36 -20.46
C PRO A 489 -39.37 24.79 -20.24
N GLY A 490 -38.40 25.67 -20.02
CA GLY A 490 -38.68 27.09 -19.86
C GLY A 490 -39.04 27.46 -18.44
N ASN A 491 -39.38 28.74 -18.27
CA ASN A 491 -39.64 29.34 -16.97
C ASN A 491 -41.12 29.28 -16.61
N ASP A 492 -41.39 29.44 -15.30
CA ASP A 492 -42.72 29.30 -14.71
C ASP A 492 -43.26 27.88 -14.89
N VAL A 493 -42.48 26.92 -14.38
CA VAL A 493 -42.84 25.50 -14.42
C VAL A 493 -42.72 24.92 -13.01
N GLU A 494 -43.32 23.76 -12.81
CA GLU A 494 -43.32 23.08 -11.51
C GLU A 494 -43.39 21.57 -11.73
N GLY A 495 -42.84 20.83 -10.79
CA GLY A 495 -42.79 19.38 -10.92
C GLY A 495 -41.66 18.82 -10.08
N ILE A 496 -41.17 17.64 -10.51
CA ILE A 496 -40.08 16.97 -9.81
C ILE A 496 -38.76 17.66 -10.14
N LEU A 497 -37.88 17.75 -9.14
CA LEU A 497 -36.56 18.37 -9.29
C LEU A 497 -35.50 17.32 -9.55
N ALA A 498 -34.84 17.40 -10.71
CA ALA A 498 -33.79 16.47 -11.05
C ALA A 498 -32.62 17.23 -11.67
N PHE A 499 -31.45 16.59 -11.66
CA PHE A 499 -30.24 17.14 -12.27
C PHE A 499 -29.90 16.35 -13.53
N ARG A 500 -29.47 17.08 -14.56
CA ARG A 500 -29.27 16.48 -15.87
C ARG A 500 -27.88 15.86 -16.03
N LYS A 501 -26.91 16.25 -15.22
CA LYS A 501 -25.52 15.85 -15.42
C LYS A 501 -24.87 15.54 -14.07
N PRO A 502 -23.81 14.73 -14.08
CA PRO A 502 -23.15 14.39 -12.80
C PRO A 502 -22.31 15.57 -12.32
N TRP A 503 -21.90 15.51 -11.05
CA TRP A 503 -21.12 16.62 -10.49
C TRP A 503 -20.12 16.06 -9.49
N PRO A 504 -19.00 16.76 -9.26
CA PRO A 504 -17.87 16.11 -8.56
C PRO A 504 -18.21 15.53 -7.19
N SER A 505 -19.07 16.17 -6.38
CA SER A 505 -19.30 15.71 -5.02
C SER A 505 -20.55 14.84 -4.85
N MET A 506 -21.15 14.34 -5.93
CA MET A 506 -22.26 13.38 -5.82
C MET A 506 -21.86 12.13 -5.04
N ALA A 507 -22.80 11.59 -4.25
CA ALA A 507 -22.53 10.31 -3.60
C ALA A 507 -22.30 9.24 -4.65
N ARG A 508 -21.37 8.33 -4.38
CA ARG A 508 -20.99 7.33 -5.38
C ARG A 508 -21.68 5.98 -5.17
N THR A 509 -22.18 5.67 -3.98
CA THR A 509 -22.98 4.46 -3.80
C THR A 509 -23.67 4.48 -2.44
N VAL A 510 -24.46 3.44 -2.20
CA VAL A 510 -24.99 3.06 -0.89
C VAL A 510 -24.16 1.87 -0.44
N TRP A 511 -23.50 1.98 0.70
CA TRP A 511 -22.57 0.95 1.18
C TRP A 511 -23.21 -0.42 1.10
N GLY A 512 -22.54 -1.35 0.43
CA GLY A 512 -23.06 -2.70 0.28
C GLY A 512 -24.31 -2.84 -0.57
N ASP A 513 -24.83 -1.77 -1.17
CA ASP A 513 -26.07 -2.01 -1.94
C ASP A 513 -26.16 -1.04 -3.13
N HIS A 514 -25.33 -1.26 -4.14
CA HIS A 514 -25.32 -0.35 -5.28
C HIS A 514 -26.64 -0.39 -6.05
N LYS A 515 -27.30 -1.55 -6.11
CA LYS A 515 -28.59 -1.62 -6.79
C LYS A 515 -29.60 -0.69 -6.14
N ARG A 516 -29.64 -0.66 -4.81
CA ARG A 516 -30.49 0.31 -4.12
C ARG A 516 -30.13 1.73 -4.54
N TYR A 517 -28.83 2.04 -4.57
CA TYR A 517 -28.37 3.33 -5.05
C TYR A 517 -28.94 3.63 -6.44
N MET A 518 -28.78 2.70 -7.39
CA MET A 518 -29.35 2.87 -8.73
C MET A 518 -30.86 3.05 -8.67
N ASP A 519 -31.54 2.15 -7.98
CA ASP A 519 -33.00 2.18 -7.94
C ASP A 519 -33.52 3.47 -7.32
N THR A 520 -32.83 3.98 -6.29
CA THR A 520 -33.34 5.16 -5.59
C THR A 520 -33.08 6.46 -6.36
N TYR A 521 -31.89 6.62 -6.94
CA TYR A 521 -31.46 7.92 -7.44
C TYR A 521 -31.39 8.01 -8.96
N LEU A 522 -31.19 6.88 -9.66
CA LEU A 522 -30.81 6.94 -11.07
C LEU A 522 -31.70 6.15 -12.02
N ASN A 523 -32.47 5.17 -11.54
CA ASN A 523 -33.39 4.40 -12.37
C ASN A 523 -34.82 4.94 -12.35
N VAL A 524 -35.10 5.97 -11.54
CA VAL A 524 -36.46 6.50 -11.49
C VAL A 524 -36.77 7.30 -12.75
N TYR A 525 -35.90 8.23 -13.11
CA TYR A 525 -35.94 8.94 -14.38
C TYR A 525 -34.59 8.73 -15.04
N LYS A 526 -34.52 7.72 -15.90
CA LYS A 526 -33.24 7.32 -16.48
C LYS A 526 -32.65 8.46 -17.32
N GLY A 527 -31.38 8.77 -17.05
CA GLY A 527 -30.72 9.91 -17.61
C GLY A 527 -30.60 11.09 -16.66
N PHE A 528 -31.35 11.07 -15.55
CA PHE A 528 -31.38 12.17 -14.59
C PHE A 528 -31.03 11.67 -13.20
N TYR A 529 -30.67 12.61 -12.33
CA TYR A 529 -30.51 12.33 -10.91
C TYR A 529 -31.77 12.81 -10.20
N PHE A 530 -32.42 11.92 -9.45
CA PHE A 530 -33.72 12.20 -8.81
C PHE A 530 -33.48 12.65 -7.37
N THR A 531 -33.80 13.92 -7.09
CA THR A 531 -33.55 14.53 -5.78
C THR A 531 -34.53 14.09 -4.69
N GLY A 532 -35.67 13.49 -5.07
CA GLY A 532 -36.72 13.27 -4.12
C GLY A 532 -37.53 14.50 -3.76
N ASP A 533 -37.23 15.66 -4.34
CA ASP A 533 -37.89 16.92 -3.99
C ASP A 533 -38.73 17.45 -5.14
N GLY A 534 -39.82 18.10 -4.78
CA GLY A 534 -40.60 18.85 -5.74
C GLY A 534 -40.12 20.30 -5.77
N ALA A 535 -40.18 20.92 -6.95
CA ALA A 535 -39.59 22.23 -7.12
C ALA A 535 -40.32 23.00 -8.20
N GLY A 536 -39.97 24.27 -8.30
CA GLY A 536 -40.51 25.15 -9.34
C GLY A 536 -39.47 26.18 -9.72
N ARG A 537 -39.48 26.56 -10.98
CA ARG A 537 -38.58 27.57 -11.52
C ARG A 537 -39.43 28.75 -11.96
N ASP A 538 -39.21 29.91 -11.33
CA ASP A 538 -40.12 31.04 -11.51
C ASP A 538 -39.84 31.78 -12.82
N HIS A 539 -40.55 32.88 -13.05
CA HIS A 539 -40.42 33.65 -14.29
C HIS A 539 -38.99 34.12 -14.54
N GLU A 540 -38.16 34.21 -13.52
CA GLU A 540 -36.80 34.71 -13.64
C GLU A 540 -35.75 33.60 -13.63
N GLY A 541 -36.16 32.34 -13.52
CA GLY A 541 -35.23 31.23 -13.42
C GLY A 541 -34.82 30.84 -12.01
N TYR A 542 -35.37 31.50 -10.99
CA TYR A 542 -35.06 31.16 -9.60
C TYR A 542 -35.88 29.97 -9.14
N TYR A 543 -35.24 29.09 -8.39
CA TYR A 543 -35.84 27.84 -7.94
C TYR A 543 -36.45 27.99 -6.56
N TRP A 544 -37.58 27.31 -6.35
CA TRP A 544 -38.32 27.28 -5.08
C TRP A 544 -38.58 25.82 -4.72
N ILE A 545 -37.90 25.32 -3.69
CA ILE A 545 -38.02 23.91 -3.29
C ILE A 545 -39.34 23.71 -2.55
N ARG A 546 -40.16 22.79 -3.04
CA ARG A 546 -41.45 22.52 -2.42
C ARG A 546 -41.38 21.44 -1.35
N GLY A 547 -40.30 20.68 -1.29
CA GLY A 547 -40.15 19.65 -0.28
C GLY A 547 -40.28 18.26 -0.87
N ARG A 548 -40.20 17.28 0.03
CA ARG A 548 -40.13 15.88 -0.38
C ARG A 548 -41.45 15.42 -0.99
N VAL A 549 -41.35 14.68 -2.09
CA VAL A 549 -42.49 13.99 -2.69
C VAL A 549 -42.60 12.55 -2.22
N ASP A 550 -41.64 12.09 -1.42
CA ASP A 550 -41.64 10.74 -0.85
C ASP A 550 -41.80 10.84 0.66
N ASP A 551 -41.72 9.69 1.33
CA ASP A 551 -42.08 9.63 2.74
C ASP A 551 -40.92 9.96 3.66
N VAL A 552 -40.11 10.95 3.26
CA VAL A 552 -39.11 11.56 4.12
C VAL A 552 -39.70 12.86 4.66
N VAL A 553 -39.76 12.99 5.98
CA VAL A 553 -40.17 14.22 6.64
C VAL A 553 -38.96 14.83 7.31
N ASN A 554 -38.95 16.16 7.40
CA ASN A 554 -37.86 16.91 8.02
C ASN A 554 -38.37 17.50 9.34
N VAL A 555 -37.90 16.94 10.45
CA VAL A 555 -38.31 17.37 11.79
C VAL A 555 -37.10 18.02 12.45
N SER A 556 -37.21 19.32 12.73
CA SER A 556 -36.16 20.07 13.43
C SER A 556 -34.82 20.01 12.71
N GLY A 557 -34.87 20.00 11.38
CA GLY A 557 -33.65 19.82 10.60
C GLY A 557 -33.08 18.43 10.61
N HIS A 558 -33.73 17.48 11.29
CA HIS A 558 -33.32 16.09 11.28
C HIS A 558 -34.12 15.31 10.24
N ARG A 559 -33.41 14.60 9.38
CA ARG A 559 -34.01 13.90 8.24
C ARG A 559 -34.49 12.53 8.71
N LEU A 560 -35.81 12.31 8.67
CA LEU A 560 -36.41 11.12 9.23
C LEU A 560 -37.28 10.39 8.21
N SER A 561 -37.30 9.07 8.36
CA SER A 561 -38.18 8.21 7.59
C SER A 561 -39.46 7.94 8.38
N THR A 562 -40.62 8.19 7.77
CA THR A 562 -41.85 7.74 8.42
C THR A 562 -41.88 6.23 8.52
N ALA A 563 -41.32 5.53 7.53
CA ALA A 563 -41.24 4.08 7.58
C ALA A 563 -40.45 3.60 8.79
N GLU A 564 -39.34 4.29 9.09
CA GLU A 564 -38.50 3.90 10.23
C GLU A 564 -39.26 3.94 11.53
N ILE A 565 -40.04 4.99 11.75
CA ILE A 565 -40.80 5.13 12.98
C ILE A 565 -41.94 4.11 13.04
N GLU A 566 -42.64 3.91 11.91
CA GLU A 566 -43.63 2.84 11.82
C GLU A 566 -43.03 1.49 12.19
N ALA A 567 -41.80 1.23 11.73
CA ALA A 567 -41.12 0.00 12.12
C ALA A 567 -40.85 -0.04 13.62
N ALA A 568 -40.61 1.12 14.23
CA ALA A 568 -40.31 1.17 15.65
C ALA A 568 -41.58 0.95 16.47
N LEU A 569 -42.69 1.56 16.03
CA LEU A 569 -43.95 1.39 16.75
C LEU A 569 -44.43 -0.06 16.71
N ILE A 570 -44.22 -0.74 15.58
CA ILE A 570 -44.61 -2.14 15.47
C ILE A 570 -43.79 -3.01 16.42
N GLU A 571 -42.59 -2.56 16.80
CA GLU A 571 -41.75 -3.29 17.74
C GLU A 571 -42.38 -3.39 19.13
N HIS A 572 -43.53 -2.75 19.33
CA HIS A 572 -44.26 -2.88 20.59
C HIS A 572 -45.26 -4.02 20.49
N HIS A 573 -45.35 -4.81 21.56
CA HIS A 573 -46.11 -6.06 21.50
C HIS A 573 -47.59 -5.83 21.26
N CYS A 574 -48.11 -4.66 21.64
CA CYS A 574 -49.54 -4.39 21.48
C CYS A 574 -49.90 -3.86 20.09
N VAL A 575 -48.95 -3.27 19.37
CA VAL A 575 -49.25 -2.61 18.10
C VAL A 575 -49.39 -3.66 17.01
N ALA A 576 -50.46 -3.55 16.22
CA ALA A 576 -50.63 -4.39 15.03
C ALA A 576 -50.12 -3.65 13.80
N GLU A 577 -50.87 -2.66 13.33
CA GLU A 577 -50.46 -1.80 12.23
C GLU A 577 -50.13 -0.41 12.75
N ALA A 578 -49.22 0.27 12.07
CA ALA A 578 -48.78 1.60 12.46
C ALA A 578 -48.65 2.48 11.21
N ALA A 579 -48.87 3.78 11.39
CA ALA A 579 -48.77 4.73 10.29
C ALA A 579 -48.31 6.08 10.83
N VAL A 580 -47.26 6.63 10.21
CA VAL A 580 -46.68 7.92 10.58
C VAL A 580 -46.77 8.83 9.37
N VAL A 581 -47.10 10.11 9.61
CA VAL A 581 -47.25 11.11 8.55
C VAL A 581 -46.68 12.44 9.04
N GLY A 582 -46.53 13.37 8.11
CA GLY A 582 -45.94 14.66 8.41
C GLY A 582 -46.84 15.84 8.11
N VAL A 583 -47.20 16.60 9.15
CA VAL A 583 -48.10 17.75 9.04
C VAL A 583 -47.31 19.02 9.35
N PRO A 584 -47.66 20.16 8.74
CA PRO A 584 -46.87 21.39 8.97
C PRO A 584 -46.91 21.85 10.42
N ASP A 585 -45.75 22.32 10.89
CA ASP A 585 -45.54 22.70 12.29
C ASP A 585 -44.98 24.10 12.39
N PRO A 586 -45.48 24.92 13.32
CA PRO A 586 -45.04 26.32 13.39
C PRO A 586 -43.65 26.50 14.00
N LEU A 587 -43.11 25.49 14.69
CA LEU A 587 -41.79 25.56 15.28
C LEU A 587 -40.85 24.50 14.72
N THR A 588 -41.26 23.24 14.72
CA THR A 588 -40.43 22.15 14.16
C THR A 588 -40.45 22.12 12.64
N GLY A 589 -41.20 23.01 11.98
CA GLY A 589 -41.35 23.00 10.55
C GLY A 589 -42.39 21.97 10.11
N GLN A 590 -42.04 20.70 10.27
CA GLN A 590 -42.95 19.59 10.05
C GLN A 590 -42.97 18.74 11.32
N ALA A 591 -44.16 18.31 11.72
CA ALA A 591 -44.33 17.54 12.95
C ALA A 591 -44.78 16.12 12.61
N VAL A 592 -43.99 15.14 13.04
CA VAL A 592 -44.35 13.75 12.82
C VAL A 592 -45.50 13.38 13.75
N HIS A 593 -46.55 12.78 13.19
CA HIS A 593 -47.69 12.31 13.95
C HIS A 593 -47.92 10.85 13.63
N ALA A 594 -48.13 10.04 14.68
CA ALA A 594 -48.25 8.60 14.55
C ALA A 594 -49.66 8.11 14.83
N PHE A 595 -50.05 7.06 14.12
CA PHE A 595 -51.30 6.36 14.35
C PHE A 595 -51.00 4.87 14.47
N VAL A 596 -51.67 4.21 15.41
CA VAL A 596 -51.44 2.79 15.66
C VAL A 596 -52.76 2.13 16.02
N ALA A 597 -52.98 0.93 15.49
CA ALA A 597 -54.12 0.09 15.82
C ALA A 597 -53.62 -1.12 16.60
N LEU A 598 -54.25 -1.39 17.74
CA LEU A 598 -53.75 -2.40 18.67
C LEU A 598 -54.33 -3.77 18.33
N LYS A 599 -53.56 -4.81 18.65
CA LYS A 599 -54.02 -6.18 18.42
C LYS A 599 -55.04 -6.63 19.45
N SER A 600 -54.93 -6.14 20.68
CA SER A 600 -55.84 -6.51 21.76
C SER A 600 -56.19 -5.28 22.58
N GLY A 601 -57.26 -5.41 23.37
CA GLY A 601 -57.72 -4.33 24.21
C GLY A 601 -56.71 -3.91 25.27
N ASN A 602 -56.45 -2.60 25.34
CA ASN A 602 -55.53 -2.03 26.34
C ASN A 602 -56.36 -1.28 27.38
N ASP A 603 -56.45 -1.86 28.57
CA ASP A 603 -57.22 -1.21 29.64
C ASP A 603 -56.55 0.04 30.18
N ASN A 604 -55.29 0.30 29.79
CA ASN A 604 -54.57 1.51 30.19
C ASN A 604 -54.03 2.18 28.92
N ARG A 605 -54.95 2.78 28.14
CA ARG A 605 -54.54 3.50 26.94
C ARG A 605 -53.66 4.70 27.27
N GLU A 606 -53.91 5.36 28.40
CA GLU A 606 -53.06 6.47 28.81
C GLU A 606 -51.63 6.00 29.09
N GLN A 607 -51.48 4.84 29.73
CA GLN A 607 -50.15 4.29 29.96
C GLN A 607 -49.50 3.80 28.67
N LEU A 608 -50.30 3.49 27.65
CA LEU A 608 -49.76 2.95 26.42
C LEU A 608 -49.06 4.04 25.59
N GLN A 609 -49.62 5.26 25.57
CA GLN A 609 -48.97 6.34 24.83
C GLN A 609 -47.61 6.68 25.41
N LYS A 610 -47.32 6.26 26.63
CA LYS A 610 -45.96 6.41 27.17
C LYS A 610 -45.02 5.35 26.62
N GLU A 611 -45.45 4.09 26.64
CA GLU A 611 -44.59 2.99 26.18
C GLU A 611 -44.36 3.04 24.68
N LEU A 612 -45.34 3.53 23.91
CA LEU A 612 -45.14 3.67 22.46
C LEU A 612 -44.17 4.79 22.16
N ILE A 613 -44.24 5.89 22.90
CA ILE A 613 -43.30 6.98 22.73
C ILE A 613 -41.90 6.53 23.13
N MET A 614 -41.78 5.82 24.26
CA MET A 614 -40.47 5.33 24.68
C MET A 614 -39.90 4.31 23.69
N GLN A 615 -40.76 3.54 23.03
CA GLN A 615 -40.29 2.56 22.06
C GLN A 615 -39.55 3.25 20.92
N VAL A 616 -40.15 4.29 20.35
CA VAL A 616 -39.49 5.05 19.30
C VAL A 616 -38.21 5.69 19.82
N ARG A 617 -38.25 6.20 21.06
CA ARG A 617 -37.06 6.79 21.68
C ARG A 617 -35.94 5.76 21.86
N LYS A 618 -36.28 4.47 21.95
CA LYS A 618 -35.31 3.40 22.13
C LYS A 618 -34.79 2.84 20.81
N SER A 619 -35.66 2.75 19.80
CA SER A 619 -35.27 2.19 18.51
C SER A 619 -34.46 3.19 17.69
N ILE A 620 -34.74 4.48 17.83
CA ILE A 620 -34.11 5.49 17.00
C ILE A 620 -33.36 6.45 17.90
N GLY A 621 -34.09 7.16 18.75
CA GLY A 621 -33.50 8.05 19.72
C GLY A 621 -34.50 9.10 20.16
N PRO A 622 -34.19 9.79 21.26
CA PRO A 622 -35.07 10.87 21.72
C PRO A 622 -35.53 11.82 20.63
N PHE A 623 -34.63 12.23 19.73
CA PHE A 623 -34.90 13.25 18.71
C PHE A 623 -35.92 12.81 17.66
N ALA A 624 -36.30 11.54 17.63
CA ALA A 624 -37.31 11.05 16.70
C ALA A 624 -38.64 10.74 17.36
N ALA A 625 -38.79 11.02 18.66
CA ALA A 625 -40.02 10.69 19.36
C ALA A 625 -41.20 11.44 18.74
N PRO A 626 -42.30 10.74 18.43
CA PRO A 626 -43.46 11.43 17.85
C PRO A 626 -44.14 12.31 18.89
N LYS A 627 -44.72 13.41 18.41
CA LYS A 627 -45.45 14.33 19.27
C LYS A 627 -46.51 13.58 20.08
N VAL A 628 -47.46 12.96 19.38
CA VAL A 628 -48.53 12.19 20.01
C VAL A 628 -48.76 10.94 19.18
N VAL A 629 -49.06 9.83 19.86
CA VAL A 629 -49.42 8.57 19.20
C VAL A 629 -50.92 8.36 19.39
N PHE A 630 -51.64 8.25 18.27
CA PHE A 630 -53.08 8.08 18.29
C PHE A 630 -53.43 6.59 18.16
N VAL A 631 -54.42 6.15 18.94
CA VAL A 631 -54.91 4.78 18.93
C VAL A 631 -56.30 4.78 18.32
N ILE A 632 -56.48 4.02 17.24
CA ILE A 632 -57.77 3.89 16.56
C ILE A 632 -57.98 2.42 16.20
N ASP A 633 -59.21 2.10 15.79
CA ASP A 633 -59.55 0.72 15.48
C ASP A 633 -59.08 0.31 14.09
N ASP A 634 -59.19 1.20 13.10
CA ASP A 634 -58.88 0.87 11.73
C ASP A 634 -58.40 2.11 10.96
N ILE A 643 -52.76 1.32 2.55
CA ILE A 643 -52.90 2.41 3.51
C ILE A 643 -52.95 3.74 2.78
N MET A 644 -54.07 4.45 2.92
CA MET A 644 -54.26 5.76 2.28
C MET A 644 -53.68 6.83 3.21
N ARG A 645 -52.36 7.00 3.13
CA ARG A 645 -51.68 7.95 4.00
C ARG A 645 -52.13 9.39 3.74
N ARG A 646 -52.65 9.69 2.56
CA ARG A 646 -53.01 11.07 2.22
C ARG A 646 -54.23 11.55 3.02
N ILE A 647 -55.10 10.64 3.44
CA ILE A 647 -56.29 11.04 4.19
C ILE A 647 -55.91 11.49 5.59
N LEU A 648 -54.95 10.81 6.22
CA LEU A 648 -54.48 11.22 7.54
C LEU A 648 -53.80 12.58 7.48
N ARG A 649 -53.04 12.84 6.40
CA ARG A 649 -52.31 14.10 6.29
C ARG A 649 -53.26 15.29 6.15
N LYS A 650 -54.33 15.13 5.37
CA LYS A 650 -55.30 16.21 5.21
C LYS A 650 -56.23 16.36 6.39
N ILE A 651 -56.39 15.31 7.20
CA ILE A 651 -57.25 15.39 8.37
C ILE A 651 -56.56 16.17 9.49
N LEU A 652 -55.24 16.12 9.55
CA LEU A 652 -54.49 16.79 10.61
C LEU A 652 -53.77 18.03 10.06
N ILE A 674 -65.41 4.45 8.92
CA ILE A 674 -64.34 4.65 9.89
C ILE A 674 -63.54 5.92 9.58
N ILE A 675 -63.82 6.53 8.43
CA ILE A 675 -63.21 7.82 8.11
C ILE A 675 -63.81 8.91 9.01
N ASP A 676 -65.10 8.82 9.30
CA ASP A 676 -65.76 9.74 10.21
C ASP A 676 -65.43 9.45 11.67
N THR A 677 -65.02 8.21 11.98
CA THR A 677 -64.68 7.86 13.37
C THR A 677 -63.31 8.42 13.76
N PHE A 678 -62.36 8.44 12.82
CA PHE A 678 -61.05 9.02 13.12
C PHE A 678 -61.11 10.54 13.18
N HIS A 679 -62.02 11.15 12.42
CA HIS A 679 -62.18 12.60 12.49
C HIS A 679 -62.65 13.03 13.88
N GLU A 680 -63.55 12.25 14.49
CA GLU A 680 -63.91 12.49 15.87
C GLU A 680 -62.74 12.15 16.80
N TRP A 681 -61.95 11.13 16.45
CA TRP A 681 -60.80 10.77 17.27
C TRP A 681 -59.78 11.90 17.30
N LYS A 682 -59.49 12.49 16.14
CA LYS A 682 -58.61 13.66 16.08
C LYS A 682 -59.10 14.77 17.00
N LYS A 683 -60.41 14.98 17.05
CA LYS A 683 -61.01 15.95 17.96
C LYS A 683 -60.98 15.36 19.37
N ALA A 684 -59.97 15.74 20.15
CA ALA A 684 -59.88 15.30 21.55
C ALA A 684 -58.93 16.21 22.33
N LEU B 25 20.02 -33.08 -49.20
CA LEU B 25 21.34 -32.48 -49.41
C LEU B 25 21.78 -31.49 -48.29
N PRO B 26 20.93 -30.56 -47.85
CA PRO B 26 21.35 -29.59 -46.83
C PRO B 26 21.33 -30.21 -45.43
N VAL B 27 22.01 -29.51 -44.50
CA VAL B 27 22.01 -29.92 -43.10
C VAL B 27 20.60 -29.84 -42.52
N VAL B 28 19.93 -28.70 -42.74
CA VAL B 28 18.52 -28.55 -42.40
C VAL B 28 17.70 -29.23 -43.50
N VAL B 29 17.25 -30.47 -43.24
CA VAL B 29 16.70 -31.30 -44.31
C VAL B 29 15.33 -30.80 -44.75
N GLU B 30 14.49 -30.36 -43.80
CA GLU B 30 13.13 -29.96 -44.13
C GLU B 30 13.08 -28.70 -44.99
N ALA B 31 14.18 -27.96 -45.11
CA ALA B 31 14.23 -26.73 -45.88
C ALA B 31 14.66 -26.92 -47.32
N HIS B 32 15.02 -28.13 -47.73
CA HIS B 32 15.57 -28.37 -49.06
C HIS B 32 14.53 -28.09 -50.14
N GLN B 33 14.90 -27.24 -51.10
CA GLN B 33 14.05 -26.87 -52.23
C GLN B 33 12.78 -26.16 -51.78
N VAL B 34 12.81 -25.54 -50.61
CA VAL B 34 11.67 -24.81 -50.07
C VAL B 34 11.78 -23.35 -50.49
N ASP B 35 10.82 -22.88 -51.27
CA ASP B 35 10.81 -21.51 -51.75
C ASP B 35 10.11 -20.58 -50.76
N THR B 36 10.33 -19.29 -50.95
CA THR B 36 9.79 -18.25 -50.10
C THR B 36 8.56 -17.61 -50.75
N PHE B 37 7.60 -17.23 -49.92
CA PHE B 37 6.32 -16.67 -50.35
C PHE B 37 6.21 -15.23 -49.87
N ASP B 38 6.07 -14.29 -50.80
CA ASP B 38 5.85 -12.90 -50.43
C ASP B 38 4.41 -12.71 -49.93
N VAL B 39 4.22 -11.65 -49.16
CA VAL B 39 2.86 -11.25 -48.77
C VAL B 39 2.03 -11.02 -50.04
N PRO B 40 0.79 -11.51 -50.11
CA PRO B 40 -0.03 -11.21 -51.28
C PRO B 40 -0.27 -9.72 -51.41
N GLY B 41 -0.11 -9.21 -52.63
CA GLY B 41 -0.35 -7.80 -52.88
C GLY B 41 -1.78 -7.37 -52.66
N VAL B 42 -2.72 -8.33 -52.60
CA VAL B 42 -4.10 -8.02 -52.23
C VAL B 42 -4.22 -7.61 -50.77
N PHE B 43 -3.28 -8.04 -49.93
CA PHE B 43 -3.30 -7.68 -48.51
C PHE B 43 -3.19 -6.17 -48.31
N TYR B 44 -2.36 -5.51 -49.13
CA TYR B 44 -2.10 -4.09 -48.96
C TYR B 44 -3.18 -3.24 -49.60
N GLU B 45 -3.64 -3.62 -50.78
CA GLU B 45 -4.59 -2.76 -51.49
C GLU B 45 -6.01 -2.87 -50.95
N ASN B 46 -6.24 -3.76 -49.97
CA ASN B 46 -7.51 -3.82 -49.26
C ASN B 46 -7.39 -3.44 -47.80
N HIS B 47 -6.17 -3.30 -47.30
CA HIS B 47 -5.91 -2.99 -45.90
C HIS B 47 -6.70 -1.75 -45.48
N PRO B 48 -7.35 -1.75 -44.31
CA PRO B 48 -8.09 -0.55 -43.90
C PRO B 48 -7.21 0.59 -43.44
N HIS B 49 -5.95 0.33 -43.12
CA HIS B 49 -5.04 1.34 -42.58
C HIS B 49 -3.67 1.12 -43.21
N GLU B 50 -2.63 1.76 -42.63
CA GLU B 50 -1.23 1.63 -43.02
C GLU B 50 -0.50 0.71 -42.05
N PRO B 51 0.21 -0.31 -42.55
CA PRO B 51 0.94 -1.21 -41.65
C PRO B 51 2.00 -0.48 -40.82
N HIS B 52 2.35 -1.11 -39.70
CA HIS B 52 3.19 -0.46 -38.70
C HIS B 52 4.66 -0.36 -39.13
N LEU B 53 5.10 -1.19 -40.07
CA LEU B 53 6.45 -1.12 -40.63
C LEU B 53 6.38 -0.81 -42.12
N SER B 54 7.46 -0.20 -42.62
CA SER B 54 7.58 0.17 -44.02
C SER B 54 8.01 -1.00 -44.92
N GLY B 55 8.32 -2.16 -44.34
CA GLY B 55 8.87 -3.26 -45.11
C GLY B 55 9.95 -3.99 -44.32
N MET B 56 10.56 -5.00 -44.93
CA MET B 56 11.58 -5.81 -44.25
C MET B 56 12.79 -4.97 -43.85
N ASN B 57 13.09 -3.91 -44.60
CA ASN B 57 14.23 -3.07 -44.22
C ASN B 57 14.03 -2.42 -42.86
N GLU B 58 12.80 -2.03 -42.52
CA GLU B 58 12.58 -1.42 -41.22
C GLU B 58 12.57 -2.46 -40.11
N TYR B 59 12.09 -3.68 -40.41
CA TYR B 59 12.30 -4.81 -39.50
C TYR B 59 13.76 -4.98 -39.15
N ASN B 60 14.60 -5.10 -40.18
CA ASN B 60 16.03 -5.35 -39.99
C ASN B 60 16.68 -4.26 -39.17
N GLN B 61 16.28 -3.01 -39.42
CA GLN B 61 16.86 -1.90 -38.69
C GLN B 61 16.44 -1.94 -37.22
N LEU B 62 15.14 -2.16 -36.96
CA LEU B 62 14.67 -2.23 -35.57
C LEU B 62 15.20 -3.46 -34.87
N TYR B 63 15.32 -4.58 -35.59
CA TYR B 63 15.81 -5.81 -34.96
C TYR B 63 17.27 -5.68 -34.54
N GLN B 64 18.09 -5.07 -35.39
CA GLN B 64 19.50 -4.85 -35.03
C GLN B 64 19.62 -3.93 -33.83
N GLN B 65 18.85 -2.85 -33.79
CA GLN B 65 18.88 -2.00 -32.60
C GLN B 65 18.41 -2.77 -31.37
N SER B 66 17.46 -3.71 -31.53
CA SER B 66 16.93 -4.42 -30.37
C SER B 66 17.95 -5.41 -29.79
N ILE B 67 18.95 -5.80 -30.57
CA ILE B 67 20.04 -6.65 -30.11
C ILE B 67 21.25 -5.84 -29.65
N ASN B 68 21.59 -4.78 -30.40
CA ASN B 68 22.79 -4.00 -30.07
C ASN B 68 22.54 -2.93 -29.02
N ASP B 69 21.31 -2.49 -28.86
CA ASP B 69 21.05 -1.49 -27.84
C ASP B 69 19.68 -1.74 -27.21
N PRO B 70 19.48 -2.91 -26.58
CA PRO B 70 18.15 -3.21 -26.02
C PRO B 70 17.67 -2.13 -25.06
N ASP B 71 18.57 -1.50 -24.30
CA ASP B 71 18.15 -0.45 -23.39
C ASP B 71 17.40 0.65 -24.13
N THR B 72 17.96 1.13 -25.25
CA THR B 72 17.26 2.19 -25.98
C THR B 72 16.02 1.66 -26.68
N PHE B 73 16.15 0.56 -27.42
CA PHE B 73 15.01 0.03 -28.20
C PHE B 73 13.82 -0.27 -27.32
N TRP B 74 14.04 -0.94 -26.17
CA TRP B 74 12.89 -1.35 -25.38
C TRP B 74 12.30 -0.21 -24.56
N ALA B 75 13.13 0.76 -24.15
CA ALA B 75 12.58 1.93 -23.48
C ALA B 75 11.59 2.65 -24.39
N ARG B 76 11.91 2.78 -25.69
CA ARG B 76 11.01 3.48 -26.59
C ARG B 76 9.76 2.67 -26.86
N MET B 77 9.93 1.36 -27.10
CA MET B 77 8.80 0.48 -27.36
C MET B 77 7.84 0.46 -26.18
N ALA B 78 8.36 0.36 -24.95
CA ALA B 78 7.52 0.35 -23.76
C ALA B 78 6.77 1.65 -23.60
N ARG B 79 7.43 2.79 -23.87
CA ARG B 79 6.78 4.09 -23.73
C ARG B 79 5.82 4.37 -24.87
N ASP B 80 6.03 3.76 -26.05
CA ASP B 80 5.00 3.80 -27.09
C ASP B 80 3.72 3.07 -26.65
N LEU B 81 3.86 1.85 -26.14
CA LEU B 81 2.72 0.93 -26.06
C LEU B 81 2.05 0.85 -24.70
N ILE B 82 2.71 1.26 -23.62
CA ILE B 82 2.20 1.02 -22.27
C ILE B 82 2.12 2.35 -21.54
N THR B 83 0.99 2.60 -20.87
CA THR B 83 0.81 3.81 -20.09
C THR B 83 1.27 3.51 -18.67
N PHE B 84 2.34 4.17 -18.25
CA PHE B 84 2.92 3.97 -16.93
C PHE B 84 2.41 5.03 -15.97
N GLU B 85 2.11 4.60 -14.74
CA GLU B 85 1.80 5.58 -13.70
CA GLU B 85 1.80 5.57 -13.68
C GLU B 85 3.04 6.37 -13.32
N LYS B 86 4.15 5.69 -13.13
CA LYS B 86 5.44 6.29 -12.83
C LYS B 86 6.39 5.76 -13.86
N ASP B 87 7.06 6.65 -14.58
CA ASP B 87 8.04 6.24 -15.58
C ASP B 87 9.12 5.39 -14.93
N PHE B 88 9.73 4.52 -15.72
CA PHE B 88 10.75 3.61 -15.20
C PHE B 88 12.12 4.27 -15.33
N ASP B 89 13.07 3.82 -14.48
CA ASP B 89 14.39 4.43 -14.38
C ASP B 89 15.44 3.73 -15.23
N LYS B 90 15.22 2.48 -15.58
CA LYS B 90 16.18 1.74 -16.37
C LYS B 90 15.43 0.63 -17.07
N THR B 91 15.88 0.32 -18.28
CA THR B 91 15.18 -0.65 -19.10
C THR B 91 15.32 -2.05 -18.55
N HIS B 92 16.54 -2.44 -18.13
CA HIS B 92 16.83 -3.82 -17.78
C HIS B 92 18.05 -3.89 -16.86
N ILE B 93 17.93 -4.66 -15.78
CA ILE B 93 19.07 -5.07 -14.97
C ILE B 93 19.03 -6.60 -14.87
N GLY B 94 20.17 -7.18 -14.49
CA GLY B 94 20.29 -8.63 -14.41
C GLY B 94 20.86 -9.25 -15.68
N THR B 95 21.05 -10.56 -15.61
CA THR B 95 21.64 -11.36 -16.69
C THR B 95 20.86 -12.66 -16.78
N LEU B 96 21.01 -13.37 -17.91
CA LEU B 96 20.44 -14.71 -18.02
C LEU B 96 21.00 -15.64 -16.95
N GLU B 97 22.33 -15.71 -16.84
CA GLU B 97 22.97 -16.62 -15.90
C GLU B 97 22.67 -16.29 -14.44
N GLY B 98 22.34 -15.04 -14.13
CA GLY B 98 22.08 -14.72 -12.75
C GLY B 98 20.65 -14.95 -12.34
N GLY B 99 19.80 -15.33 -13.31
CA GLY B 99 18.38 -15.51 -13.04
C GLY B 99 17.77 -14.36 -12.27
N ASP B 100 18.14 -13.13 -12.62
CA ASP B 100 17.82 -11.94 -11.83
C ASP B 100 17.28 -10.81 -12.70
N ASN B 101 16.78 -11.15 -13.87
CA ASN B 101 16.35 -10.16 -14.82
C ASN B 101 15.14 -9.39 -14.31
N ALA B 102 15.22 -8.08 -14.47
CA ALA B 102 14.12 -7.18 -14.17
C ALA B 102 14.09 -6.12 -15.25
N TRP B 103 12.90 -5.74 -15.67
CA TRP B 103 12.73 -4.82 -16.79
C TRP B 103 11.85 -3.66 -16.35
N PHE B 104 12.16 -2.47 -16.85
CA PHE B 104 11.40 -1.27 -16.52
C PHE B 104 11.34 -1.08 -15.00
N VAL B 105 12.48 -1.37 -14.34
CA VAL B 105 12.59 -1.18 -12.89
C VAL B 105 12.33 0.28 -12.53
N GLY B 106 11.67 0.48 -11.40
CA GLY B 106 11.31 1.80 -10.96
C GLY B 106 9.98 2.27 -11.53
N GLY B 107 9.45 1.58 -12.56
CA GLY B 107 8.18 1.95 -13.11
C GLY B 107 7.01 1.43 -12.30
N ARG B 108 5.87 2.11 -12.44
CA ARG B 108 4.65 1.68 -11.80
C ARG B 108 3.54 1.75 -12.82
N LEU B 109 2.60 0.83 -12.74
CA LEU B 109 1.52 0.69 -13.70
C LEU B 109 0.49 -0.31 -13.17
N ASN B 110 -0.58 -0.49 -13.94
CA ASN B 110 -1.59 -1.49 -13.66
C ASN B 110 -2.05 -2.09 -14.97
N ALA B 111 -2.17 -3.42 -15.01
CA ALA B 111 -2.51 -4.07 -16.27
C ALA B 111 -3.95 -3.79 -16.69
N SER B 112 -4.89 -3.78 -15.75
CA SER B 112 -6.26 -3.50 -16.14
C SER B 112 -6.43 -2.04 -16.55
N PHE B 113 -5.63 -1.13 -15.99
CA PHE B 113 -5.67 0.25 -16.50
C PHE B 113 -5.33 0.27 -17.98
N ASN B 114 -4.30 -0.49 -18.37
CA ASN B 114 -3.85 -0.49 -19.76
C ASN B 114 -4.77 -1.29 -20.66
N CYS B 115 -5.47 -2.32 -20.14
CA CYS B 115 -6.39 -3.08 -20.97
C CYS B 115 -7.80 -2.50 -21.03
N VAL B 116 -8.18 -1.63 -20.10
CA VAL B 116 -9.57 -1.19 -20.06
C VAL B 116 -9.69 0.32 -19.84
N ASP B 117 -9.17 0.84 -18.71
CA ASP B 117 -9.42 2.24 -18.38
C ASP B 117 -9.05 3.17 -19.53
N ARG B 118 -7.81 3.06 -20.04
CA ARG B 118 -7.36 4.08 -20.98
C ARG B 118 -8.15 4.06 -22.28
N HIS B 119 -8.76 2.92 -22.62
CA HIS B 119 -9.61 2.85 -23.81
C HIS B 119 -11.03 3.33 -23.50
N ALA B 120 -11.55 2.96 -22.34
CA ALA B 120 -12.82 3.49 -21.87
C ALA B 120 -12.78 5.02 -21.76
N MET B 121 -11.68 5.57 -21.29
CA MET B 121 -11.60 7.02 -21.11
C MET B 121 -11.67 7.74 -22.46
N ARG B 122 -11.17 7.09 -23.53
CA ARG B 122 -11.11 7.68 -24.85
C ARG B 122 -12.29 7.31 -25.75
N ASP B 123 -12.85 6.11 -25.59
CA ASP B 123 -13.90 5.63 -26.49
C ASP B 123 -14.78 4.65 -25.73
N PRO B 124 -15.56 5.13 -24.75
CA PRO B 124 -16.35 4.21 -23.91
C PRO B 124 -17.24 3.23 -24.68
N ASN B 125 -17.78 3.61 -25.84
CA ASN B 125 -18.73 2.76 -26.53
C ASN B 125 -18.08 1.86 -27.59
N LYS B 126 -16.76 1.82 -27.68
CA LYS B 126 -16.13 0.88 -28.59
C LYS B 126 -16.30 -0.55 -28.07
N VAL B 127 -16.58 -1.49 -28.98
CA VAL B 127 -16.75 -2.89 -28.58
C VAL B 127 -15.39 -3.46 -28.16
N ALA B 128 -15.31 -4.00 -26.95
CA ALA B 128 -14.07 -4.62 -26.52
C ALA B 128 -14.11 -6.13 -26.67
N ILE B 129 -15.25 -6.75 -26.40
CA ILE B 129 -15.38 -8.20 -26.40
C ILE B 129 -16.61 -8.57 -27.22
N ILE B 130 -16.44 -9.52 -28.13
CA ILE B 130 -17.57 -10.18 -28.79
C ILE B 130 -17.63 -11.59 -28.21
N TYR B 131 -18.72 -11.88 -27.52
CA TYR B 131 -18.89 -13.20 -26.94
C TYR B 131 -19.68 -14.04 -27.93
N GLU B 132 -19.10 -15.15 -28.39
CA GLU B 132 -19.80 -16.10 -29.25
C GLU B 132 -20.08 -17.36 -28.42
N ALA B 133 -21.35 -17.55 -28.07
CA ALA B 133 -21.75 -18.60 -27.15
C ALA B 133 -21.72 -19.96 -27.82
N ASP B 134 -21.84 -21.01 -27.00
CA ASP B 134 -21.85 -22.37 -27.52
C ASP B 134 -22.95 -22.56 -28.57
N GLU B 135 -24.15 -22.01 -28.33
CA GLU B 135 -25.15 -22.09 -29.40
C GLU B 135 -25.06 -20.84 -30.29
N PRO B 136 -25.15 -21.02 -31.60
CA PRO B 136 -25.08 -19.86 -32.49
C PRO B 136 -26.26 -18.94 -32.27
N GLY B 137 -26.08 -17.68 -32.65
CA GLY B 137 -27.16 -16.71 -32.56
C GLY B 137 -27.41 -16.21 -31.15
N HIS B 138 -26.59 -16.61 -30.20
CA HIS B 138 -26.64 -15.99 -28.89
C HIS B 138 -25.42 -15.07 -28.73
N GLY B 139 -24.86 -15.00 -27.53
CA GLY B 139 -23.76 -14.09 -27.31
C GLY B 139 -24.19 -12.63 -27.34
N ARG B 140 -23.21 -11.76 -27.25
CA ARG B 140 -23.42 -10.33 -27.07
C ARG B 140 -22.08 -9.64 -27.30
N SER B 141 -22.13 -8.33 -27.56
CA SER B 141 -20.93 -7.51 -27.59
C SER B 141 -20.89 -6.66 -26.33
N ILE B 142 -19.68 -6.38 -25.87
CA ILE B 142 -19.44 -5.71 -24.60
C ILE B 142 -18.48 -4.55 -24.84
N THR B 143 -18.90 -3.33 -24.51
CA THR B 143 -18.10 -2.15 -24.79
C THR B 143 -17.00 -1.97 -23.73
N TYR B 144 -16.01 -1.11 -24.05
CA TYR B 144 -14.93 -0.85 -23.10
C TYR B 144 -15.47 -0.29 -21.79
N ALA B 145 -16.51 0.55 -21.85
CA ALA B 145 -17.11 1.06 -20.62
C ALA B 145 -17.84 -0.05 -19.84
N GLU B 146 -18.53 -0.95 -20.55
CA GLU B 146 -19.17 -2.07 -19.87
C GLU B 146 -18.15 -2.99 -19.22
N LEU B 147 -17.05 -3.27 -19.95
CA LEU B 147 -15.97 -4.05 -19.37
C LEU B 147 -15.39 -3.39 -18.13
N LEU B 148 -15.31 -2.05 -18.13
CA LEU B 148 -14.75 -1.38 -16.96
C LEU B 148 -15.65 -1.59 -15.76
N LYS B 149 -16.96 -1.54 -16.00
CA LYS B 149 -17.94 -1.77 -14.96
C LYS B 149 -17.81 -3.18 -14.37
N GLU B 150 -17.82 -4.21 -15.24
CA GLU B 150 -17.80 -5.60 -14.79
C GLU B 150 -16.48 -5.94 -14.11
N VAL B 151 -15.37 -5.39 -14.62
CA VAL B 151 -14.06 -5.58 -14.00
C VAL B 151 -14.03 -4.96 -12.61
N SER B 152 -14.57 -3.73 -12.45
CA SER B 152 -14.50 -3.01 -11.18
C SER B 152 -15.34 -3.68 -10.09
N ARG B 153 -16.55 -4.11 -10.40
CA ARG B 153 -17.40 -4.60 -9.32
C ARG B 153 -17.08 -6.04 -8.98
N LEU B 154 -16.47 -6.80 -9.89
CA LEU B 154 -15.91 -8.08 -9.51
C LEU B 154 -14.71 -7.90 -8.62
N ALA B 155 -13.86 -6.90 -8.94
CA ALA B 155 -12.73 -6.57 -8.07
C ALA B 155 -13.23 -6.19 -6.68
N TRP B 156 -14.31 -5.41 -6.61
CA TRP B 156 -14.98 -5.10 -5.34
C TRP B 156 -15.38 -6.37 -4.58
N VAL B 157 -15.99 -7.35 -5.26
CA VAL B 157 -16.36 -8.61 -4.60
C VAL B 157 -15.15 -9.23 -3.95
N MET B 158 -14.06 -9.37 -4.72
CA MET B 158 -12.86 -9.99 -4.20
C MET B 158 -12.29 -9.23 -3.02
N LYS B 159 -12.15 -7.91 -3.17
CA LYS B 159 -11.66 -7.07 -2.07
C LYS B 159 -12.53 -7.20 -0.83
N SER B 160 -13.86 -7.29 -0.98
CA SER B 160 -14.75 -7.35 0.18
C SER B 160 -14.63 -8.68 0.90
N GLN B 161 -14.31 -9.75 0.18
CA GLN B 161 -14.11 -11.05 0.80
C GLN B 161 -12.68 -11.23 1.33
N GLY B 162 -11.84 -10.21 1.21
CA GLY B 162 -10.52 -10.20 1.84
C GLY B 162 -9.35 -10.47 0.91
N VAL B 163 -9.56 -10.61 -0.39
CA VAL B 163 -8.44 -10.76 -1.31
C VAL B 163 -7.60 -9.49 -1.27
N ARG B 164 -6.29 -9.64 -1.17
CA ARG B 164 -5.37 -8.50 -1.13
C ARG B 164 -4.28 -8.62 -2.19
N LYS B 165 -3.65 -7.47 -2.44
CA LYS B 165 -2.49 -7.38 -3.33
C LYS B 165 -1.48 -8.46 -3.01
N GLY B 166 -1.06 -9.21 -4.03
CA GLY B 166 -0.10 -10.27 -3.83
C GLY B 166 -0.69 -11.66 -3.52
N ASP B 167 -1.98 -11.76 -3.21
CA ASP B 167 -2.62 -13.07 -3.06
C ASP B 167 -2.88 -13.68 -4.43
N THR B 168 -2.89 -15.00 -4.49
CA THR B 168 -3.30 -15.68 -5.71
C THR B 168 -4.80 -15.95 -5.67
N VAL B 169 -5.38 -16.07 -6.86
CA VAL B 169 -6.80 -16.31 -7.03
C VAL B 169 -6.92 -17.38 -8.12
N ALA B 170 -7.56 -18.50 -7.79
CA ALA B 170 -7.73 -19.57 -8.76
C ALA B 170 -8.94 -19.28 -9.62
N ILE B 171 -8.80 -19.52 -10.92
CA ILE B 171 -9.86 -19.31 -11.90
C ILE B 171 -10.12 -20.64 -12.63
N TYR B 172 -11.34 -21.17 -12.51
CA TYR B 172 -11.74 -22.40 -13.20
C TYR B 172 -12.97 -22.08 -14.03
N LEU B 173 -12.74 -21.50 -15.20
CA LEU B 173 -13.83 -21.00 -16.03
C LEU B 173 -13.68 -21.44 -17.47
N PRO B 174 -14.79 -21.59 -18.17
CA PRO B 174 -14.73 -21.81 -19.62
C PRO B 174 -14.60 -20.50 -20.39
N MET B 175 -14.72 -20.55 -21.71
CA MET B 175 -14.54 -19.35 -22.55
C MET B 175 -15.84 -18.56 -22.61
N ILE B 176 -16.04 -17.74 -21.57
CA ILE B 176 -17.11 -16.76 -21.53
C ILE B 176 -16.47 -15.44 -21.17
N PRO B 177 -17.11 -14.30 -21.48
CA PRO B 177 -16.46 -13.01 -21.17
C PRO B 177 -16.20 -12.84 -19.69
N GLU B 178 -16.98 -13.51 -18.86
CA GLU B 178 -16.69 -13.57 -17.44
C GLU B 178 -15.23 -13.95 -17.16
N ALA B 179 -14.62 -14.77 -18.04
CA ALA B 179 -13.22 -15.15 -17.79
C ALA B 179 -12.30 -13.94 -17.92
N ILE B 180 -12.53 -13.11 -18.95
CA ILE B 180 -11.76 -11.86 -19.05
C ILE B 180 -12.03 -10.96 -17.84
N PHE B 181 -13.29 -10.85 -17.43
CA PHE B 181 -13.64 -10.09 -16.23
C PHE B 181 -12.77 -10.52 -15.05
N ALA B 182 -12.57 -11.83 -14.90
CA ALA B 182 -11.89 -12.37 -13.72
C ALA B 182 -10.39 -12.10 -13.77
N LEU B 183 -9.74 -12.41 -14.88
CA LEU B 183 -8.31 -12.10 -14.98
C LEU B 183 -8.05 -10.64 -14.69
N LEU B 184 -8.86 -9.76 -15.29
CA LEU B 184 -8.52 -8.34 -15.23
C LEU B 184 -8.95 -7.71 -13.91
N ALA B 185 -9.98 -8.27 -13.27
CA ALA B 185 -10.30 -7.88 -11.91
C ALA B 185 -9.18 -8.26 -10.95
N CYS B 186 -8.60 -9.46 -11.11
CA CYS B 186 -7.41 -9.77 -10.32
C CYS B 186 -6.31 -8.75 -10.58
N ALA B 187 -5.93 -8.54 -11.86
CA ALA B 187 -4.90 -7.55 -12.19
C ALA B 187 -5.20 -6.22 -11.52
N ARG B 188 -6.48 -5.84 -11.45
CA ARG B 188 -6.85 -4.51 -10.98
C ARG B 188 -6.53 -4.32 -9.51
N ILE B 189 -6.73 -5.35 -8.68
CA ILE B 189 -6.39 -5.20 -7.28
C ILE B 189 -4.98 -5.69 -6.97
N GLY B 190 -4.23 -6.15 -7.98
CA GLY B 190 -2.89 -6.65 -7.71
C GLY B 190 -2.85 -8.07 -7.19
N ALA B 191 -3.97 -8.78 -7.22
CA ALA B 191 -4.01 -10.21 -7.01
C ALA B 191 -3.38 -10.89 -8.21
N ILE B 192 -2.91 -12.12 -8.00
CA ILE B 192 -2.17 -12.87 -9.00
C ILE B 192 -3.09 -13.97 -9.48
N HIS B 193 -3.61 -13.86 -10.70
CA HIS B 193 -4.57 -14.84 -11.17
C HIS B 193 -3.84 -16.11 -11.59
N SER B 194 -4.49 -17.24 -11.33
CA SER B 194 -3.91 -18.54 -11.62
C SER B 194 -5.01 -19.36 -12.30
N VAL B 195 -5.01 -19.32 -13.63
CA VAL B 195 -6.10 -19.88 -14.43
C VAL B 195 -5.89 -21.38 -14.58
N VAL B 196 -6.93 -22.15 -14.30
CA VAL B 196 -6.89 -23.60 -14.47
C VAL B 196 -7.86 -23.95 -15.59
N PHE B 197 -7.31 -24.52 -16.67
CA PHE B 197 -8.08 -25.00 -17.82
C PHE B 197 -9.31 -25.79 -17.38
N ALA B 198 -10.47 -25.46 -17.97
CA ALA B 198 -11.73 -26.05 -17.55
C ALA B 198 -11.86 -27.54 -17.84
N GLY B 199 -10.91 -28.13 -18.58
CA GLY B 199 -10.91 -29.55 -18.81
C GLY B 199 -10.09 -30.35 -17.82
N PHE B 200 -9.54 -29.68 -16.81
CA PHE B 200 -8.75 -30.36 -15.79
C PHE B 200 -9.67 -31.04 -14.78
N SER B 201 -9.21 -32.17 -14.26
CA SER B 201 -9.95 -32.91 -13.26
C SER B 201 -9.89 -32.20 -11.92
N SER B 202 -10.59 -32.80 -10.96
CA SER B 202 -10.62 -32.27 -9.59
C SER B 202 -9.23 -32.32 -8.95
N ASP B 203 -8.51 -33.43 -9.15
CA ASP B 203 -7.15 -33.56 -8.62
C ASP B 203 -6.23 -32.46 -9.15
N SER B 204 -6.22 -32.26 -10.47
CA SER B 204 -5.39 -31.22 -11.07
C SER B 204 -5.76 -29.83 -10.58
N LEU B 205 -7.06 -29.55 -10.47
CA LEU B 205 -7.51 -28.27 -9.92
C LEU B 205 -7.00 -28.09 -8.49
N ARG B 206 -7.00 -29.19 -7.73
CA ARG B 206 -6.59 -29.19 -6.33
C ARG B 206 -5.09 -28.94 -6.20
N ASP B 207 -4.28 -29.65 -7.00
CA ASP B 207 -2.83 -29.49 -6.90
C ASP B 207 -2.43 -28.04 -7.20
N ARG B 208 -3.07 -27.44 -8.20
CA ARG B 208 -2.71 -26.07 -8.57
C ARG B 208 -3.24 -25.05 -7.58
N THR B 209 -4.39 -25.34 -6.96
CA THR B 209 -4.93 -24.44 -5.94
C THR B 209 -4.13 -24.53 -4.65
N LEU B 210 -3.63 -25.73 -4.31
CA LEU B 210 -2.76 -25.86 -3.14
C LEU B 210 -1.42 -25.18 -3.38
N ASP B 211 -0.74 -25.52 -4.49
CA ASP B 211 0.59 -24.98 -4.71
C ASP B 211 0.57 -23.45 -4.75
N ALA B 212 -0.49 -22.85 -5.29
CA ALA B 212 -0.61 -21.40 -5.36
C ALA B 212 -1.05 -20.79 -4.05
N ARG B 213 -1.51 -21.63 -3.11
CA ARG B 213 -2.03 -21.20 -1.82
C ARG B 213 -3.14 -20.16 -2.00
N SER B 214 -4.01 -20.42 -2.96
CA SER B 214 -5.12 -19.52 -3.22
C SER B 214 -6.21 -19.70 -2.17
N LYS B 215 -6.74 -18.57 -1.70
CA LYS B 215 -7.81 -18.54 -0.71
C LYS B 215 -9.17 -18.25 -1.34
N PHE B 216 -9.21 -17.91 -2.62
CA PHE B 216 -10.43 -17.50 -3.31
C PHE B 216 -10.44 -18.22 -4.64
N ILE B 217 -11.63 -18.65 -5.10
CA ILE B 217 -11.75 -19.33 -6.37
C ILE B 217 -13.01 -18.84 -7.08
N ILE B 218 -12.90 -18.67 -8.40
CA ILE B 218 -13.99 -18.23 -9.27
C ILE B 218 -14.31 -19.36 -10.24
N THR B 219 -15.60 -19.68 -10.40
CA THR B 219 -15.95 -20.75 -11.33
C THR B 219 -17.38 -20.56 -11.82
N THR B 220 -17.87 -21.51 -12.60
CA THR B 220 -19.24 -21.50 -13.09
C THR B 220 -20.02 -22.68 -12.50
N ASP B 221 -21.35 -22.56 -12.50
CA ASP B 221 -22.16 -23.69 -12.07
C ASP B 221 -21.95 -24.86 -13.00
N GLU B 222 -22.05 -24.62 -14.31
CA GLU B 222 -21.75 -25.62 -15.33
C GLU B 222 -21.12 -24.93 -16.54
N GLY B 223 -20.47 -25.73 -17.39
CA GLY B 223 -20.02 -25.29 -18.69
C GLY B 223 -20.87 -25.91 -19.80
N LYS B 224 -20.96 -25.20 -20.92
CA LYS B 224 -21.53 -25.74 -22.14
C LYS B 224 -20.47 -25.65 -23.22
N ARG B 225 -20.01 -26.80 -23.72
CA ARG B 225 -19.03 -26.82 -24.79
C ARG B 225 -19.44 -27.87 -25.81
N GLY B 226 -19.74 -27.42 -27.03
CA GLY B 226 -20.11 -28.34 -28.08
C GLY B 226 -21.37 -29.13 -27.78
N GLY B 227 -22.32 -28.54 -27.06
CA GLY B 227 -23.57 -29.18 -26.74
C GLY B 227 -23.54 -30.00 -25.47
N LYS B 228 -22.36 -30.25 -24.91
CA LYS B 228 -22.20 -31.06 -23.72
C LYS B 228 -22.18 -30.19 -22.48
N VAL B 229 -22.72 -30.73 -21.39
CA VAL B 229 -22.72 -30.08 -20.09
C VAL B 229 -21.48 -30.52 -19.34
N ILE B 230 -20.85 -29.58 -18.65
CA ILE B 230 -19.61 -29.82 -17.92
C ILE B 230 -19.87 -29.43 -16.48
N GLY B 231 -19.88 -30.41 -15.58
CA GLY B 231 -20.23 -30.17 -14.20
C GLY B 231 -19.12 -29.47 -13.45
N THR B 232 -18.85 -28.21 -13.78
CA THR B 232 -17.70 -27.52 -13.21
C THR B 232 -17.83 -27.38 -11.69
N LYS B 233 -19.03 -27.06 -11.19
CA LYS B 233 -19.17 -26.82 -9.76
C LYS B 233 -18.97 -28.10 -8.95
N LYS B 234 -19.46 -29.24 -9.44
CA LYS B 234 -19.19 -30.51 -8.76
C LYS B 234 -17.70 -30.85 -8.79
N ILE B 235 -17.01 -30.49 -9.88
CA ILE B 235 -15.57 -30.72 -9.93
C ILE B 235 -14.87 -29.87 -8.87
N VAL B 236 -15.24 -28.60 -8.77
CA VAL B 236 -14.66 -27.72 -7.78
C VAL B 236 -14.91 -28.25 -6.37
N ASP B 237 -16.18 -28.59 -6.07
CA ASP B 237 -16.51 -29.10 -4.73
C ASP B 237 -15.58 -30.24 -4.33
N GLU B 238 -15.32 -31.16 -5.25
CA GLU B 238 -14.45 -32.28 -4.91
C GLU B 238 -13.02 -31.80 -4.65
N ALA B 239 -12.52 -30.85 -5.45
CA ALA B 239 -11.18 -30.32 -5.22
C ALA B 239 -11.10 -29.58 -3.89
N LEU B 240 -12.09 -28.75 -3.60
CA LEU B 240 -12.04 -27.90 -2.41
C LEU B 240 -11.98 -28.70 -1.12
N LYS B 241 -12.50 -29.94 -1.11
CA LYS B 241 -12.43 -30.79 0.07
C LYS B 241 -11.00 -30.98 0.55
N GLN B 242 -10.02 -30.81 -0.33
CA GLN B 242 -8.62 -30.96 0.02
C GLN B 242 -7.86 -29.64 -0.10
N CYS B 243 -8.58 -28.52 -0.17
CA CYS B 243 -8.00 -27.18 -0.14
C CYS B 243 -8.65 -26.41 0.99
N PRO B 244 -8.23 -26.64 2.23
CA PRO B 244 -8.93 -26.01 3.36
C PRO B 244 -8.65 -24.52 3.54
N ASP B 245 -7.73 -23.92 2.75
CA ASP B 245 -7.46 -22.49 2.80
C ASP B 245 -8.41 -21.67 1.91
N VAL B 246 -9.17 -22.32 1.03
CA VAL B 246 -10.13 -21.64 0.18
C VAL B 246 -11.35 -21.31 1.01
N THR B 247 -11.60 -20.02 1.23
CA THR B 247 -12.71 -19.63 2.09
C THR B 247 -13.88 -19.00 1.33
N ASN B 248 -13.75 -18.80 0.02
CA ASN B 248 -14.86 -18.31 -0.78
C ASN B 248 -14.75 -18.90 -2.18
N CYS B 249 -15.91 -19.21 -2.75
CA CYS B 249 -16.02 -19.73 -4.10
C CYS B 249 -17.12 -18.94 -4.80
N LEU B 250 -16.73 -18.06 -5.71
CA LEU B 250 -17.67 -17.22 -6.45
C LEU B 250 -18.14 -17.98 -7.68
N VAL B 251 -19.45 -18.15 -7.81
CA VAL B 251 -20.02 -19.03 -8.83
C VAL B 251 -20.80 -18.18 -9.82
N PHE B 252 -20.47 -18.33 -11.09
CA PHE B 252 -21.21 -17.65 -12.15
C PHE B 252 -22.27 -18.58 -12.69
N LYS B 253 -23.51 -18.08 -12.75
CA LYS B 253 -24.64 -18.90 -13.20
C LYS B 253 -24.62 -18.96 -14.73
N ARG B 254 -23.81 -19.87 -15.26
CA ARG B 254 -23.78 -20.07 -16.71
C ARG B 254 -25.05 -20.75 -17.19
N THR B 255 -25.43 -21.88 -16.59
CA THR B 255 -26.55 -22.66 -17.09
C THR B 255 -27.80 -22.62 -16.21
N GLY B 256 -27.68 -22.19 -14.95
CA GLY B 256 -28.84 -22.17 -14.08
C GLY B 256 -29.30 -23.52 -13.57
N ALA B 257 -28.55 -24.59 -13.80
CA ALA B 257 -28.91 -25.90 -13.27
C ALA B 257 -28.68 -25.94 -11.76
N ASP B 258 -29.54 -26.67 -11.08
CA ASP B 258 -29.35 -26.95 -9.66
C ASP B 258 -28.00 -27.62 -9.42
N VAL B 259 -27.16 -26.96 -8.62
CA VAL B 259 -25.83 -27.49 -8.26
C VAL B 259 -25.72 -27.50 -6.74
N PRO B 260 -24.85 -28.36 -6.20
CA PRO B 260 -24.61 -28.36 -4.76
C PRO B 260 -24.12 -27.00 -4.28
N TRP B 261 -24.54 -26.65 -3.06
CA TRP B 261 -24.25 -25.35 -2.51
C TRP B 261 -23.76 -25.51 -1.09
N THR B 262 -22.66 -24.84 -0.79
CA THR B 262 -21.99 -24.88 0.51
C THR B 262 -22.13 -23.48 1.09
N LYS B 263 -23.10 -23.33 2.00
CA LYS B 263 -23.41 -22.04 2.59
C LYS B 263 -22.24 -21.57 3.45
N GLY B 264 -21.99 -20.27 3.45
CA GLY B 264 -20.83 -19.72 4.12
C GLY B 264 -19.56 -19.74 3.29
N ARG B 265 -19.51 -20.52 2.21
CA ARG B 265 -18.35 -20.53 1.32
C ARG B 265 -18.70 -20.07 -0.08
N ASP B 266 -19.79 -20.57 -0.66
CA ASP B 266 -20.17 -20.25 -2.02
C ASP B 266 -20.98 -18.96 -2.06
N LEU B 267 -20.74 -18.16 -3.10
CA LEU B 267 -21.47 -16.92 -3.35
C LEU B 267 -21.83 -16.89 -4.84
N TRP B 268 -22.96 -16.26 -5.15
CA TRP B 268 -23.37 -16.12 -6.54
C TRP B 268 -22.73 -14.86 -7.13
N TRP B 269 -22.11 -15.00 -8.29
CA TRP B 269 -21.54 -13.86 -8.99
C TRP B 269 -22.55 -12.73 -9.09
N HIS B 270 -23.72 -12.99 -9.71
CA HIS B 270 -24.69 -11.94 -9.97
C HIS B 270 -25.21 -11.30 -8.68
N GLU B 271 -25.34 -12.08 -7.59
CA GLU B 271 -25.79 -11.48 -6.33
C GLU B 271 -24.72 -10.59 -5.71
N GLU B 272 -23.46 -10.98 -5.76
CA GLU B 272 -22.45 -10.18 -5.08
C GLU B 272 -22.14 -8.89 -5.85
N VAL B 273 -21.97 -8.95 -7.18
CA VAL B 273 -21.57 -7.74 -7.92
C VAL B 273 -22.65 -6.67 -7.87
N ASP B 274 -23.93 -7.06 -7.81
CA ASP B 274 -25.01 -6.08 -7.66
C ASP B 274 -24.86 -5.24 -6.39
N LYS B 275 -24.02 -5.67 -5.45
CA LYS B 275 -23.90 -4.93 -4.20
C LYS B 275 -22.92 -3.77 -4.32
N TYR B 276 -22.06 -3.77 -5.34
CA TYR B 276 -20.89 -2.93 -5.31
C TYR B 276 -20.89 -1.89 -6.43
N PRO B 277 -20.11 -0.81 -6.28
CA PRO B 277 -20.07 0.24 -7.31
C PRO B 277 -19.53 -0.28 -8.63
N ASN B 278 -19.83 0.47 -9.71
CA ASN B 278 -19.41 0.14 -11.06
C ASN B 278 -18.06 0.71 -11.43
N TYR B 279 -17.34 1.29 -10.46
CA TYR B 279 -15.96 1.71 -10.67
C TYR B 279 -15.17 1.36 -9.43
N LEU B 280 -13.91 0.97 -9.62
CA LEU B 280 -12.97 0.75 -8.51
C LEU B 280 -11.62 1.29 -8.96
N PRO B 281 -10.93 2.04 -8.11
CA PRO B 281 -9.54 2.44 -8.41
C PRO B 281 -8.67 1.25 -8.77
N ALA B 282 -7.61 1.48 -9.53
CA ALA B 282 -6.68 0.42 -9.87
C ALA B 282 -5.50 0.50 -8.91
N GLU B 283 -5.09 -0.65 -8.39
CA GLU B 283 -3.93 -0.72 -7.50
C GLU B 283 -2.63 -0.44 -8.27
N SER B 284 -1.80 0.44 -7.71
CA SER B 284 -0.50 0.79 -8.30
C SER B 284 0.49 -0.35 -8.13
N MET B 285 0.86 -1.00 -9.23
CA MET B 285 1.77 -2.14 -9.21
C MET B 285 3.15 -1.76 -9.69
N ASP B 286 4.16 -2.42 -9.12
CA ASP B 286 5.51 -2.31 -9.62
C ASP B 286 5.63 -3.04 -10.96
N SER B 287 6.55 -2.54 -11.82
CA SER B 287 6.85 -3.25 -13.07
C SER B 287 7.11 -4.73 -12.82
N GLU B 288 7.74 -5.05 -11.69
CA GLU B 288 8.12 -6.43 -11.39
C GLU B 288 7.23 -7.09 -10.34
N ASP B 289 6.06 -6.54 -10.04
CA ASP B 289 5.10 -7.29 -9.24
C ASP B 289 4.53 -8.45 -10.07
N PRO B 290 4.27 -9.62 -9.46
CA PRO B 290 3.69 -10.72 -10.23
C PRO B 290 2.35 -10.31 -10.81
N LEU B 291 2.12 -10.72 -12.05
CA LEU B 291 0.86 -10.55 -12.76
C LEU B 291 0.04 -11.83 -12.76
N PHE B 292 0.67 -12.98 -13.06
CA PHE B 292 -0.06 -14.24 -12.99
C PHE B 292 0.91 -15.41 -12.87
N LEU B 293 0.32 -16.56 -12.49
CA LEU B 293 0.88 -17.90 -12.50
C LEU B 293 0.15 -18.74 -13.53
N LEU B 294 0.87 -19.62 -14.20
CA LEU B 294 0.23 -20.49 -15.17
C LEU B 294 0.91 -21.83 -15.05
N TYR B 295 0.22 -22.78 -14.43
CA TYR B 295 0.81 -24.08 -14.23
C TYR B 295 0.99 -24.76 -15.58
N THR B 296 2.19 -25.29 -15.81
CA THR B 296 2.55 -25.83 -17.10
C THR B 296 3.37 -27.09 -16.88
N SER B 297 3.08 -28.09 -17.71
CA SER B 297 3.82 -29.34 -17.64
C SER B 297 5.25 -29.13 -18.12
N GLY B 298 6.20 -29.73 -17.38
CA GLY B 298 7.59 -29.74 -17.75
C GLY B 298 8.09 -31.15 -17.93
N SER B 299 9.38 -31.26 -18.24
CA SER B 299 9.96 -32.56 -18.52
C SER B 299 9.83 -33.47 -17.30
N THR B 300 10.17 -32.96 -16.12
CA THR B 300 10.11 -33.76 -14.89
C THR B 300 9.19 -33.06 -13.88
N GLY B 301 8.77 -33.83 -12.89
CA GLY B 301 8.04 -33.29 -11.77
C GLY B 301 6.62 -32.89 -12.13
N LYS B 302 5.90 -32.41 -11.11
CA LYS B 302 4.54 -31.93 -11.27
C LYS B 302 4.55 -30.66 -12.13
N PRO B 303 3.38 -30.20 -12.59
CA PRO B 303 3.34 -28.93 -13.33
C PRO B 303 3.93 -27.80 -12.50
N LYS B 304 4.65 -26.89 -13.17
CA LYS B 304 5.33 -25.77 -12.55
C LYS B 304 4.48 -24.51 -12.66
N GLY B 305 4.43 -23.72 -11.58
CA GLY B 305 3.76 -22.45 -11.67
C GLY B 305 4.59 -21.35 -12.33
N VAL B 306 4.62 -21.33 -13.67
CA VAL B 306 5.35 -20.29 -14.42
C VAL B 306 4.77 -18.93 -14.07
N MET B 307 5.62 -18.03 -13.55
CA MET B 307 5.19 -16.71 -13.10
CA MET B 307 5.22 -16.70 -13.08
C MET B 307 5.65 -15.63 -14.07
N HIS B 308 4.70 -14.80 -14.52
CA HIS B 308 5.00 -13.60 -15.31
C HIS B 308 4.72 -12.37 -14.45
N THR B 309 5.60 -11.36 -14.54
CA THR B 309 5.36 -10.10 -13.84
C THR B 309 4.66 -9.13 -14.82
N THR B 310 4.63 -7.84 -14.50
CA THR B 310 3.64 -6.94 -15.10
C THR B 310 4.16 -6.14 -16.32
N ALA B 311 5.10 -5.21 -16.14
CA ALA B 311 5.46 -4.33 -17.27
C ALA B 311 6.04 -5.09 -18.46
N GLY B 312 7.08 -5.89 -18.23
CA GLY B 312 7.71 -6.57 -19.35
C GLY B 312 6.76 -7.53 -20.09
N TYR B 313 5.96 -8.30 -19.34
CA TYR B 313 4.99 -9.19 -19.98
C TYR B 313 4.04 -8.41 -20.88
N LEU B 314 3.54 -7.28 -20.38
CA LEU B 314 2.57 -6.47 -21.15
C LEU B 314 3.23 -5.86 -22.38
N VAL B 315 4.47 -5.37 -22.24
CA VAL B 315 5.19 -4.79 -23.39
C VAL B 315 5.32 -5.84 -24.50
N GLY B 316 5.75 -7.05 -24.14
CA GLY B 316 5.79 -8.15 -25.10
C GLY B 316 4.44 -8.44 -25.75
N ALA B 317 3.39 -8.57 -24.95
CA ALA B 317 2.07 -8.86 -25.50
C ALA B 317 1.63 -7.78 -26.50
N ALA B 318 1.70 -6.51 -26.08
CA ALA B 318 1.32 -5.42 -26.98
C ALA B 318 2.24 -5.38 -28.21
N ALA B 319 3.54 -5.61 -28.03
CA ALA B 319 4.45 -5.49 -29.16
C ALA B 319 4.24 -6.61 -30.18
N THR B 320 4.00 -7.85 -29.72
CA THR B 320 3.71 -8.90 -30.67
C THR B 320 2.32 -8.71 -31.28
N GLY B 321 1.34 -8.29 -30.47
CA GLY B 321 0.02 -8.01 -31.04
C GLY B 321 0.09 -7.00 -32.15
N LYS B 322 0.92 -5.97 -31.97
CA LYS B 322 1.06 -4.91 -32.95
C LYS B 322 1.84 -5.36 -34.19
N TYR B 323 3.07 -5.86 -34.00
CA TYR B 323 3.95 -6.09 -35.14
C TYR B 323 3.83 -7.49 -35.74
N VAL B 324 3.45 -8.51 -34.97
CA VAL B 324 3.22 -9.83 -35.56
C VAL B 324 1.84 -9.89 -36.21
N PHE B 325 0.83 -9.49 -35.47
CA PHE B 325 -0.55 -9.70 -35.89
C PHE B 325 -1.15 -8.48 -36.58
N ASP B 326 -0.35 -7.41 -36.78
CA ASP B 326 -0.78 -6.23 -37.48
C ASP B 326 -2.08 -5.69 -36.90
N ILE B 327 -2.15 -5.64 -35.57
CA ILE B 327 -3.37 -5.24 -34.91
C ILE B 327 -3.46 -3.72 -34.90
N HIS B 328 -4.62 -3.21 -35.29
CA HIS B 328 -4.99 -1.81 -35.25
C HIS B 328 -6.26 -1.66 -34.43
N PRO B 329 -6.51 -0.49 -33.84
CA PRO B 329 -7.67 -0.35 -32.96
C PRO B 329 -9.00 -0.82 -33.55
N ALA B 330 -9.24 -0.61 -34.84
CA ALA B 330 -10.54 -0.97 -35.40
C ALA B 330 -10.72 -2.47 -35.58
N ASP B 331 -9.65 -3.25 -35.44
CA ASP B 331 -9.66 -4.67 -35.77
C ASP B 331 -10.60 -5.46 -34.85
N ARG B 332 -11.05 -6.60 -35.37
CA ARG B 332 -11.77 -7.61 -34.60
C ARG B 332 -10.86 -8.84 -34.59
N PHE B 333 -10.12 -9.02 -33.48
CA PHE B 333 -9.14 -10.09 -33.35
C PHE B 333 -9.78 -11.33 -32.73
N PHE B 334 -9.57 -12.49 -33.35
CA PHE B 334 -10.21 -13.76 -32.96
C PHE B 334 -9.10 -14.81 -32.74
N CYS B 335 -8.70 -15.03 -31.49
CA CYS B 335 -7.80 -16.13 -31.15
C CYS B 335 -8.63 -17.33 -30.69
N GLY B 336 -8.35 -18.50 -31.27
CA GLY B 336 -9.12 -19.71 -30.98
C GLY B 336 -8.66 -20.51 -29.79
N GLY B 337 -7.60 -20.09 -29.10
CA GLY B 337 -7.10 -20.86 -27.98
C GLY B 337 -7.86 -20.56 -26.71
N ASP B 338 -7.75 -21.49 -25.76
CA ASP B 338 -8.52 -21.44 -24.53
C ASP B 338 -7.80 -20.59 -23.49
N VAL B 339 -8.59 -19.85 -22.68
CA VAL B 339 -7.97 -19.01 -21.66
C VAL B 339 -7.11 -19.81 -20.69
N GLY B 340 -7.37 -21.11 -20.54
CA GLY B 340 -6.55 -21.93 -19.66
C GLY B 340 -5.09 -22.09 -20.09
N TRP B 341 -4.73 -21.67 -21.30
CA TRP B 341 -3.37 -21.80 -21.79
C TRP B 341 -2.77 -20.43 -22.06
N ILE B 342 -1.47 -20.39 -22.36
CA ILE B 342 -0.80 -19.11 -22.53
C ILE B 342 -1.28 -18.38 -23.79
N THR B 343 -1.63 -19.13 -24.84
CA THR B 343 -2.14 -18.50 -26.03
C THR B 343 -3.39 -17.69 -25.71
N GLY B 344 -4.28 -18.29 -24.91
CA GLY B 344 -5.45 -17.57 -24.45
C GLY B 344 -5.09 -16.37 -23.58
N HIS B 345 -4.10 -16.53 -22.69
CA HIS B 345 -3.68 -15.40 -21.85
C HIS B 345 -3.19 -14.23 -22.71
N THR B 346 -2.22 -14.49 -23.59
CA THR B 346 -1.58 -13.38 -24.28
C THR B 346 -2.41 -12.84 -25.43
N TYR B 347 -3.18 -13.68 -26.14
CA TYR B 347 -3.78 -13.23 -27.37
C TYR B 347 -5.31 -13.25 -27.39
N VAL B 348 -5.97 -13.97 -26.50
CA VAL B 348 -7.40 -13.71 -26.34
C VAL B 348 -7.60 -12.47 -25.49
N VAL B 349 -6.77 -12.30 -24.45
CA VAL B 349 -6.98 -11.26 -23.46
C VAL B 349 -6.01 -10.08 -23.62
N TYR B 350 -4.72 -10.27 -23.28
CA TYR B 350 -3.88 -9.11 -22.95
C TYR B 350 -3.46 -8.31 -24.18
N ALA B 351 -2.94 -8.96 -25.24
CA ALA B 351 -2.50 -8.16 -26.39
C ALA B 351 -3.64 -7.40 -27.05
N PRO B 352 -4.75 -8.01 -27.47
CA PRO B 352 -5.78 -7.22 -28.13
C PRO B 352 -6.30 -6.10 -27.25
N LEU B 353 -6.52 -6.34 -25.96
CA LEU B 353 -7.10 -5.31 -25.13
C LEU B 353 -6.09 -4.21 -24.80
N LEU B 354 -4.82 -4.58 -24.58
CA LEU B 354 -3.79 -3.55 -24.45
C LEU B 354 -3.84 -2.59 -25.64
N LEU B 355 -4.02 -3.12 -26.85
CA LEU B 355 -3.93 -2.32 -28.07
C LEU B 355 -5.23 -1.63 -28.43
N GLY B 356 -6.30 -1.92 -27.69
CA GLY B 356 -7.56 -1.24 -27.82
C GLY B 356 -8.49 -1.74 -28.88
N CYS B 357 -8.26 -2.93 -29.43
CA CYS B 357 -9.13 -3.40 -30.48
C CYS B 357 -10.26 -4.24 -29.88
N THR B 358 -10.96 -5.01 -30.72
CA THR B 358 -11.98 -5.93 -30.27
C THR B 358 -11.44 -7.36 -30.25
N THR B 359 -11.70 -8.11 -29.16
CA THR B 359 -11.33 -9.53 -29.10
C THR B 359 -12.58 -10.41 -28.98
N VAL B 360 -12.52 -11.58 -29.61
CA VAL B 360 -13.63 -12.54 -29.65
C VAL B 360 -13.39 -13.63 -28.59
N VAL B 361 -14.39 -13.88 -27.76
CA VAL B 361 -14.37 -15.02 -26.85
C VAL B 361 -15.30 -16.07 -27.44
N PHE B 362 -14.73 -17.19 -27.85
CA PHE B 362 -15.45 -18.26 -28.51
C PHE B 362 -15.65 -19.42 -27.54
N GLU B 363 -16.91 -19.73 -27.22
CA GLU B 363 -17.21 -20.71 -26.19
C GLU B 363 -17.29 -22.12 -26.72
N SER B 364 -17.42 -22.28 -28.03
CA SER B 364 -17.84 -23.54 -28.58
C SER B 364 -16.63 -24.29 -29.15
N THR B 365 -16.88 -25.28 -30.00
CA THR B 365 -15.85 -26.01 -30.69
C THR B 365 -15.93 -25.74 -32.17
N PRO B 366 -14.83 -25.93 -32.91
CA PRO B 366 -14.89 -25.74 -34.38
C PRO B 366 -15.86 -26.68 -35.09
N ALA B 367 -16.47 -27.65 -34.39
CA ALA B 367 -17.37 -28.61 -35.02
C ALA B 367 -18.82 -28.49 -34.57
N TYR B 368 -19.10 -27.74 -33.50
CA TYR B 368 -20.49 -27.58 -33.06
C TYR B 368 -21.07 -26.29 -33.61
N PRO B 369 -22.25 -26.30 -34.26
CA PRO B 369 -23.10 -27.45 -34.59
C PRO B 369 -22.62 -28.20 -35.81
N ASN B 370 -21.80 -27.55 -36.64
CA ASN B 370 -21.22 -28.18 -37.81
C ASN B 370 -19.81 -27.63 -38.01
N PHE B 371 -19.08 -28.26 -38.92
CA PHE B 371 -17.73 -27.83 -39.23
C PHE B 371 -17.65 -26.48 -39.92
N SER B 372 -18.73 -25.72 -40.10
CA SER B 372 -18.67 -24.35 -40.63
C SER B 372 -18.55 -23.31 -39.54
N ARG B 373 -18.53 -23.72 -38.27
CA ARG B 373 -18.65 -22.78 -37.16
C ARG B 373 -17.62 -21.67 -37.26
N TYR B 374 -16.33 -22.03 -37.34
CA TYR B 374 -15.27 -21.03 -37.31
C TYR B 374 -15.57 -19.90 -38.28
N TRP B 375 -15.82 -20.26 -39.54
CA TRP B 375 -16.02 -19.26 -40.57
C TRP B 375 -17.38 -18.60 -40.47
N ASP B 376 -18.38 -19.30 -39.89
CA ASP B 376 -19.62 -18.64 -39.49
C ASP B 376 -19.33 -17.46 -38.57
N VAL B 377 -18.45 -17.66 -37.58
CA VAL B 377 -18.18 -16.62 -36.61
C VAL B 377 -17.37 -15.49 -37.24
N ILE B 378 -16.36 -15.85 -38.03
CA ILE B 378 -15.53 -14.85 -38.71
C ILE B 378 -16.38 -14.04 -39.70
N GLU B 379 -17.27 -14.69 -40.43
CA GLU B 379 -18.12 -13.95 -41.35
C GLU B 379 -19.07 -13.04 -40.58
N LYS B 380 -19.68 -13.55 -39.51
CA LYS B 380 -20.70 -12.75 -38.82
C LYS B 380 -20.10 -11.48 -38.28
N HIS B 381 -18.97 -11.59 -37.59
CA HIS B 381 -18.39 -10.52 -36.81
C HIS B 381 -17.32 -9.76 -37.58
N LYS B 382 -17.08 -10.12 -38.84
CA LYS B 382 -16.13 -9.45 -39.73
C LYS B 382 -14.72 -9.48 -39.13
N VAL B 383 -14.28 -10.69 -38.78
CA VAL B 383 -12.99 -10.84 -38.10
C VAL B 383 -11.87 -10.50 -39.05
N THR B 384 -10.88 -9.75 -38.54
CA THR B 384 -9.71 -9.30 -39.31
C THR B 384 -8.47 -10.17 -39.10
N GLN B 385 -8.28 -10.77 -37.94
CA GLN B 385 -7.19 -11.70 -37.68
C GLN B 385 -7.76 -12.94 -37.01
N PHE B 386 -7.41 -14.14 -37.53
CA PHE B 386 -7.76 -15.41 -36.91
C PHE B 386 -6.48 -16.14 -36.47
N TYR B 387 -6.51 -16.76 -35.27
CA TYR B 387 -5.34 -17.43 -34.68
C TYR B 387 -5.76 -18.82 -34.18
N VAL B 388 -5.17 -19.86 -34.78
CA VAL B 388 -5.68 -21.24 -34.67
C VAL B 388 -4.49 -22.18 -34.47
N ALA B 389 -4.82 -23.46 -34.21
CA ALA B 389 -3.81 -24.50 -34.09
C ALA B 389 -3.94 -25.49 -35.24
N PRO B 390 -2.84 -26.11 -35.66
CA PRO B 390 -2.92 -27.07 -36.78
C PRO B 390 -3.83 -28.26 -36.50
N THR B 391 -3.98 -28.69 -35.24
CA THR B 391 -4.87 -29.81 -34.95
C THR B 391 -6.31 -29.46 -35.32
N ALA B 392 -6.72 -28.22 -35.08
CA ALA B 392 -8.02 -27.77 -35.55
C ALA B 392 -8.08 -27.74 -37.08
N LEU B 393 -7.00 -27.27 -37.72
CA LEU B 393 -6.99 -27.20 -39.18
C LEU B 393 -7.04 -28.59 -39.80
N ARG B 394 -6.14 -29.49 -39.37
CA ARG B 394 -6.18 -30.86 -39.86
C ARG B 394 -7.58 -31.45 -39.74
N LEU B 395 -8.24 -31.24 -38.59
CA LEU B 395 -9.59 -31.73 -38.38
C LEU B 395 -10.56 -31.15 -39.42
N LEU B 396 -10.39 -29.88 -39.78
CA LEU B 396 -11.33 -29.27 -40.71
C LEU B 396 -11.02 -29.64 -42.16
N LYS B 397 -9.74 -29.75 -42.51
CA LYS B 397 -9.37 -30.18 -43.86
C LYS B 397 -9.93 -31.57 -44.14
N ARG B 398 -9.84 -32.48 -43.17
CA ARG B 398 -10.42 -33.80 -43.30
C ARG B 398 -11.93 -33.74 -43.49
N ALA B 399 -12.60 -32.76 -42.89
CA ALA B 399 -14.05 -32.68 -43.01
C ALA B 399 -14.47 -32.34 -44.45
N GLY B 400 -13.66 -31.58 -45.17
CA GLY B 400 -13.93 -31.31 -46.57
C GLY B 400 -14.02 -29.83 -46.89
N ASP B 401 -13.53 -29.44 -48.06
CA ASP B 401 -13.54 -28.04 -48.46
C ASP B 401 -14.94 -27.48 -48.62
N HIS B 402 -15.98 -28.33 -48.57
CA HIS B 402 -17.35 -27.88 -48.76
C HIS B 402 -17.97 -27.26 -47.50
N HIS B 403 -17.33 -27.37 -46.35
CA HIS B 403 -17.83 -26.71 -45.15
C HIS B 403 -17.47 -25.24 -45.09
N ILE B 404 -16.78 -24.72 -46.11
CA ILE B 404 -16.18 -23.40 -46.12
C ILE B 404 -16.75 -22.68 -47.34
N ASN B 405 -17.76 -21.85 -47.12
CA ASN B 405 -18.29 -20.96 -48.16
C ASN B 405 -18.69 -19.66 -47.48
N HIS B 406 -17.70 -18.84 -47.19
CA HIS B 406 -17.91 -17.56 -46.55
C HIS B 406 -16.96 -16.57 -47.21
N GLU B 407 -17.47 -15.38 -47.52
CA GLU B 407 -16.65 -14.30 -48.04
C GLU B 407 -15.48 -14.01 -47.12
N MET B 408 -15.76 -13.71 -45.86
CA MET B 408 -14.76 -13.28 -44.89
C MET B 408 -13.80 -12.27 -45.54
N LYS B 409 -14.39 -11.18 -46.04
CA LYS B 409 -13.61 -10.22 -46.80
C LYS B 409 -12.64 -9.41 -45.95
N ASP B 410 -12.84 -9.35 -44.64
CA ASP B 410 -11.94 -8.58 -43.78
C ASP B 410 -10.78 -9.39 -43.24
N LEU B 411 -10.69 -10.67 -43.60
CA LEU B 411 -9.78 -11.61 -42.94
C LEU B 411 -8.44 -11.55 -43.66
N ARG B 412 -7.44 -10.93 -43.03
CA ARG B 412 -6.16 -10.70 -43.67
C ARG B 412 -4.97 -11.32 -42.95
N ILE B 413 -5.14 -11.91 -41.77
CA ILE B 413 -4.06 -12.54 -41.03
C ILE B 413 -4.54 -13.90 -40.53
N LEU B 414 -3.76 -14.94 -40.80
CA LEU B 414 -4.06 -16.31 -40.38
C LEU B 414 -2.90 -16.80 -39.52
N GLY B 415 -3.11 -16.82 -38.19
CA GLY B 415 -2.08 -17.27 -37.29
C GLY B 415 -2.12 -18.77 -37.03
N SER B 416 -0.96 -19.33 -36.72
CA SER B 416 -0.87 -20.74 -36.34
C SER B 416 0.15 -20.88 -35.22
N VAL B 417 -0.16 -21.72 -34.24
CA VAL B 417 0.68 -21.89 -33.06
C VAL B 417 0.71 -23.36 -32.63
N GLY B 418 1.85 -23.79 -32.07
CA GLY B 418 1.96 -25.00 -31.27
C GLY B 418 2.79 -26.08 -31.93
N GLU B 419 2.87 -26.06 -33.25
CA GLU B 419 3.67 -26.98 -34.04
C GLU B 419 3.83 -26.38 -35.41
N PRO B 420 4.76 -26.88 -36.21
CA PRO B 420 4.85 -26.40 -37.61
C PRO B 420 3.57 -26.75 -38.37
N ILE B 421 2.99 -25.73 -39.01
CA ILE B 421 1.91 -25.95 -39.94
C ILE B 421 2.51 -26.52 -41.22
N ALA B 422 2.21 -27.80 -41.51
CA ALA B 422 2.87 -28.54 -42.57
C ALA B 422 2.46 -28.02 -43.95
N ALA B 423 3.20 -28.44 -44.98
CA ALA B 423 3.02 -27.89 -46.32
C ALA B 423 1.62 -28.15 -46.87
N GLU B 424 1.10 -29.38 -46.69
CA GLU B 424 -0.26 -29.66 -47.14
C GLU B 424 -1.27 -28.79 -46.41
N VAL B 425 -1.15 -28.72 -45.07
CA VAL B 425 -2.04 -27.88 -44.27
C VAL B 425 -1.83 -26.40 -44.59
N TRP B 426 -0.58 -26.00 -44.84
CA TRP B 426 -0.31 -24.58 -45.09
C TRP B 426 -0.93 -24.13 -46.39
N LYS B 427 -0.89 -24.98 -47.41
CA LYS B 427 -1.48 -24.63 -48.70
C LYS B 427 -3.00 -24.63 -48.62
N TRP B 428 -3.55 -25.51 -47.78
CA TRP B 428 -5.00 -25.52 -47.59
C TRP B 428 -5.45 -24.28 -46.82
N TYR B 429 -4.71 -23.92 -45.77
CA TYR B 429 -4.99 -22.70 -45.00
C TYR B 429 -4.81 -21.46 -45.87
N HIS B 430 -3.81 -21.46 -46.74
CA HIS B 430 -3.57 -20.29 -47.60
C HIS B 430 -4.62 -20.19 -48.69
N GLU B 431 -4.88 -21.30 -49.39
CA GLU B 431 -5.71 -21.26 -50.59
C GLU B 431 -7.20 -21.39 -50.27
N VAL B 432 -7.59 -22.40 -49.49
CA VAL B 432 -9.01 -22.63 -49.25
C VAL B 432 -9.55 -21.67 -48.21
N VAL B 433 -8.89 -21.58 -47.05
CA VAL B 433 -9.43 -20.73 -45.99
C VAL B 433 -9.22 -19.25 -46.31
N GLY B 434 -8.01 -18.87 -46.67
CA GLY B 434 -7.69 -17.47 -46.90
C GLY B 434 -7.86 -16.95 -48.30
N LYS B 435 -8.21 -17.80 -49.27
CA LYS B 435 -8.43 -17.36 -50.66
C LYS B 435 -7.22 -16.62 -51.23
N ARG B 436 -6.01 -17.07 -50.88
CA ARG B 436 -4.77 -16.45 -51.33
C ARG B 436 -4.66 -14.97 -50.96
N GLN B 437 -5.49 -14.49 -50.02
CA GLN B 437 -5.49 -13.08 -49.69
C GLN B 437 -4.98 -12.77 -48.30
N ALA B 438 -4.70 -13.77 -47.47
CA ALA B 438 -4.24 -13.56 -46.12
C ALA B 438 -2.77 -13.96 -45.98
N HIS B 439 -2.16 -13.49 -44.89
CA HIS B 439 -0.78 -13.80 -44.57
C HIS B 439 -0.78 -14.79 -43.41
N ILE B 440 -0.11 -15.93 -43.61
CA ILE B 440 -0.06 -16.99 -42.61
C ILE B 440 1.20 -16.81 -41.79
N VAL B 441 1.03 -16.70 -40.47
CA VAL B 441 2.12 -16.41 -39.55
C VAL B 441 2.28 -17.61 -38.62
N ASP B 442 3.41 -18.31 -38.75
CA ASP B 442 3.69 -19.49 -37.96
C ASP B 442 4.50 -19.02 -36.77
N THR B 443 3.80 -18.71 -35.69
CA THR B 443 4.41 -18.08 -34.51
C THR B 443 4.93 -19.16 -33.56
N TYR B 444 6.25 -19.24 -33.41
CA TYR B 444 6.86 -20.07 -32.37
C TYR B 444 7.01 -19.28 -31.08
N TRP B 445 6.58 -19.88 -29.97
CA TRP B 445 6.81 -19.39 -28.62
C TRP B 445 6.36 -20.46 -27.64
N GLN B 446 6.35 -20.10 -26.36
CA GLN B 446 6.00 -21.01 -25.28
C GLN B 446 5.56 -20.19 -24.07
N THR B 447 4.86 -20.87 -23.16
CA THR B 447 4.39 -20.22 -21.93
C THR B 447 5.48 -19.38 -21.27
N GLU B 448 6.71 -19.90 -21.21
CA GLU B 448 7.81 -19.22 -20.56
C GLU B 448 8.31 -17.96 -21.28
N THR B 449 8.05 -17.81 -22.57
CA THR B 449 8.51 -16.60 -23.28
C THR B 449 7.47 -15.50 -23.26
N GLY B 450 6.24 -15.80 -22.87
CA GLY B 450 5.23 -14.79 -22.65
C GLY B 450 4.52 -14.38 -23.92
N SER B 451 5.26 -14.28 -25.02
CA SER B 451 4.73 -13.81 -26.31
C SER B 451 5.61 -14.36 -27.42
N HIS B 452 5.21 -14.13 -28.69
CA HIS B 452 5.94 -14.66 -29.85
C HIS B 452 7.42 -14.32 -29.76
N VAL B 453 8.26 -15.27 -30.18
CA VAL B 453 9.70 -15.01 -30.17
C VAL B 453 10.34 -15.26 -31.53
N ILE B 454 9.82 -16.21 -32.28
CA ILE B 454 10.27 -16.48 -33.65
C ILE B 454 9.02 -16.61 -34.49
N THR B 455 8.83 -15.69 -35.42
CA THR B 455 7.58 -15.53 -36.13
C THR B 455 7.76 -14.55 -37.28
N PRO B 456 7.07 -14.76 -38.39
CA PRO B 456 6.97 -13.69 -39.39
C PRO B 456 6.21 -12.53 -38.78
N LEU B 457 6.29 -11.38 -39.43
CA LEU B 457 5.53 -10.21 -39.01
C LEU B 457 4.42 -9.99 -40.03
N GLY B 458 3.17 -9.98 -39.57
CA GLY B 458 2.01 -9.82 -40.43
C GLY B 458 2.10 -8.72 -41.46
N GLY B 459 2.06 -9.09 -42.73
CA GLY B 459 2.17 -8.15 -43.82
C GLY B 459 3.57 -7.66 -44.11
N ILE B 460 4.60 -8.27 -43.52
CA ILE B 460 5.98 -7.80 -43.69
C ILE B 460 6.92 -8.93 -44.10
N THR B 461 6.84 -10.05 -43.43
CA THR B 461 7.91 -11.02 -43.62
C THR B 461 7.53 -12.06 -44.66
N PRO B 462 8.37 -12.29 -45.67
CA PRO B 462 8.18 -13.44 -46.56
C PRO B 462 8.35 -14.76 -45.82
N THR B 463 7.48 -15.71 -46.10
CA THR B 463 7.38 -16.91 -45.27
C THR B 463 7.73 -18.17 -46.06
N LYS B 464 7.94 -19.25 -45.31
CA LYS B 464 8.19 -20.57 -45.88
C LYS B 464 7.23 -21.55 -45.22
N PRO B 465 6.52 -22.37 -45.99
CA PRO B 465 5.68 -23.42 -45.37
C PRO B 465 6.54 -24.33 -44.49
N GLY B 466 6.10 -24.50 -43.24
CA GLY B 466 6.78 -25.34 -42.28
C GLY B 466 7.80 -24.64 -41.40
N SER B 467 8.01 -23.34 -41.61
CA SER B 467 9.06 -22.58 -40.94
C SER B 467 8.47 -21.42 -40.16
N ALA B 468 9.07 -21.10 -39.01
CA ALA B 468 8.71 -19.93 -38.20
C ALA B 468 9.42 -18.66 -38.64
N SER B 469 10.26 -18.73 -39.66
CA SER B 469 10.95 -17.59 -40.27
CA SER B 469 10.91 -17.55 -40.23
C SER B 469 11.95 -16.97 -39.28
N LEU B 470 11.74 -15.75 -38.82
CA LEU B 470 12.77 -14.93 -38.20
C LEU B 470 12.45 -14.55 -36.76
N PRO B 471 13.46 -14.22 -35.95
CA PRO B 471 13.21 -13.81 -34.56
C PRO B 471 12.49 -12.47 -34.45
N PHE B 472 11.65 -12.37 -33.42
CA PHE B 472 11.01 -11.11 -33.09
C PHE B 472 12.05 -10.16 -32.51
N PHE B 473 11.62 -8.91 -32.32
CA PHE B 473 12.49 -7.90 -31.72
C PHE B 473 13.01 -8.38 -30.38
N GLY B 474 14.32 -8.22 -30.17
CA GLY B 474 14.94 -8.48 -28.89
C GLY B 474 15.21 -9.94 -28.60
N ILE B 475 14.89 -10.84 -29.52
CA ILE B 475 15.12 -12.25 -29.36
C ILE B 475 16.34 -12.62 -30.18
N ASP B 476 17.38 -13.11 -29.51
CA ASP B 476 18.64 -13.43 -30.19
C ASP B 476 18.87 -14.93 -30.16
N PRO B 477 18.26 -15.69 -31.06
CA PRO B 477 18.43 -17.15 -31.02
C PRO B 477 19.83 -17.57 -31.43
N VAL B 478 20.29 -18.66 -30.81
CA VAL B 478 21.52 -19.34 -31.20
C VAL B 478 21.22 -20.83 -31.27
N ILE B 479 21.99 -21.55 -32.07
CA ILE B 479 21.90 -23.01 -32.18
C ILE B 479 23.07 -23.61 -31.41
N LEU B 480 22.77 -24.46 -30.44
CA LEU B 480 23.77 -25.06 -29.58
C LEU B 480 23.97 -26.53 -29.93
N ASP B 481 25.21 -26.99 -29.79
CA ASP B 481 25.49 -28.41 -29.90
C ASP B 481 24.79 -29.15 -28.76
N PRO B 482 24.05 -30.22 -29.03
CA PRO B 482 23.32 -30.89 -27.94
C PRO B 482 24.21 -31.35 -26.80
N VAL B 483 25.32 -32.04 -27.08
CA VAL B 483 26.15 -32.57 -26.00
C VAL B 483 27.11 -31.49 -25.48
N THR B 484 27.99 -30.97 -26.33
CA THR B 484 29.02 -30.05 -25.86
C THR B 484 28.51 -28.65 -25.57
N GLY B 485 27.25 -28.35 -25.86
CA GLY B 485 26.69 -27.06 -25.54
C GLY B 485 27.29 -25.88 -26.27
N ALA B 486 28.13 -26.10 -27.28
CA ALA B 486 28.81 -25.01 -27.94
C ALA B 486 27.96 -24.41 -29.05
N GLU B 487 28.09 -23.10 -29.21
CA GLU B 487 27.41 -22.38 -30.27
C GLU B 487 27.86 -22.90 -31.63
N ILE B 488 26.89 -23.08 -32.53
CA ILE B 488 27.20 -23.47 -33.89
C ILE B 488 26.94 -22.25 -34.78
N PRO B 489 27.98 -21.57 -35.26
CA PRO B 489 27.79 -20.30 -35.96
C PRO B 489 27.35 -20.52 -37.40
N GLY B 490 26.88 -19.42 -38.01
CA GLY B 490 26.57 -19.42 -39.43
C GLY B 490 25.22 -20.04 -39.73
N ASN B 491 24.92 -20.10 -41.03
CA ASN B 491 23.66 -20.64 -41.52
C ASN B 491 23.81 -22.11 -41.92
N ASP B 492 22.68 -22.74 -42.19
CA ASP B 492 22.59 -24.19 -42.43
C ASP B 492 23.25 -24.95 -41.28
N VAL B 493 22.64 -24.81 -40.10
CA VAL B 493 23.08 -25.47 -38.88
C VAL B 493 21.85 -25.95 -38.11
N GLU B 494 22.03 -27.06 -37.37
CA GLU B 494 20.96 -27.62 -36.55
C GLU B 494 21.52 -27.99 -35.18
N GLY B 495 20.62 -28.01 -34.20
CA GLY B 495 20.95 -28.39 -32.84
C GLY B 495 19.86 -27.99 -31.87
N ILE B 496 20.28 -27.51 -30.68
CA ILE B 496 19.39 -27.07 -29.61
C ILE B 496 19.11 -25.59 -29.78
N LEU B 497 17.85 -25.21 -29.64
CA LEU B 497 17.43 -23.81 -29.80
C LEU B 497 17.54 -23.10 -28.47
N ALA B 498 18.28 -21.99 -28.46
CA ALA B 498 18.51 -21.22 -27.25
C ALA B 498 18.52 -19.74 -27.61
N PHE B 499 18.37 -18.91 -26.60
CA PHE B 499 18.41 -17.47 -26.77
C PHE B 499 19.59 -16.90 -25.97
N ARG B 500 20.30 -15.94 -26.58
CA ARG B 500 21.55 -15.46 -25.98
C ARG B 500 21.34 -14.35 -24.96
N LYS B 501 20.17 -13.73 -24.93
CA LYS B 501 19.94 -12.54 -24.13
C LYS B 501 18.54 -12.58 -23.55
N PRO B 502 18.29 -11.84 -22.47
CA PRO B 502 16.95 -11.79 -21.88
C PRO B 502 16.03 -10.92 -22.73
N TRP B 503 14.73 -11.01 -22.46
CA TRP B 503 13.76 -10.23 -23.21
C TRP B 503 12.63 -9.86 -22.27
N PRO B 504 11.87 -8.81 -22.58
CA PRO B 504 11.00 -8.21 -21.55
C PRO B 504 9.93 -9.14 -21.01
N SER B 505 9.40 -10.07 -21.79
CA SER B 505 8.29 -10.88 -21.32
C SER B 505 8.71 -12.30 -20.90
N MET B 506 10.01 -12.55 -20.71
CA MET B 506 10.46 -13.83 -20.17
C MET B 506 9.81 -14.12 -18.83
N ALA B 507 9.41 -15.38 -18.62
CA ALA B 507 8.97 -15.79 -17.29
C ALA B 507 10.06 -15.49 -16.28
N ARG B 508 9.66 -15.06 -15.08
CA ARG B 508 10.63 -14.60 -14.08
C ARG B 508 10.99 -15.65 -13.03
N THR B 509 10.11 -16.62 -12.76
CA THR B 509 10.41 -17.68 -11.81
C THR B 509 9.42 -18.83 -12.01
N VAL B 510 9.66 -19.89 -11.27
CA VAL B 510 8.68 -20.95 -11.03
C VAL B 510 8.20 -20.76 -9.59
N TRP B 511 6.89 -20.61 -9.43
CA TRP B 511 6.31 -20.20 -8.15
C TRP B 511 6.79 -21.10 -7.02
N GLY B 512 7.39 -20.50 -5.99
CA GLY B 512 7.91 -21.25 -4.86
C GLY B 512 9.15 -22.06 -5.15
N ASP B 513 9.72 -22.00 -6.35
CA ASP B 513 10.88 -22.87 -6.63
C ASP B 513 11.80 -22.19 -7.66
N HIS B 514 12.47 -21.12 -7.25
CA HIS B 514 13.39 -20.44 -8.18
C HIS B 514 14.52 -21.37 -8.62
N LYS B 515 15.02 -22.19 -7.68
CA LYS B 515 16.07 -23.15 -8.02
C LYS B 515 15.64 -24.05 -9.19
N ARG B 516 14.41 -24.54 -9.18
CA ARG B 516 13.92 -25.33 -10.32
C ARG B 516 13.90 -24.48 -11.59
N TYR B 517 13.42 -23.25 -11.49
CA TYR B 517 13.49 -22.34 -12.64
C TYR B 517 14.92 -22.26 -13.19
N MET B 518 15.90 -21.99 -12.31
CA MET B 518 17.29 -21.91 -12.74
C MET B 518 17.73 -23.21 -13.41
N ASP B 519 17.49 -24.34 -12.77
CA ASP B 519 17.97 -25.61 -13.29
C ASP B 519 17.31 -25.99 -14.60
N THR B 520 16.01 -25.68 -14.74
CA THR B 520 15.31 -26.09 -15.94
C THR B 520 15.69 -25.22 -17.14
N TYR B 521 15.84 -23.92 -16.92
CA TYR B 521 15.96 -22.97 -18.03
C TYR B 521 17.32 -22.32 -18.17
N LEU B 522 18.05 -22.09 -17.09
CA LEU B 522 19.19 -21.18 -17.14
C LEU B 522 20.53 -21.78 -16.76
N ASN B 523 20.55 -22.94 -16.09
CA ASN B 523 21.77 -23.65 -15.72
C ASN B 523 22.15 -24.77 -16.69
N VAL B 524 21.29 -25.10 -17.65
CA VAL B 524 21.62 -26.16 -18.60
C VAL B 524 22.74 -25.70 -19.52
N TYR B 525 22.62 -24.51 -20.06
CA TYR B 525 23.60 -23.91 -20.97
C TYR B 525 23.85 -22.51 -20.43
N LYS B 526 24.86 -22.38 -19.56
CA LYS B 526 25.02 -21.17 -18.76
C LYS B 526 25.36 -19.99 -19.66
N GLY B 527 24.66 -18.90 -19.47
CA GLY B 527 24.72 -17.78 -20.38
C GLY B 527 23.65 -17.78 -21.44
N PHE B 528 22.86 -18.85 -21.57
CA PHE B 528 21.77 -18.91 -22.55
C PHE B 528 20.44 -19.29 -21.87
N TYR B 529 19.35 -19.03 -22.58
CA TYR B 529 18.03 -19.52 -22.20
C TYR B 529 17.69 -20.76 -23.03
N PHE B 530 17.36 -21.86 -22.37
CA PHE B 530 17.15 -23.15 -23.03
C PHE B 530 15.66 -23.35 -23.27
N THR B 531 15.27 -23.55 -24.53
CA THR B 531 13.85 -23.63 -24.88
C THR B 531 13.26 -25.01 -24.68
N GLY B 532 14.09 -26.05 -24.59
CA GLY B 532 13.60 -27.40 -24.69
C GLY B 532 13.34 -27.88 -26.10
N ASP B 533 13.61 -27.06 -27.11
CA ASP B 533 13.28 -27.39 -28.49
C ASP B 533 14.54 -27.49 -29.33
N GLY B 534 14.52 -28.41 -30.29
CA GLY B 534 15.56 -28.46 -31.30
C GLY B 534 15.18 -27.63 -32.50
N ALA B 535 16.19 -27.20 -33.26
CA ALA B 535 15.89 -26.33 -34.38
C ALA B 535 17.00 -26.40 -35.42
N GLY B 536 16.66 -26.01 -36.65
CA GLY B 536 17.64 -25.71 -37.66
C GLY B 536 17.45 -24.30 -38.20
N ARG B 537 18.55 -23.71 -38.65
CA ARG B 537 18.56 -22.40 -39.29
C ARG B 537 19.12 -22.58 -40.69
N ASP B 538 18.26 -22.38 -41.71
CA ASP B 538 18.57 -22.86 -43.06
C ASP B 538 19.46 -21.85 -43.80
N HIS B 539 19.67 -22.10 -45.11
CA HIS B 539 20.57 -21.28 -45.92
C HIS B 539 20.31 -19.79 -45.76
N GLU B 540 19.05 -19.39 -45.66
CA GLU B 540 18.69 -17.98 -45.59
C GLU B 540 18.58 -17.43 -44.18
N GLY B 541 18.95 -18.22 -43.17
CA GLY B 541 18.78 -17.79 -41.80
C GLY B 541 17.38 -17.93 -41.26
N TYR B 542 16.50 -18.66 -41.95
CA TYR B 542 15.17 -18.93 -41.45
C TYR B 542 15.21 -20.10 -40.48
N TYR B 543 14.37 -20.05 -39.44
CA TYR B 543 14.33 -21.08 -38.42
C TYR B 543 13.27 -22.13 -38.72
N TRP B 544 13.60 -23.38 -38.44
CA TRP B 544 12.67 -24.51 -38.50
C TRP B 544 12.72 -25.23 -37.15
N ILE B 545 11.57 -25.32 -36.48
CA ILE B 545 11.51 -25.94 -35.16
C ILE B 545 11.31 -27.44 -35.32
N ARG B 546 12.15 -28.23 -34.65
CA ARG B 546 12.07 -29.69 -34.72
C ARG B 546 11.16 -30.29 -33.67
N GLY B 547 10.96 -29.62 -32.55
CA GLY B 547 10.15 -30.15 -31.48
C GLY B 547 10.97 -30.45 -30.23
N ARG B 548 10.27 -30.94 -29.21
CA ARG B 548 10.85 -31.08 -27.89
C ARG B 548 11.96 -32.14 -27.89
N VAL B 549 13.10 -31.78 -27.28
CA VAL B 549 14.18 -32.73 -27.02
C VAL B 549 14.03 -33.40 -25.68
N ASP B 550 12.99 -33.06 -24.92
CA ASP B 550 12.71 -33.62 -23.60
C ASP B 550 11.40 -34.40 -23.65
N ASP B 551 10.92 -34.80 -22.48
CA ASP B 551 9.75 -35.68 -22.35
C ASP B 551 8.45 -34.89 -22.26
N VAL B 552 8.39 -33.80 -23.03
CA VAL B 552 7.17 -33.03 -23.24
C VAL B 552 6.67 -33.36 -24.64
N VAL B 553 5.41 -33.78 -24.73
CA VAL B 553 4.80 -34.07 -26.02
C VAL B 553 3.59 -33.16 -26.17
N ASN B 554 3.26 -32.83 -27.42
CA ASN B 554 2.14 -31.94 -27.71
C ASN B 554 1.03 -32.78 -28.35
N VAL B 555 -0.09 -32.89 -27.62
CA VAL B 555 -1.23 -33.72 -28.00
C VAL B 555 -2.43 -32.81 -28.20
N SER B 556 -2.98 -32.77 -29.41
CA SER B 556 -4.10 -31.89 -29.74
C SER B 556 -3.81 -30.45 -29.35
N GLY B 557 -2.54 -30.05 -29.44
CA GLY B 557 -2.12 -28.74 -29.03
C GLY B 557 -1.97 -28.55 -27.54
N HIS B 558 -2.25 -29.58 -26.73
CA HIS B 558 -2.10 -29.50 -25.28
C HIS B 558 -0.71 -29.96 -24.87
N ARG B 559 -0.09 -29.21 -23.95
CA ARG B 559 1.28 -29.47 -23.54
C ARG B 559 1.24 -30.43 -22.35
N LEU B 560 1.87 -31.59 -22.52
CA LEU B 560 1.81 -32.66 -21.53
C LEU B 560 3.18 -33.27 -21.32
N SER B 561 3.43 -33.70 -20.10
CA SER B 561 4.61 -34.49 -19.79
C SER B 561 4.21 -35.95 -19.74
N THR B 562 4.99 -36.79 -20.43
CA THR B 562 4.83 -38.23 -20.27
C THR B 562 5.05 -38.66 -18.84
N ALA B 563 5.78 -37.86 -18.06
CA ALA B 563 6.06 -38.20 -16.66
C ALA B 563 4.77 -38.25 -15.84
N GLU B 564 3.96 -37.19 -15.89
CA GLU B 564 2.76 -37.18 -15.06
C GLU B 564 1.66 -38.09 -15.59
N ILE B 565 1.71 -38.49 -16.87
CA ILE B 565 0.81 -39.54 -17.32
C ILE B 565 1.30 -40.90 -16.81
N GLU B 566 2.60 -41.14 -16.86
CA GLU B 566 3.17 -42.32 -16.19
C GLU B 566 2.80 -42.33 -14.72
N ALA B 567 2.90 -41.18 -14.05
CA ALA B 567 2.60 -41.10 -12.62
C ALA B 567 1.14 -41.40 -12.35
N ALA B 568 0.25 -40.99 -13.26
CA ALA B 568 -1.17 -41.24 -13.09
C ALA B 568 -1.47 -42.73 -13.22
N LEU B 569 -0.87 -43.39 -14.21
CA LEU B 569 -1.10 -44.84 -14.38
C LEU B 569 -0.61 -45.64 -13.17
N ILE B 570 0.59 -45.31 -12.65
CA ILE B 570 1.14 -45.99 -11.48
C ILE B 570 0.20 -45.91 -10.29
N GLU B 571 -0.55 -44.82 -10.18
CA GLU B 571 -1.55 -44.65 -9.13
C GLU B 571 -2.61 -45.76 -9.14
N HIS B 572 -2.71 -46.55 -10.21
CA HIS B 572 -3.57 -47.71 -10.21
C HIS B 572 -2.88 -48.86 -9.49
N HIS B 573 -3.64 -49.59 -8.66
CA HIS B 573 -3.03 -50.56 -7.78
C HIS B 573 -2.42 -51.74 -8.54
N CYS B 574 -3.00 -52.11 -9.68
CA CYS B 574 -2.47 -53.22 -10.46
C CYS B 574 -1.19 -52.87 -11.21
N VAL B 575 -0.96 -51.60 -11.50
CA VAL B 575 0.18 -51.19 -12.29
C VAL B 575 1.42 -51.10 -11.41
N ALA B 576 2.53 -51.69 -11.87
CA ALA B 576 3.82 -51.58 -11.20
C ALA B 576 4.71 -50.53 -11.86
N GLU B 577 5.07 -50.73 -13.12
CA GLU B 577 5.84 -49.76 -13.89
C GLU B 577 5.00 -49.24 -15.06
N ALA B 578 5.23 -47.97 -15.42
CA ALA B 578 4.51 -47.31 -16.49
C ALA B 578 5.49 -46.54 -17.37
N ALA B 579 5.25 -46.59 -18.69
CA ALA B 579 6.05 -45.85 -19.66
C ALA B 579 5.11 -45.21 -20.66
N VAL B 580 5.25 -43.90 -20.86
CA VAL B 580 4.45 -43.14 -21.82
C VAL B 580 5.41 -42.42 -22.76
N VAL B 581 5.09 -42.44 -24.04
CA VAL B 581 5.97 -41.90 -25.08
C VAL B 581 5.09 -41.30 -26.17
N GLY B 582 5.62 -40.32 -26.89
CA GLY B 582 4.91 -39.65 -27.94
C GLY B 582 5.28 -40.18 -29.31
N VAL B 583 4.27 -40.61 -30.06
CA VAL B 583 4.46 -41.10 -31.42
C VAL B 583 3.63 -40.23 -32.36
N PRO B 584 4.07 -40.00 -33.60
CA PRO B 584 3.31 -39.12 -34.51
C PRO B 584 1.90 -39.62 -34.75
N ASP B 585 1.03 -38.68 -35.14
CA ASP B 585 -0.39 -38.91 -35.33
C ASP B 585 -0.88 -38.02 -36.47
N PRO B 586 -1.65 -38.55 -37.43
CA PRO B 586 -2.04 -37.74 -38.59
C PRO B 586 -3.00 -36.61 -38.26
N LEU B 587 -3.64 -36.63 -37.09
CA LEU B 587 -4.63 -35.64 -36.71
C LEU B 587 -4.17 -34.78 -35.53
N THR B 588 -3.63 -35.40 -34.48
CA THR B 588 -3.22 -34.70 -33.28
C THR B 588 -1.71 -34.43 -33.24
N GLY B 589 -1.02 -34.56 -34.38
CA GLY B 589 0.40 -34.29 -34.45
C GLY B 589 1.25 -35.38 -33.83
N GLN B 590 1.03 -35.64 -32.54
CA GLN B 590 1.67 -36.72 -31.83
C GLN B 590 0.65 -37.35 -30.90
N ALA B 591 0.75 -38.67 -30.71
CA ALA B 591 -0.16 -39.42 -29.85
C ALA B 591 0.63 -40.00 -28.69
N VAL B 592 0.00 -40.03 -27.52
CA VAL B 592 0.62 -40.58 -26.31
C VAL B 592 0.13 -42.01 -26.17
N HIS B 593 1.03 -42.97 -26.39
CA HIS B 593 0.73 -44.38 -26.16
C HIS B 593 1.37 -44.81 -24.86
N ALA B 594 0.63 -45.59 -24.08
CA ALA B 594 1.03 -45.95 -22.72
C ALA B 594 1.27 -47.45 -22.62
N PHE B 595 2.39 -47.80 -21.99
CA PHE B 595 2.69 -49.16 -21.62
C PHE B 595 2.60 -49.29 -20.10
N VAL B 596 2.22 -50.47 -19.64
CA VAL B 596 2.07 -50.75 -18.21
C VAL B 596 2.53 -52.16 -17.94
N ALA B 597 3.41 -52.32 -16.96
CA ALA B 597 3.80 -53.63 -16.44
C ALA B 597 2.93 -53.91 -15.22
N LEU B 598 2.25 -55.04 -15.24
CA LEU B 598 1.36 -55.42 -14.15
C LEU B 598 2.17 -55.96 -12.98
N LYS B 599 1.56 -55.92 -11.79
CA LYS B 599 2.16 -56.47 -10.58
C LYS B 599 1.60 -57.83 -10.21
N SER B 600 0.30 -58.05 -10.41
CA SER B 600 -0.36 -59.30 -10.06
C SER B 600 -1.12 -59.82 -11.27
N GLY B 601 -1.69 -61.01 -11.11
CA GLY B 601 -2.42 -61.63 -12.21
C GLY B 601 -3.84 -61.13 -12.37
N ASN B 602 -4.03 -60.15 -13.25
CA ASN B 602 -5.35 -59.61 -13.55
C ASN B 602 -5.99 -60.46 -14.65
N ASP B 603 -7.19 -60.99 -14.36
CA ASP B 603 -7.87 -61.92 -15.24
C ASP B 603 -8.86 -61.25 -16.19
N ASN B 604 -9.00 -59.93 -16.14
CA ASN B 604 -9.90 -59.21 -17.04
C ASN B 604 -9.16 -57.98 -17.55
N ARG B 605 -8.54 -58.10 -18.72
CA ARG B 605 -7.78 -57.01 -19.29
C ARG B 605 -8.64 -56.03 -20.09
N GLU B 606 -9.81 -56.46 -20.59
CA GLU B 606 -10.78 -55.51 -21.10
C GLU B 606 -11.28 -54.58 -19.98
N GLN B 607 -11.51 -55.15 -18.80
CA GLN B 607 -11.84 -54.33 -17.64
C GLN B 607 -10.64 -53.50 -17.20
N LEU B 608 -9.43 -53.98 -17.47
CA LEU B 608 -8.24 -53.28 -17.04
C LEU B 608 -8.04 -51.98 -17.81
N GLN B 609 -8.30 -51.99 -19.12
CA GLN B 609 -8.15 -50.78 -19.92
C GLN B 609 -9.11 -49.70 -19.46
N LYS B 610 -10.36 -50.06 -19.17
CA LYS B 610 -11.33 -49.08 -18.67
C LYS B 610 -10.84 -48.43 -17.39
N GLU B 611 -10.25 -49.22 -16.48
CA GLU B 611 -9.78 -48.64 -15.22
C GLU B 611 -8.55 -47.78 -15.42
N LEU B 612 -7.67 -48.14 -16.35
CA LEU B 612 -6.46 -47.36 -16.58
C LEU B 612 -6.76 -46.11 -17.39
N ILE B 613 -7.63 -46.21 -18.38
CA ILE B 613 -8.03 -45.04 -19.16
C ILE B 613 -8.76 -44.03 -18.27
N MET B 614 -9.70 -44.52 -17.45
CA MET B 614 -10.37 -43.62 -16.50
C MET B 614 -9.41 -43.07 -15.46
N GLN B 615 -8.36 -43.81 -15.12
CA GLN B 615 -7.41 -43.35 -14.11
C GLN B 615 -6.75 -42.06 -14.54
N VAL B 616 -6.25 -42.01 -15.78
CA VAL B 616 -5.63 -40.80 -16.28
C VAL B 616 -6.67 -39.72 -16.49
N ARG B 617 -7.89 -40.10 -16.89
CA ARG B 617 -9.00 -39.16 -16.94
C ARG B 617 -9.26 -38.52 -15.59
N LYS B 618 -9.00 -39.24 -14.50
CA LYS B 618 -9.24 -38.77 -13.13
C LYS B 618 -8.07 -37.95 -12.58
N SER B 619 -6.84 -38.36 -12.85
CA SER B 619 -5.71 -37.63 -12.28
C SER B 619 -5.46 -36.32 -13.02
N ILE B 620 -5.66 -36.32 -14.33
CA ILE B 620 -5.27 -35.18 -15.15
C ILE B 620 -6.52 -34.56 -15.78
N GLY B 621 -7.23 -35.36 -16.58
CA GLY B 621 -8.45 -34.93 -17.21
C GLY B 621 -8.71 -35.71 -18.48
N PRO B 622 -9.94 -35.65 -19.00
CA PRO B 622 -10.26 -36.37 -20.25
C PRO B 622 -9.29 -36.09 -21.39
N PHE B 623 -8.81 -34.85 -21.54
CA PHE B 623 -8.02 -34.48 -22.70
C PHE B 623 -6.63 -35.11 -22.72
N ALA B 624 -6.14 -35.63 -21.60
CA ALA B 624 -4.85 -36.30 -21.56
C ALA B 624 -4.97 -37.83 -21.53
N ALA B 625 -6.15 -38.37 -21.80
CA ALA B 625 -6.32 -39.83 -21.71
C ALA B 625 -5.54 -40.51 -22.83
N PRO B 626 -4.70 -41.50 -22.54
CA PRO B 626 -3.97 -42.19 -23.61
C PRO B 626 -4.91 -42.89 -24.57
N LYS B 627 -4.49 -42.97 -25.83
CA LYS B 627 -5.32 -43.59 -26.86
C LYS B 627 -5.62 -45.04 -26.51
N VAL B 628 -4.58 -45.82 -26.21
CA VAL B 628 -4.70 -47.18 -25.70
C VAL B 628 -3.60 -47.41 -24.67
N VAL B 629 -3.83 -48.37 -23.78
CA VAL B 629 -2.85 -48.75 -22.77
C VAL B 629 -2.41 -50.18 -23.06
N PHE B 630 -1.12 -50.36 -23.29
CA PHE B 630 -0.55 -51.67 -23.54
C PHE B 630 -0.16 -52.34 -22.23
N VAL B 631 -0.45 -53.64 -22.13
CA VAL B 631 -0.08 -54.45 -20.98
C VAL B 631 1.06 -55.37 -21.41
N ILE B 632 2.17 -55.31 -20.66
CA ILE B 632 3.34 -56.13 -20.94
C ILE B 632 4.02 -56.45 -19.62
N ASP B 633 5.19 -57.08 -19.68
CA ASP B 633 5.96 -57.38 -18.46
C ASP B 633 7.42 -57.66 -18.79
N MET B 644 14.26 -47.65 -20.94
CA MET B 644 14.59 -47.37 -22.34
C MET B 644 13.37 -46.87 -23.11
N ARG B 645 13.02 -45.60 -22.91
CA ARG B 645 11.83 -45.05 -23.55
C ARG B 645 11.96 -45.00 -25.07
N ARG B 646 13.19 -45.00 -25.60
CA ARG B 646 13.38 -44.82 -27.04
C ARG B 646 12.88 -46.03 -27.82
N ILE B 647 13.14 -47.25 -27.34
CA ILE B 647 12.79 -48.45 -28.08
C ILE B 647 11.29 -48.56 -28.32
N LEU B 648 10.48 -47.93 -27.48
CA LEU B 648 9.04 -47.90 -27.71
C LEU B 648 8.69 -46.95 -28.85
N ARG B 649 9.28 -45.76 -28.86
CA ARG B 649 8.99 -44.75 -29.89
C ARG B 649 9.29 -45.27 -31.28
N LYS B 650 10.35 -46.09 -31.41
CA LYS B 650 10.76 -46.56 -32.74
C LYS B 650 9.85 -47.67 -33.25
N ILE B 651 9.45 -48.60 -32.39
CA ILE B 651 8.53 -49.65 -32.81
C ILE B 651 7.17 -49.06 -33.16
N LEU B 652 6.67 -48.14 -32.32
CA LEU B 652 5.39 -47.49 -32.57
C LEU B 652 5.52 -46.46 -33.69
N ILE B 674 12.59 -59.74 -24.58
CA ILE B 674 11.48 -58.80 -24.44
C ILE B 674 11.49 -57.75 -25.55
N ILE B 675 12.58 -57.74 -26.34
CA ILE B 675 12.63 -56.86 -27.50
C ILE B 675 11.69 -57.37 -28.58
N ASP B 676 11.70 -58.68 -28.84
CA ASP B 676 10.76 -59.27 -29.79
C ASP B 676 9.38 -59.49 -29.19
N THR B 677 9.27 -59.49 -27.86
CA THR B 677 7.98 -59.70 -27.20
C THR B 677 7.10 -58.45 -27.24
N PHE B 678 7.69 -57.28 -27.44
CA PHE B 678 6.90 -56.08 -27.67
C PHE B 678 6.54 -55.90 -29.14
N HIS B 679 7.37 -56.44 -30.05
CA HIS B 679 7.09 -56.32 -31.48
C HIS B 679 5.81 -57.06 -31.86
N GLU B 680 5.58 -58.22 -31.24
CA GLU B 680 4.33 -58.95 -31.47
C GLU B 680 3.15 -58.35 -30.73
N TRP B 681 3.40 -57.57 -29.66
CA TRP B 681 2.30 -57.02 -28.86
C TRP B 681 1.61 -55.87 -29.56
N LYS B 682 2.32 -55.12 -30.41
CA LYS B 682 1.69 -54.00 -31.11
C LYS B 682 0.70 -54.49 -32.15
N LYS B 683 0.95 -55.63 -32.77
CA LYS B 683 0.00 -56.23 -33.70
C LYS B 683 -1.06 -56.97 -32.90
N ALA B 684 -2.25 -56.38 -32.80
CA ALA B 684 -3.36 -57.01 -32.09
C ALA B 684 -4.67 -56.85 -32.85
N PRO C 26 42.04 29.59 32.87
CA PRO C 26 41.40 28.81 31.79
C PRO C 26 40.25 27.95 32.30
N VAL C 27 39.00 28.35 32.01
CA VAL C 27 37.84 27.62 32.50
C VAL C 27 37.85 26.18 31.98
N VAL C 28 38.20 26.00 30.71
CA VAL C 28 38.33 24.66 30.12
C VAL C 28 39.76 24.22 30.39
N VAL C 29 39.94 23.48 31.50
CA VAL C 29 41.29 23.16 31.97
C VAL C 29 42.00 22.18 31.04
N GLU C 30 41.26 21.32 30.35
CA GLU C 30 41.88 20.43 29.37
C GLU C 30 42.49 21.20 28.20
N ALA C 31 42.01 22.41 27.95
CA ALA C 31 42.47 23.22 26.81
C ALA C 31 43.44 24.31 27.25
N HIS C 32 44.43 23.95 28.06
CA HIS C 32 45.48 24.87 28.47
C HIS C 32 46.73 24.50 27.68
N GLN C 33 47.10 25.37 26.74
CA GLN C 33 48.33 25.21 25.94
C GLN C 33 48.31 23.93 25.12
N VAL C 34 47.13 23.51 24.66
CA VAL C 34 47.00 22.48 23.65
C VAL C 34 46.82 23.19 22.31
N ASP C 35 47.84 23.13 21.47
CA ASP C 35 47.70 23.74 20.15
C ASP C 35 46.99 22.78 19.21
N THR C 36 46.46 23.35 18.13
CA THR C 36 45.88 22.56 17.06
C THR C 36 46.97 21.92 16.22
N PHE C 37 46.65 20.76 15.64
CA PHE C 37 47.53 20.08 14.71
C PHE C 37 46.90 20.11 13.33
N ASP C 38 47.65 20.59 12.33
CA ASP C 38 47.14 20.63 10.97
C ASP C 38 47.11 19.24 10.36
N VAL C 39 46.23 19.06 9.37
CA VAL C 39 46.18 17.86 8.56
C VAL C 39 47.57 17.63 7.97
N PRO C 40 48.12 16.41 8.03
CA PRO C 40 49.43 16.18 7.43
C PRO C 40 49.43 16.53 5.94
N GLY C 41 50.48 17.22 5.51
CA GLY C 41 50.63 17.50 4.09
C GLY C 41 50.71 16.26 3.24
N VAL C 42 51.14 15.13 3.82
CA VAL C 42 51.17 13.86 3.11
C VAL C 42 49.75 13.41 2.75
N PHE C 43 48.75 13.81 3.53
CA PHE C 43 47.36 13.42 3.27
C PHE C 43 46.95 13.76 1.84
N TYR C 44 47.25 14.99 1.40
CA TYR C 44 46.80 15.44 0.09
C TYR C 44 47.63 14.83 -1.03
N GLU C 45 48.95 14.76 -0.85
CA GLU C 45 49.83 14.27 -1.90
C GLU C 45 49.46 12.85 -2.34
N ASN C 46 49.01 12.03 -1.39
CA ASN C 46 48.70 10.64 -1.69
C ASN C 46 47.22 10.41 -1.99
N HIS C 47 46.37 11.38 -1.67
CA HIS C 47 44.92 11.24 -1.83
C HIS C 47 44.56 10.88 -3.27
N PRO C 48 43.71 9.88 -3.51
CA PRO C 48 43.39 9.46 -4.88
C PRO C 48 42.43 10.39 -5.61
N HIS C 49 41.77 11.33 -4.90
CA HIS C 49 40.74 12.18 -5.46
C HIS C 49 40.87 13.59 -4.89
N GLU C 50 39.97 14.48 -5.32
CA GLU C 50 39.86 15.80 -4.71
C GLU C 50 38.99 15.72 -3.45
N PRO C 51 39.41 16.33 -2.34
CA PRO C 51 38.54 16.37 -1.15
C PRO C 51 37.25 17.11 -1.44
N HIS C 52 36.23 16.84 -0.63
CA HIS C 52 34.91 17.36 -0.93
C HIS C 52 34.78 18.83 -0.55
N LEU C 53 35.63 19.35 0.33
CA LEU C 53 35.70 20.78 0.61
C LEU C 53 37.07 21.32 0.23
N SER C 54 37.12 22.63 0.00
CA SER C 54 38.32 23.33 -0.42
C SER C 54 39.23 23.71 0.73
N GLY C 55 38.80 23.49 1.96
CA GLY C 55 39.50 23.96 3.13
C GLY C 55 38.49 24.40 4.17
N MET C 56 38.99 24.99 5.25
CA MET C 56 38.16 25.40 6.36
C MET C 56 37.21 26.54 5.99
N ASN C 57 37.60 27.42 5.06
CA ASN C 57 36.69 28.50 4.71
CA ASN C 57 36.73 28.50 4.64
C ASN C 57 35.40 27.97 4.09
N GLU C 58 35.46 26.88 3.34
CA GLU C 58 34.20 26.39 2.80
C GLU C 58 33.37 25.68 3.87
N TYR C 59 34.01 25.01 4.84
CA TYR C 59 33.23 24.50 5.98
C TYR C 59 32.50 25.63 6.68
N ASN C 60 33.18 26.76 6.90
CA ASN C 60 32.56 27.87 7.63
C ASN C 60 31.38 28.44 6.87
N GLN C 61 31.53 28.67 5.56
CA GLN C 61 30.40 29.06 4.73
C GLN C 61 29.24 28.06 4.84
N LEU C 62 29.53 26.77 4.62
CA LEU C 62 28.45 25.79 4.63
C LEU C 62 27.84 25.65 6.02
N TYR C 63 28.65 25.69 7.07
CA TYR C 63 28.12 25.57 8.42
C TYR C 63 27.18 26.72 8.76
N GLN C 64 27.62 27.96 8.47
CA GLN C 64 26.75 29.12 8.67
C GLN C 64 25.44 29.00 7.88
N GLN C 65 25.51 28.55 6.62
CA GLN C 65 24.27 28.34 5.90
C GLN C 65 23.41 27.25 6.52
N SER C 66 24.06 26.20 7.06
CA SER C 66 23.28 25.11 7.65
C SER C 66 22.58 25.54 8.94
N ILE C 67 23.04 26.61 9.59
CA ILE C 67 22.39 27.15 10.79
C ILE C 67 21.43 28.28 10.46
N ASN C 68 21.81 29.16 9.53
CA ASN C 68 20.98 30.31 9.20
C ASN C 68 19.92 30.00 8.16
N ASP C 69 20.12 29.01 7.31
CA ASP C 69 19.13 28.64 6.30
C ASP C 69 19.08 27.12 6.14
N PRO C 70 18.73 26.41 7.22
CA PRO C 70 18.70 24.94 7.13
C PRO C 70 17.79 24.43 6.04
N ASP C 71 16.70 25.14 5.74
CA ASP C 71 15.78 24.59 4.75
C ASP C 71 16.39 24.61 3.36
N THR C 72 17.19 25.63 3.03
CA THR C 72 17.96 25.60 1.78
C THR C 72 19.11 24.61 1.86
N PHE C 73 19.94 24.71 2.91
CA PHE C 73 21.13 23.87 3.03
C PHE C 73 20.78 22.39 2.96
N TRP C 74 19.73 21.97 3.68
CA TRP C 74 19.46 20.54 3.76
C TRP C 74 18.70 20.04 2.52
N ALA C 75 17.92 20.89 1.86
CA ALA C 75 17.25 20.45 0.66
C ALA C 75 18.27 20.07 -0.41
N ARG C 76 19.36 20.85 -0.52
CA ARG C 76 20.38 20.58 -1.53
C ARG C 76 21.23 19.39 -1.11
N MET C 77 21.63 19.33 0.15
CA MET C 77 22.36 18.17 0.65
C MET C 77 21.60 16.86 0.41
N ALA C 78 20.29 16.86 0.69
CA ALA C 78 19.50 15.66 0.52
C ALA C 78 19.36 15.30 -0.96
N ARG C 79 19.12 16.30 -1.80
CA ARG C 79 18.99 16.03 -3.23
C ARG C 79 20.33 15.66 -3.85
N ASP C 80 21.44 16.19 -3.33
CA ASP C 80 22.76 15.67 -3.68
C ASP C 80 22.88 14.18 -3.40
N LEU C 81 22.58 13.76 -2.16
CA LEU C 81 23.07 12.47 -1.66
C LEU C 81 22.07 11.34 -1.71
N ILE C 82 20.78 11.62 -1.86
CA ILE C 82 19.75 10.61 -1.72
C ILE C 82 18.85 10.65 -2.94
N THR C 83 18.52 9.47 -3.47
CA THR C 83 17.64 9.35 -4.62
C THR C 83 16.22 9.10 -4.11
N PHE C 84 15.34 10.08 -4.31
CA PHE C 84 13.92 9.98 -3.95
C PHE C 84 13.06 9.47 -5.11
N GLU C 85 12.07 8.64 -4.76
CA GLU C 85 11.02 8.27 -5.72
C GLU C 85 10.13 9.47 -6.03
N LYS C 86 9.81 10.24 -5.01
CA LYS C 86 8.97 11.41 -5.12
C LYS C 86 9.67 12.49 -4.31
N ASP C 87 9.97 13.62 -4.97
CA ASP C 87 10.68 14.71 -4.32
C ASP C 87 9.90 15.17 -3.10
N PHE C 88 10.61 15.72 -2.11
CA PHE C 88 9.93 16.18 -0.91
C PHE C 88 9.42 17.61 -1.11
N ASP C 89 8.40 17.97 -0.32
CA ASP C 89 7.75 19.28 -0.46
C ASP C 89 8.35 20.34 0.43
N LYS C 90 8.91 19.94 1.57
CA LYS C 90 9.43 20.89 2.53
C LYS C 90 10.52 20.20 3.33
N THR C 91 11.61 20.93 3.59
CA THR C 91 12.78 20.34 4.22
C THR C 91 12.47 19.92 5.66
N HIS C 92 11.81 20.78 6.43
CA HIS C 92 11.61 20.53 7.85
C HIS C 92 10.35 21.22 8.35
N ILE C 93 9.58 20.52 9.17
CA ILE C 93 8.50 21.10 9.95
C ILE C 93 8.67 20.62 11.39
N GLY C 94 7.98 21.28 12.31
CA GLY C 94 8.10 20.96 13.71
C GLY C 94 9.17 21.78 14.41
N THR C 95 9.29 21.55 15.72
CA THR C 95 10.24 22.24 16.58
C THR C 95 10.79 21.25 17.59
N LEU C 96 11.86 21.64 18.27
CA LEU C 96 12.43 20.82 19.32
C LEU C 96 11.46 20.69 20.50
N GLU C 97 10.90 21.82 20.95
CA GLU C 97 9.98 21.79 22.07
C GLU C 97 8.72 20.99 21.74
N GLY C 98 8.31 21.02 20.47
CA GLY C 98 7.09 20.34 20.07
C GLY C 98 7.23 18.85 19.94
N GLY C 99 8.46 18.35 19.93
CA GLY C 99 8.69 16.92 19.75
C GLY C 99 8.05 16.38 18.49
N ASP C 100 8.03 17.18 17.42
CA ASP C 100 7.24 16.88 16.23
C ASP C 100 8.05 17.09 14.96
N ASN C 101 9.37 16.93 15.05
CA ASN C 101 10.22 17.20 13.91
C ASN C 101 10.00 16.18 12.80
N ALA C 102 9.79 16.68 11.60
CA ALA C 102 9.68 15.89 10.40
C ALA C 102 10.53 16.56 9.33
N TRP C 103 11.24 15.75 8.56
CA TRP C 103 12.24 16.21 7.61
C TRP C 103 11.93 15.60 6.24
N PHE C 104 12.01 16.43 5.21
CA PHE C 104 11.76 15.99 3.85
C PHE C 104 10.35 15.43 3.69
N VAL C 105 9.37 16.12 4.28
CA VAL C 105 8.00 15.64 4.26
C VAL C 105 7.46 15.68 2.83
N GLY C 106 6.60 14.72 2.51
CA GLY C 106 6.11 14.57 1.16
C GLY C 106 6.99 13.71 0.29
N GLY C 107 8.22 13.43 0.72
CA GLY C 107 9.12 12.61 -0.05
C GLY C 107 8.84 11.13 0.12
N ARG C 108 9.18 10.37 -0.92
CA ARG C 108 9.09 8.92 -0.88
C ARG C 108 10.41 8.34 -1.38
N LEU C 109 10.82 7.24 -0.77
CA LEU C 109 12.11 6.62 -1.05
C LEU C 109 12.14 5.26 -0.40
N ASN C 110 13.29 4.60 -0.54
CA ASN C 110 13.51 3.32 0.09
C ASN C 110 14.99 3.24 0.39
N ALA C 111 15.32 2.86 1.62
CA ALA C 111 16.71 2.83 2.04
C ALA C 111 17.49 1.76 1.30
N SER C 112 16.90 0.59 1.04
CA SER C 112 17.67 -0.41 0.31
C SER C 112 17.87 0.01 -1.15
N PHE C 113 16.94 0.75 -1.74
CA PHE C 113 17.20 1.26 -3.09
C PHE C 113 18.43 2.16 -3.10
N ASN C 114 18.61 2.95 -2.05
CA ASN C 114 19.71 3.89 -1.99
C ASN C 114 21.02 3.26 -1.55
N CYS C 115 20.95 2.15 -0.83
CA CYS C 115 22.13 1.41 -0.42
C CYS C 115 22.55 0.35 -1.45
N VAL C 116 21.65 -0.09 -2.33
CA VAL C 116 21.93 -1.23 -3.21
C VAL C 116 21.53 -0.96 -4.66
N ASP C 117 20.23 -0.80 -4.93
CA ASP C 117 19.76 -0.78 -6.32
C ASP C 117 20.51 0.24 -7.14
N ARG C 118 20.58 1.50 -6.66
CA ARG C 118 21.09 2.55 -7.55
C ARG C 118 22.56 2.33 -7.87
N HIS C 119 23.28 1.65 -6.97
CA HIS C 119 24.68 1.32 -7.22
C HIS C 119 24.80 0.09 -8.11
N ALA C 120 23.95 -0.91 -7.86
CA ALA C 120 23.89 -2.08 -8.73
C ALA C 120 23.49 -1.71 -10.15
N MET C 121 22.62 -0.73 -10.32
CA MET C 121 22.22 -0.30 -11.66
C MET C 121 23.39 0.37 -12.39
N ARG C 122 24.26 1.07 -11.67
CA ARG C 122 25.37 1.77 -12.31
C ARG C 122 26.59 0.88 -12.49
N ASP C 123 26.88 0.01 -11.54
CA ASP C 123 28.09 -0.79 -11.62
C ASP C 123 27.89 -2.11 -10.87
N PRO C 124 27.30 -3.12 -11.51
CA PRO C 124 26.92 -4.33 -10.77
C PRO C 124 28.10 -5.05 -10.13
N ASN C 125 29.30 -4.96 -10.70
CA ASN C 125 30.40 -5.81 -10.26
C ASN C 125 31.34 -5.13 -9.27
N LYS C 126 31.02 -3.92 -8.83
CA LYS C 126 31.79 -3.27 -7.78
C LYS C 126 31.53 -3.94 -6.44
N VAL C 127 32.60 -4.17 -5.69
CA VAL C 127 32.51 -4.85 -4.40
C VAL C 127 31.79 -3.95 -3.41
N ALA C 128 30.70 -4.45 -2.83
CA ALA C 128 30.01 -3.65 -1.81
C ALA C 128 30.47 -4.03 -0.41
N ILE C 129 30.66 -5.33 -0.16
CA ILE C 129 30.96 -5.83 1.17
C ILE C 129 32.22 -6.69 1.08
N ILE C 130 33.19 -6.40 1.94
CA ILE C 130 34.30 -7.32 2.18
C ILE C 130 34.03 -8.02 3.49
N TYR C 131 33.74 -9.30 3.45
CA TYR C 131 33.57 -10.08 4.67
C TYR C 131 34.92 -10.61 5.11
N GLU C 132 35.31 -10.30 6.35
CA GLU C 132 36.48 -10.91 6.95
C GLU C 132 36.01 -11.78 8.10
N ALA C 133 36.26 -13.08 8.00
CA ALA C 133 35.73 -14.06 8.93
C ALA C 133 36.64 -14.17 10.17
N ASP C 134 36.14 -14.89 11.18
CA ASP C 134 36.86 -15.00 12.44
C ASP C 134 38.26 -15.57 12.21
N GLU C 135 38.37 -16.60 11.37
CA GLU C 135 39.66 -17.11 10.97
C GLU C 135 40.20 -16.31 9.79
N PRO C 136 41.46 -15.88 9.83
CA PRO C 136 42.05 -15.22 8.65
C PRO C 136 42.01 -16.13 7.43
N GLY C 137 42.11 -15.50 6.26
CA GLY C 137 42.16 -16.26 5.03
C GLY C 137 40.83 -16.81 4.57
N HIS C 138 39.78 -16.63 5.36
CA HIS C 138 38.45 -16.95 4.89
C HIS C 138 37.77 -15.65 4.47
N GLY C 139 36.44 -15.62 4.49
CA GLY C 139 35.74 -14.47 3.99
C GLY C 139 35.61 -14.49 2.49
N ARG C 140 35.00 -13.42 1.97
CA ARG C 140 34.68 -13.28 0.57
C ARG C 140 34.35 -11.83 0.32
N SER C 141 34.39 -11.42 -0.95
CA SER C 141 33.90 -10.12 -1.36
C SER C 141 32.58 -10.28 -2.08
N ILE C 142 31.70 -9.30 -1.87
CA ILE C 142 30.32 -9.38 -2.29
C ILE C 142 29.98 -8.14 -3.11
N THR C 143 29.65 -8.34 -4.39
CA THR C 143 29.36 -7.22 -5.28
C THR C 143 27.96 -6.64 -5.04
N TYR C 144 27.76 -5.43 -5.59
CA TYR C 144 26.48 -4.75 -5.45
C TYR C 144 25.34 -5.54 -6.09
N ALA C 145 25.58 -6.15 -7.26
CA ALA C 145 24.56 -7.03 -7.82
C ALA C 145 24.32 -8.26 -6.95
N GLU C 146 25.38 -8.82 -6.37
CA GLU C 146 25.19 -9.95 -5.47
C GLU C 146 24.41 -9.54 -4.22
N LEU C 147 24.69 -8.33 -3.71
CA LEU C 147 23.94 -7.80 -2.57
C LEU C 147 22.47 -7.61 -2.92
N LEU C 148 22.17 -7.11 -4.13
CA LEU C 148 20.77 -6.95 -4.52
C LEU C 148 20.05 -8.29 -4.52
N LYS C 149 20.73 -9.34 -4.98
CA LYS C 149 20.11 -10.66 -5.07
C LYS C 149 19.76 -11.19 -3.68
N GLU C 150 20.72 -11.10 -2.74
CA GLU C 150 20.55 -11.68 -1.41
C GLU C 150 19.55 -10.88 -0.59
N VAL C 151 19.54 -9.55 -0.76
CA VAL C 151 18.57 -8.69 -0.11
C VAL C 151 17.16 -8.99 -0.62
N SER C 152 17.01 -9.20 -1.94
CA SER C 152 15.70 -9.45 -2.54
C SER C 152 15.12 -10.79 -2.09
N ARG C 153 15.95 -11.84 -2.09
CA ARG C 153 15.36 -13.14 -1.85
C ARG C 153 15.17 -13.40 -0.36
N LEU C 154 15.93 -12.74 0.50
CA LEU C 154 15.60 -12.73 1.92
C LEU C 154 14.32 -11.93 2.19
N ALA C 155 14.14 -10.80 1.49
CA ALA C 155 12.89 -10.06 1.58
C ALA C 155 11.70 -10.93 1.15
N TRP C 156 11.89 -11.73 0.09
CA TRP C 156 10.88 -12.69 -0.32
C TRP C 156 10.49 -13.63 0.81
N VAL C 157 11.48 -14.14 1.55
CA VAL C 157 11.19 -15.11 2.62
C VAL C 157 10.28 -14.47 3.65
N MET C 158 10.65 -13.27 4.10
CA MET C 158 9.87 -12.56 5.09
C MET C 158 8.47 -12.29 4.59
N LYS C 159 8.37 -11.79 3.36
CA LYS C 159 7.08 -11.55 2.72
C LYS C 159 6.25 -12.84 2.66
N SER C 160 6.85 -13.95 2.22
CA SER C 160 6.09 -15.19 2.11
C SER C 160 5.67 -15.74 3.47
N GLN C 161 6.41 -15.44 4.51
CA GLN C 161 5.98 -15.84 5.85
C GLN C 161 5.04 -14.83 6.48
N GLY C 162 4.70 -13.76 5.76
CA GLY C 162 3.67 -12.84 6.21
C GLY C 162 4.17 -11.60 6.91
N VAL C 163 5.47 -11.30 6.87
CA VAL C 163 5.95 -10.01 7.34
C VAL C 163 5.45 -8.93 6.39
N ARG C 164 4.99 -7.82 6.95
CA ARG C 164 4.44 -6.74 6.16
C ARG C 164 5.05 -5.41 6.56
N LYS C 165 4.83 -4.44 5.67
CA LYS C 165 5.26 -3.06 5.89
C LYS C 165 4.81 -2.57 7.27
N GLY C 166 5.74 -1.99 8.01
CA GLY C 166 5.44 -1.52 9.36
C GLY C 166 5.61 -2.55 10.47
N ASP C 167 5.71 -3.85 10.16
CA ASP C 167 6.04 -4.85 11.19
C ASP C 167 7.49 -4.71 11.61
N THR C 168 7.76 -4.95 12.89
CA THR C 168 9.14 -5.01 13.38
C THR C 168 9.69 -6.42 13.20
N VAL C 169 11.02 -6.51 13.10
CA VAL C 169 11.70 -7.78 12.87
C VAL C 169 12.93 -7.81 13.76
N ALA C 170 13.00 -8.79 14.66
CA ALA C 170 14.12 -8.95 15.57
C ALA C 170 15.31 -9.57 14.82
N ILE C 171 16.50 -9.06 15.09
CA ILE C 171 17.71 -9.56 14.45
C ILE C 171 18.74 -9.86 15.53
N TYR C 172 19.14 -11.13 15.64
CA TYR C 172 20.13 -11.55 16.62
C TYR C 172 21.26 -12.24 15.85
N LEU C 173 22.16 -11.42 15.29
CA LEU C 173 23.18 -11.91 14.38
C LEU C 173 24.54 -11.34 14.75
N PRO C 174 25.60 -12.12 14.55
CA PRO C 174 26.96 -11.60 14.72
C PRO C 174 27.40 -10.79 13.50
N MET C 175 28.69 -10.47 13.39
CA MET C 175 29.21 -9.62 12.31
C MET C 175 29.55 -10.47 11.09
N ILE C 176 28.51 -10.74 10.30
CA ILE C 176 28.63 -11.47 9.04
C ILE C 176 27.76 -10.78 8.01
N PRO C 177 28.09 -10.93 6.72
CA PRO C 177 27.39 -10.11 5.71
C PRO C 177 25.90 -10.36 5.73
N GLU C 178 25.50 -11.54 6.18
CA GLU C 178 24.08 -11.85 6.33
C GLU C 178 23.39 -10.82 7.21
N ALA C 179 24.12 -10.22 8.15
CA ALA C 179 23.55 -9.16 8.97
C ALA C 179 23.17 -7.95 8.12
N ILE C 180 24.04 -7.56 7.19
CA ILE C 180 23.67 -6.49 6.27
C ILE C 180 22.48 -6.91 5.43
N PHE C 181 22.49 -8.15 4.91
CA PHE C 181 21.34 -8.63 4.15
C PHE C 181 20.04 -8.45 4.94
N ALA C 182 20.09 -8.75 6.25
CA ALA C 182 18.88 -8.74 7.07
C ALA C 182 18.36 -7.32 7.27
N LEU C 183 19.22 -6.40 7.69
CA LEU C 183 18.82 -4.99 7.79
C LEU C 183 18.21 -4.49 6.49
N LEU C 184 18.89 -4.76 5.37
CA LEU C 184 18.46 -4.12 4.14
C LEU C 184 17.24 -4.82 3.54
N ALA C 185 17.06 -6.12 3.82
CA ALA C 185 15.84 -6.80 3.41
C ALA C 185 14.64 -6.25 4.16
N CYS C 186 14.79 -6.02 5.46
CA CYS C 186 13.74 -5.34 6.22
C CYS C 186 13.41 -3.98 5.61
N ALA C 187 14.42 -3.15 5.38
CA ALA C 187 14.20 -1.86 4.76
C ALA C 187 13.50 -1.99 3.41
N ARG C 188 13.80 -3.06 2.66
CA ARG C 188 13.24 -3.19 1.31
C ARG C 188 11.73 -3.40 1.33
N ILE C 189 11.21 -4.14 2.30
CA ILE C 189 9.78 -4.36 2.37
C ILE C 189 9.11 -3.39 3.32
N GLY C 190 9.88 -2.50 3.93
CA GLY C 190 9.29 -1.54 4.85
C GLY C 190 9.11 -2.07 6.26
N ALA C 191 9.57 -3.29 6.54
CA ALA C 191 9.62 -3.75 7.92
C ALA C 191 10.65 -2.93 8.68
N ILE C 192 10.57 -2.98 10.00
CA ILE C 192 11.36 -2.11 10.87
C ILE C 192 12.36 -2.99 11.60
N HIS C 193 13.65 -2.92 11.22
CA HIS C 193 14.58 -3.85 11.79
C HIS C 193 14.96 -3.41 13.19
N SER C 194 15.20 -4.39 14.07
CA SER C 194 15.44 -4.15 15.50
C SER C 194 16.60 -5.05 15.89
N VAL C 195 17.82 -4.52 15.81
CA VAL C 195 19.00 -5.37 15.94
C VAL C 195 19.32 -5.56 17.41
N VAL C 196 19.57 -6.80 17.81
CA VAL C 196 19.93 -7.13 19.18
C VAL C 196 21.36 -7.67 19.17
N PHE C 197 22.26 -6.92 19.81
CA PHE C 197 23.66 -7.26 19.98
C PHE C 197 23.85 -8.74 20.32
N ALA C 198 24.63 -9.45 19.52
CA ALA C 198 24.81 -10.88 19.71
C ALA C 198 25.40 -11.25 21.08
N GLY C 199 25.84 -10.28 21.88
CA GLY C 199 26.34 -10.55 23.22
C GLY C 199 25.31 -10.47 24.33
N PHE C 200 24.07 -10.10 24.01
CA PHE C 200 23.00 -10.03 25.00
C PHE C 200 22.53 -11.41 25.44
N SER C 201 22.08 -11.50 26.68
CA SER C 201 21.54 -12.74 27.20
C SER C 201 20.15 -13.00 26.64
N SER C 202 19.63 -14.19 26.94
CA SER C 202 18.28 -14.55 26.51
CA SER C 202 18.28 -14.55 26.53
C SER C 202 17.25 -13.57 27.07
N ASP C 203 17.37 -13.19 28.35
CA ASP C 203 16.47 -12.20 28.96
C ASP C 203 16.45 -10.90 28.17
N SER C 204 17.63 -10.35 27.89
CA SER C 204 17.72 -9.11 27.10
C SER C 204 17.10 -9.27 25.73
N LEU C 205 17.40 -10.39 25.05
CA LEU C 205 16.79 -10.65 23.75
C LEU C 205 15.27 -10.65 23.85
N ARG C 206 14.75 -11.30 24.90
CA ARG C 206 13.31 -11.42 25.11
C ARG C 206 12.67 -10.06 25.32
N ASP C 207 13.20 -9.26 26.26
CA ASP C 207 12.64 -7.93 26.53
C ASP C 207 12.56 -7.10 25.26
N ARG C 208 13.63 -7.12 24.46
CA ARG C 208 13.64 -6.32 23.23
C ARG C 208 12.66 -6.87 22.19
N THR C 209 12.53 -8.20 22.10
CA THR C 209 11.62 -8.79 21.11
C THR C 209 10.15 -8.59 21.52
N LEU C 210 9.86 -8.67 22.83
CA LEU C 210 8.51 -8.41 23.32
C LEU C 210 8.11 -6.96 23.13
N ASP C 211 8.97 -6.04 23.56
CA ASP C 211 8.64 -4.63 23.45
C ASP C 211 8.42 -4.22 22.00
N ALA C 212 9.25 -4.72 21.09
CA ALA C 212 9.05 -4.37 19.68
C ALA C 212 7.95 -5.20 19.03
N ARG C 213 7.39 -6.15 19.77
CA ARG C 213 6.31 -7.02 19.32
C ARG C 213 6.64 -7.62 17.95
N SER C 214 7.88 -8.07 17.80
CA SER C 214 8.30 -8.71 16.57
C SER C 214 7.70 -10.10 16.46
N LYS C 215 7.26 -10.45 15.26
CA LYS C 215 6.67 -11.76 14.99
C LYS C 215 7.60 -12.66 14.20
N PHE C 216 8.74 -12.14 13.79
CA PHE C 216 9.72 -12.82 12.97
C PHE C 216 11.07 -12.46 13.56
N ILE C 217 11.96 -13.44 13.67
CA ILE C 217 13.31 -13.21 14.19
C ILE C 217 14.31 -13.90 13.27
N ILE C 218 15.48 -13.30 13.11
CA ILE C 218 16.54 -13.82 12.26
C ILE C 218 17.77 -14.04 13.13
N THR C 219 18.37 -15.23 13.03
CA THR C 219 19.55 -15.53 13.85
C THR C 219 20.43 -16.55 13.12
N THR C 220 21.50 -16.98 13.79
CA THR C 220 22.43 -18.01 13.30
C THR C 220 22.28 -19.29 14.14
N ASP C 221 22.85 -20.39 13.63
CA ASP C 221 22.93 -21.58 14.48
C ASP C 221 23.90 -21.32 15.63
N GLU C 222 25.11 -20.85 15.32
CA GLU C 222 26.10 -20.47 16.33
C GLU C 222 26.97 -19.34 15.79
N GLY C 223 27.68 -18.67 16.69
CA GLY C 223 28.59 -17.60 16.33
C GLY C 223 30.03 -17.95 16.68
N LYS C 224 30.96 -17.52 15.82
CA LYS C 224 32.39 -17.68 16.06
C LYS C 224 33.01 -16.29 16.23
N ARG C 225 33.45 -15.97 17.45
CA ARG C 225 34.15 -14.72 17.71
C ARG C 225 35.39 -15.00 18.56
N GLY C 226 36.56 -14.60 18.06
CA GLY C 226 37.79 -14.87 18.76
C GLY C 226 38.11 -16.34 18.90
N GLY C 227 37.61 -17.18 18.00
CA GLY C 227 37.76 -18.61 18.12
C GLY C 227 36.80 -19.26 19.08
N LYS C 228 35.89 -18.50 19.67
CA LYS C 228 35.00 -19.00 20.72
C LYS C 228 33.60 -19.18 20.14
N VAL C 229 32.91 -20.22 20.60
CA VAL C 229 31.58 -20.55 20.12
C VAL C 229 30.55 -19.84 20.99
N ILE C 230 29.57 -19.21 20.34
CA ILE C 230 28.51 -18.46 20.98
C ILE C 230 27.20 -19.16 20.59
N GLY C 231 26.51 -19.72 21.58
CA GLY C 231 25.35 -20.53 21.30
C GLY C 231 24.11 -19.72 20.96
N THR C 232 24.12 -19.03 19.81
CA THR C 232 23.04 -18.11 19.50
C THR C 232 21.69 -18.82 19.40
N LYS C 233 21.63 -19.97 18.72
CA LYS C 233 20.34 -20.66 18.60
C LYS C 233 19.77 -21.02 19.97
N LYS C 234 20.59 -21.63 20.84
CA LYS C 234 20.06 -22.04 22.15
C LYS C 234 19.58 -20.83 22.93
N ILE C 235 20.29 -19.71 22.80
CA ILE C 235 19.85 -18.48 23.45
C ILE C 235 18.51 -18.03 22.89
N VAL C 236 18.34 -18.10 21.57
CA VAL C 236 17.07 -17.70 20.96
C VAL C 236 15.93 -18.60 21.44
N ASP C 237 16.17 -19.91 21.53
CA ASP C 237 15.11 -20.81 21.99
C ASP C 237 14.65 -20.41 23.39
N GLU C 238 15.61 -20.15 24.29
CA GLU C 238 15.25 -19.70 25.64
C GLU C 238 14.38 -18.45 25.60
N ALA C 239 14.82 -17.41 24.86
CA ALA C 239 14.07 -16.17 24.78
C ALA C 239 12.67 -16.39 24.20
N LEU C 240 12.56 -17.22 23.15
CA LEU C 240 11.30 -17.38 22.44
C LEU C 240 10.23 -18.11 23.25
N LYS C 241 10.63 -18.90 24.27
CA LYS C 241 9.68 -19.50 25.20
C LYS C 241 8.76 -18.47 25.84
N GLN C 242 9.18 -17.21 25.88
CA GLN C 242 8.40 -16.15 26.50
C GLN C 242 8.05 -15.08 25.48
N CYS C 243 8.10 -15.42 24.21
CA CYS C 243 7.72 -14.54 23.10
C CYS C 243 6.74 -15.30 22.22
N PRO C 244 5.49 -15.47 22.66
CA PRO C 244 4.58 -16.36 21.94
C PRO C 244 4.09 -15.79 20.60
N ASP C 245 4.35 -14.52 20.30
CA ASP C 245 3.95 -13.95 19.03
C ASP C 245 4.98 -14.15 17.92
N VAL C 246 6.16 -14.68 18.24
CA VAL C 246 7.14 -15.04 17.22
C VAL C 246 6.70 -16.34 16.57
N THR C 247 6.31 -16.28 15.29
CA THR C 247 5.80 -17.45 14.59
C THR C 247 6.78 -18.01 13.57
N ASN C 248 7.90 -17.35 13.37
CA ASN C 248 8.92 -17.86 12.46
C ASN C 248 10.27 -17.39 12.96
N CYS C 249 11.26 -18.27 12.85
CA CYS C 249 12.63 -17.99 13.23
C CYS C 249 13.50 -18.51 12.10
N LEU C 250 14.14 -17.58 11.38
CA LEU C 250 14.98 -17.88 10.23
C LEU C 250 16.42 -18.04 10.69
N VAL C 251 17.02 -19.19 10.40
CA VAL C 251 18.30 -19.57 10.98
C VAL C 251 19.31 -19.68 9.85
N PHE C 252 20.39 -18.89 9.95
CA PHE C 252 21.51 -19.02 9.03
C PHE C 252 22.52 -20.02 9.57
N LYS C 253 22.92 -20.97 8.72
CA LYS C 253 23.88 -22.01 9.09
C LYS C 253 25.30 -21.43 9.06
N ARG C 254 25.70 -20.81 10.17
CA ARG C 254 27.05 -20.26 10.27
C ARG C 254 28.08 -21.35 10.51
N THR C 255 27.79 -22.29 11.43
CA THR C 255 28.77 -23.30 11.81
C THR C 255 28.41 -24.72 11.39
N GLY C 256 27.15 -24.99 11.03
CA GLY C 256 26.77 -26.34 10.69
C GLY C 256 26.60 -27.29 11.86
N ALA C 257 26.74 -26.83 13.09
CA ALA C 257 26.60 -27.73 14.23
C ALA C 257 25.14 -28.09 14.46
N ASP C 258 24.93 -29.28 15.03
CA ASP C 258 23.60 -29.69 15.46
C ASP C 258 23.06 -28.74 16.52
N VAL C 259 21.94 -28.11 16.23
CA VAL C 259 21.26 -27.22 17.16
C VAL C 259 19.85 -27.72 17.36
N PRO C 260 19.22 -27.38 18.48
CA PRO C 260 17.81 -27.72 18.65
C PRO C 260 16.99 -27.10 17.54
N TRP C 261 15.94 -27.80 17.14
CA TRP C 261 15.14 -27.38 16.00
C TRP C 261 13.68 -27.56 16.34
N THR C 262 12.94 -26.46 16.29
CA THR C 262 11.51 -26.41 16.57
C THR C 262 10.79 -26.42 15.22
N LYS C 263 10.27 -27.59 14.82
CA LYS C 263 9.60 -27.72 13.54
C LYS C 263 8.31 -26.91 13.53
N GLY C 264 7.99 -26.35 12.36
CA GLY C 264 6.85 -25.47 12.24
C GLY C 264 7.12 -24.02 12.61
N ARG C 265 8.25 -23.74 13.24
CA ARG C 265 8.63 -22.37 13.57
C ARG C 265 9.97 -21.99 12.98
N ASP C 266 10.97 -22.86 13.08
CA ASP C 266 12.29 -22.60 12.55
C ASP C 266 12.36 -22.91 11.05
N LEU C 267 13.17 -22.13 10.34
CA LEU C 267 13.38 -22.30 8.91
C LEU C 267 14.85 -22.12 8.60
N TRP C 268 15.36 -22.87 7.62
CA TRP C 268 16.76 -22.72 7.24
C TRP C 268 16.89 -21.61 6.19
N TRP C 269 17.73 -20.62 6.48
CA TRP C 269 17.97 -19.52 5.56
C TRP C 269 18.25 -20.02 4.15
N HIS C 270 19.23 -20.92 4.00
CA HIS C 270 19.62 -21.40 2.67
C HIS C 270 18.50 -22.17 1.98
N GLU C 271 17.73 -22.97 2.73
CA GLU C 271 16.57 -23.65 2.15
C GLU C 271 15.52 -22.67 1.63
N GLU C 272 15.21 -21.64 2.42
CA GLU C 272 14.09 -20.78 2.01
C GLU C 272 14.47 -19.85 0.86
N VAL C 273 15.66 -19.22 0.90
CA VAL C 273 15.99 -18.24 -0.15
C VAL C 273 16.06 -18.91 -1.51
N ASP C 274 16.47 -20.19 -1.57
CA ASP C 274 16.50 -20.92 -2.82
C ASP C 274 15.14 -21.09 -3.45
N LYS C 275 14.06 -20.78 -2.73
CA LYS C 275 12.71 -20.88 -3.27
C LYS C 275 12.31 -19.71 -4.14
N TYR C 276 12.99 -18.57 -4.00
CA TYR C 276 12.44 -17.28 -4.34
C TYR C 276 13.29 -16.52 -5.36
N PRO C 277 12.67 -15.60 -6.11
CA PRO C 277 13.41 -14.86 -7.16
C PRO C 277 14.53 -14.04 -6.56
N ASN C 278 15.52 -13.75 -7.41
CA ASN C 278 16.69 -12.98 -7.06
C ASN C 278 16.45 -11.49 -7.17
N TYR C 279 15.22 -11.07 -7.45
CA TYR C 279 14.86 -9.66 -7.46
C TYR C 279 13.49 -9.49 -6.83
N LEU C 280 13.33 -8.42 -6.06
CA LEU C 280 12.06 -8.12 -5.45
C LEU C 280 11.92 -6.62 -5.60
N PRO C 281 10.76 -6.13 -6.01
CA PRO C 281 10.49 -4.68 -5.99
C PRO C 281 10.70 -4.10 -4.59
N ALA C 282 11.18 -2.87 -4.54
CA ALA C 282 11.32 -2.15 -3.28
C ALA C 282 10.02 -1.42 -2.93
N GLU C 283 9.61 -1.54 -1.67
CA GLU C 283 8.39 -0.91 -1.19
C GLU C 283 8.61 0.60 -1.03
N SER C 284 7.66 1.39 -1.55
CA SER C 284 7.74 2.85 -1.50
C SER C 284 7.43 3.36 -0.10
N MET C 285 8.41 3.99 0.55
CA MET C 285 8.27 4.45 1.94
C MET C 285 8.18 5.96 2.01
N ASP C 286 7.48 6.44 3.02
CA ASP C 286 7.49 7.86 3.32
C ASP C 286 8.83 8.25 3.94
N SER C 287 9.23 9.52 3.73
CA SER C 287 10.42 10.03 4.41
C SER C 287 10.36 9.75 5.91
N GLU C 288 9.16 9.79 6.49
CA GLU C 288 9.03 9.67 7.93
C GLU C 288 8.49 8.32 8.39
N ASP C 289 8.49 7.30 7.52
CA ASP C 289 8.17 5.94 7.99
C ASP C 289 9.34 5.44 8.85
N PRO C 290 9.07 4.66 9.91
CA PRO C 290 10.18 4.14 10.71
C PRO C 290 11.06 3.25 9.85
N LEU C 291 12.37 3.44 10.01
CA LEU C 291 13.42 2.59 9.46
C LEU C 291 13.94 1.56 10.45
N PHE C 292 14.22 1.94 11.71
CA PHE C 292 14.62 0.92 12.66
C PHE C 292 14.40 1.38 14.09
N LEU C 293 14.53 0.41 15.00
CA LEU C 293 14.56 0.56 16.46
C LEU C 293 15.91 0.03 16.94
N LEU C 294 16.51 0.73 17.91
CA LEU C 294 17.80 0.30 18.45
C LEU C 294 17.71 0.47 19.96
N TYR C 295 17.47 -0.63 20.68
CA TYR C 295 17.29 -0.52 22.12
C TYR C 295 18.57 -0.02 22.76
N THR C 296 18.42 1.01 23.60
CA THR C 296 19.54 1.76 24.13
C THR C 296 19.32 2.00 25.62
N SER C 297 20.38 1.86 26.40
CA SER C 297 20.28 1.98 27.85
C SER C 297 20.35 3.46 28.25
N GLY C 298 19.36 3.92 29.00
CA GLY C 298 19.31 5.26 29.50
C GLY C 298 19.60 5.34 30.99
N SER C 299 19.50 6.55 31.52
CA SER C 299 19.85 6.80 32.90
C SER C 299 18.91 6.07 33.87
N THR C 300 17.64 5.91 33.51
CA THR C 300 16.68 5.22 34.35
C THR C 300 15.86 4.27 33.50
N GLY C 301 15.26 3.29 34.16
CA GLY C 301 14.30 2.41 33.52
C GLY C 301 14.95 1.37 32.61
N LYS C 302 14.08 0.60 31.97
CA LYS C 302 14.50 -0.42 31.03
C LYS C 302 15.02 0.21 29.74
N PRO C 303 15.75 -0.54 28.92
CA PRO C 303 16.26 0.03 27.66
C PRO C 303 15.13 0.59 26.81
N LYS C 304 15.42 1.70 26.14
CA LYS C 304 14.47 2.42 25.30
C LYS C 304 14.68 2.03 23.85
N GLY C 305 13.58 1.78 23.14
CA GLY C 305 13.67 1.54 21.71
C GLY C 305 13.80 2.82 20.91
N VAL C 306 15.02 3.35 20.78
CA VAL C 306 15.22 4.58 19.99
C VAL C 306 14.84 4.31 18.54
N MET C 307 13.95 5.15 17.99
CA MET C 307 13.39 4.95 16.64
CA MET C 307 13.41 4.94 16.65
C MET C 307 13.96 5.97 15.66
N HIS C 308 14.53 5.49 14.55
CA HIS C 308 14.94 6.35 13.45
C HIS C 308 14.04 6.13 12.25
N THR C 309 13.62 7.23 11.63
CA THR C 309 12.84 7.17 10.40
C THR C 309 13.81 7.19 9.21
N THR C 310 13.30 7.44 8.01
CA THR C 310 14.01 7.00 6.82
C THR C 310 14.84 8.11 6.17
N ALA C 311 14.21 9.18 5.67
CA ALA C 311 14.97 10.13 4.85
C ALA C 311 16.01 10.90 5.67
N GLY C 312 15.60 11.51 6.80
CA GLY C 312 16.55 12.27 7.60
C GLY C 312 17.75 11.46 8.07
N TYR C 313 17.49 10.24 8.59
CA TYR C 313 18.58 9.34 9.02
C TYR C 313 19.59 9.10 7.90
N LEU C 314 19.09 8.75 6.70
CA LEU C 314 19.98 8.42 5.60
C LEU C 314 20.76 9.66 5.13
N VAL C 315 20.11 10.81 5.11
CA VAL C 315 20.81 12.06 4.78
C VAL C 315 21.97 12.31 5.73
N GLY C 316 21.72 12.18 7.05
CA GLY C 316 22.78 12.36 8.02
C GLY C 316 23.88 11.32 7.88
N ALA C 317 23.51 10.06 7.64
CA ALA C 317 24.49 9.01 7.39
C ALA C 317 25.35 9.35 6.18
N ALA C 318 24.71 9.64 5.06
CA ALA C 318 25.49 9.92 3.87
C ALA C 318 26.32 11.20 4.04
N ALA C 319 25.74 12.26 4.62
CA ALA C 319 26.46 13.53 4.72
C ALA C 319 27.64 13.46 5.69
N THR C 320 27.57 12.61 6.73
CA THR C 320 28.73 12.46 7.59
C THR C 320 29.74 11.50 6.98
N GLY C 321 29.26 10.42 6.38
CA GLY C 321 30.16 9.56 5.63
C GLY C 321 31.01 10.36 4.65
N LYS C 322 30.36 11.25 3.92
CA LYS C 322 31.05 12.04 2.90
C LYS C 322 32.02 13.04 3.52
N TYR C 323 31.55 13.89 4.42
CA TYR C 323 32.35 15.05 4.85
C TYR C 323 33.21 14.78 6.08
N VAL C 324 32.79 13.93 7.00
CA VAL C 324 33.64 13.58 8.15
C VAL C 324 34.71 12.57 7.74
N PHE C 325 34.28 11.47 7.12
CA PHE C 325 35.19 10.37 6.80
C PHE C 325 35.73 10.47 5.38
N ASP C 326 35.48 11.59 4.70
CA ASP C 326 36.03 11.85 3.38
C ASP C 326 35.86 10.62 2.47
N ILE C 327 34.64 10.12 2.40
CA ILE C 327 34.36 8.87 1.69
C ILE C 327 34.12 9.14 0.21
N HIS C 328 34.86 8.44 -0.64
CA HIS C 328 34.72 8.47 -2.09
C HIS C 328 34.32 7.08 -2.59
N PRO C 329 33.66 6.98 -3.75
CA PRO C 329 33.13 5.67 -4.18
C PRO C 329 34.16 4.56 -4.22
N ALA C 330 35.42 4.87 -4.49
CA ALA C 330 36.44 3.84 -4.58
C ALA C 330 36.97 3.41 -3.22
N ASP C 331 36.42 3.94 -2.14
CA ASP C 331 37.01 3.73 -0.83
C ASP C 331 36.65 2.36 -0.26
N ARG C 332 37.56 1.81 0.53
CA ARG C 332 37.33 0.59 1.29
C ARG C 332 37.25 1.04 2.74
N PHE C 333 36.02 1.14 3.25
CA PHE C 333 35.73 1.66 4.57
C PHE C 333 35.64 0.52 5.58
N PHE C 334 36.34 0.66 6.70
CA PHE C 334 36.41 -0.36 7.75
C PHE C 334 35.99 0.27 9.08
N CYS C 335 34.76 0.06 9.51
CA CYS C 335 34.31 0.39 10.85
C CYS C 335 34.39 -0.86 11.73
N GLY C 336 35.14 -0.77 12.83
CA GLY C 336 35.27 -1.89 13.75
C GLY C 336 34.16 -2.09 14.77
N GLY C 337 33.04 -1.40 14.63
CA GLY C 337 31.98 -1.54 15.60
C GLY C 337 30.98 -2.60 15.22
N ASP C 338 30.26 -3.10 16.23
CA ASP C 338 29.32 -4.18 16.02
C ASP C 338 28.00 -3.64 15.48
N VAL C 339 27.39 -4.40 14.57
CA VAL C 339 26.09 -4.00 14.04
C VAL C 339 25.07 -3.86 15.16
N GLY C 340 25.26 -4.53 16.29
CA GLY C 340 24.35 -4.41 17.41
C GLY C 340 24.24 -3.01 17.99
N TRP C 341 25.14 -2.11 17.60
CA TRP C 341 25.18 -0.74 18.11
C TRP C 341 25.07 0.26 16.96
N ILE C 342 24.88 1.52 17.32
CA ILE C 342 24.59 2.53 16.30
C ILE C 342 25.81 2.78 15.41
N THR C 343 27.01 2.68 15.95
CA THR C 343 28.20 2.82 15.11
C THR C 343 28.16 1.83 13.96
N GLY C 344 27.79 0.59 14.23
CA GLY C 344 27.64 -0.38 13.17
C GLY C 344 26.44 -0.09 12.28
N HIS C 345 25.32 0.33 12.87
CA HIS C 345 24.19 0.71 12.03
C HIS C 345 24.62 1.76 11.01
N THR C 346 25.14 2.89 11.49
CA THR C 346 25.31 4.04 10.59
C THR C 346 26.56 3.94 9.74
N TYR C 347 27.64 3.31 10.25
CA TYR C 347 28.91 3.38 9.57
C TYR C 347 29.50 2.03 9.11
N VAL C 348 29.07 0.89 9.65
CA VAL C 348 29.36 -0.34 8.91
C VAL C 348 28.40 -0.46 7.73
N VAL C 349 27.13 -0.09 7.91
CA VAL C 349 26.10 -0.42 6.93
C VAL C 349 25.67 0.78 6.09
N TYR C 350 24.93 1.72 6.71
CA TYR C 350 24.19 2.69 5.92
C TYR C 350 25.13 3.70 5.23
N ALA C 351 25.98 4.41 5.97
CA ALA C 351 26.77 5.47 5.32
C ALA C 351 27.61 4.96 4.17
N PRO C 352 28.42 3.92 4.31
CA PRO C 352 29.23 3.50 3.16
C PRO C 352 28.38 3.05 1.97
N LEU C 353 27.36 2.25 2.20
CA LEU C 353 26.60 1.71 1.08
C LEU C 353 25.72 2.78 0.42
N LEU C 354 25.16 3.72 1.19
CA LEU C 354 24.52 4.89 0.57
C LEU C 354 25.47 5.61 -0.38
N LEU C 355 26.73 5.75 0.01
CA LEU C 355 27.69 6.49 -0.81
C LEU C 355 28.31 5.64 -1.91
N GLY C 356 28.01 4.34 -1.92
CA GLY C 356 28.48 3.47 -2.98
C GLY C 356 29.91 3.02 -2.87
N CYS C 357 30.54 3.10 -1.69
CA CYS C 357 31.88 2.56 -1.58
C CYS C 357 31.82 1.12 -1.09
N THR C 358 32.97 0.56 -0.70
CA THR C 358 33.05 -0.78 -0.14
C THR C 358 33.09 -0.71 1.40
N THR C 359 32.34 -1.59 2.06
CA THR C 359 32.40 -1.69 3.52
C THR C 359 32.94 -3.05 3.96
N VAL C 360 33.70 -3.04 5.05
CA VAL C 360 34.30 -4.27 5.59
C VAL C 360 33.46 -4.77 6.75
N VAL C 361 32.95 -5.99 6.65
CA VAL C 361 32.25 -6.66 7.74
C VAL C 361 33.24 -7.62 8.40
N PHE C 362 33.64 -7.30 9.63
CA PHE C 362 34.73 -7.98 10.33
C PHE C 362 34.15 -8.78 11.49
N GLU C 363 34.26 -10.11 11.41
CA GLU C 363 33.65 -11.01 12.37
C GLU C 363 34.46 -11.22 13.64
N SER C 364 35.72 -10.80 13.70
CA SER C 364 36.58 -11.28 14.77
C SER C 364 36.74 -10.24 15.88
N THR C 365 37.83 -10.35 16.62
CA THR C 365 38.29 -9.40 17.63
C THR C 365 39.66 -8.90 17.23
N PRO C 366 40.14 -7.77 17.81
CA PRO C 366 41.48 -7.28 17.45
C PRO C 366 42.60 -8.13 18.02
N ALA C 367 42.29 -9.26 18.65
CA ALA C 367 43.32 -10.09 19.24
C ALA C 367 43.30 -11.54 18.74
N TYR C 368 42.42 -11.88 17.80
CA TYR C 368 42.42 -13.23 17.27
C TYR C 368 42.83 -13.23 15.81
N PRO C 369 43.82 -14.03 15.42
CA PRO C 369 44.61 -14.92 16.27
C PRO C 369 45.74 -14.21 17.01
N ASN C 370 45.98 -12.95 16.67
CA ASN C 370 47.06 -12.21 17.32
C ASN C 370 46.72 -10.73 17.29
N PHE C 371 47.56 -9.95 17.97
CA PHE C 371 47.34 -8.51 18.12
C PHE C 371 47.57 -7.72 16.84
N SER C 372 48.02 -8.36 15.76
CA SER C 372 48.24 -7.68 14.50
C SER C 372 47.01 -7.74 13.60
N ARG C 373 45.88 -8.22 14.11
CA ARG C 373 44.75 -8.56 13.25
C ARG C 373 44.21 -7.34 12.52
N TYR C 374 43.91 -6.26 13.25
CA TYR C 374 43.36 -5.06 12.65
C TYR C 374 44.20 -4.60 11.46
N TRP C 375 45.52 -4.69 11.59
CA TRP C 375 46.45 -4.24 10.56
C TRP C 375 46.65 -5.28 9.45
N ASP C 376 46.62 -6.58 9.80
CA ASP C 376 46.52 -7.62 8.77
C ASP C 376 45.37 -7.30 7.83
N VAL C 377 44.19 -7.01 8.40
CA VAL C 377 42.99 -6.80 7.61
C VAL C 377 43.12 -5.55 6.74
N ILE C 378 43.63 -4.46 7.32
CA ILE C 378 43.69 -3.19 6.61
C ILE C 378 44.71 -3.25 5.48
N GLU C 379 45.83 -3.95 5.72
CA GLU C 379 46.81 -4.18 4.66
C GLU C 379 46.25 -5.05 3.54
N LYS C 380 45.64 -6.19 3.89
CA LYS C 380 45.25 -7.13 2.84
C LYS C 380 44.16 -6.54 1.95
N HIS C 381 43.20 -5.82 2.54
CA HIS C 381 42.08 -5.23 1.81
C HIS C 381 42.27 -3.78 1.44
N LYS C 382 43.44 -3.18 1.71
CA LYS C 382 43.76 -1.83 1.24
C LYS C 382 42.73 -0.81 1.73
N VAL C 383 42.45 -0.86 3.03
CA VAL C 383 41.44 0.00 3.63
C VAL C 383 41.91 1.44 3.62
N THR C 384 40.99 2.36 3.32
CA THR C 384 41.27 3.79 3.29
C THR C 384 40.87 4.51 4.56
N GLN C 385 39.83 4.06 5.23
CA GLN C 385 39.40 4.63 6.49
C GLN C 385 39.17 3.52 7.49
N PHE C 386 39.61 3.77 8.72
CA PHE C 386 39.49 2.83 9.83
C PHE C 386 38.83 3.56 10.99
N TYR C 387 37.81 2.93 11.60
CA TYR C 387 37.00 3.51 12.67
C TYR C 387 36.94 2.55 13.84
N VAL C 388 37.45 2.97 15.00
CA VAL C 388 37.61 2.10 16.16
C VAL C 388 37.28 2.90 17.42
N ALA C 389 37.32 2.23 18.58
CA ALA C 389 37.09 2.81 19.89
C ALA C 389 38.38 2.85 20.70
N PRO C 390 38.57 3.88 21.52
CA PRO C 390 39.81 3.96 22.33
C PRO C 390 40.02 2.79 23.30
N THR C 391 38.96 2.04 23.65
CA THR C 391 39.18 0.84 24.45
C THR C 391 40.02 -0.17 23.71
N ALA C 392 39.75 -0.36 22.41
CA ALA C 392 40.52 -1.30 21.61
C ALA C 392 41.93 -0.79 21.36
N LEU C 393 42.08 0.53 21.20
CA LEU C 393 43.43 1.08 21.00
C LEU C 393 44.26 0.96 22.26
N ARG C 394 43.71 1.33 23.41
CA ARG C 394 44.42 1.10 24.67
C ARG C 394 44.86 -0.34 24.82
N LEU C 395 43.97 -1.28 24.47
CA LEU C 395 44.33 -2.70 24.51
C LEU C 395 45.50 -2.98 23.60
N LEU C 396 45.49 -2.42 22.38
CA LEU C 396 46.59 -2.69 21.46
C LEU C 396 47.86 -1.95 21.87
N LYS C 397 47.74 -0.77 22.49
CA LYS C 397 48.92 -0.03 22.92
C LYS C 397 49.65 -0.75 24.06
N ARG C 398 48.90 -1.28 25.03
CA ARG C 398 49.55 -2.06 26.08
C ARG C 398 50.17 -3.33 25.55
N ALA C 399 49.74 -3.81 24.38
CA ALA C 399 50.29 -5.02 23.79
C ALA C 399 51.66 -4.78 23.16
N GLY C 400 51.96 -3.56 22.73
CA GLY C 400 53.28 -3.24 22.22
C GLY C 400 53.30 -2.84 20.76
N ASP C 401 54.21 -1.94 20.38
CA ASP C 401 54.28 -1.40 19.03
C ASP C 401 54.86 -2.37 18.02
N HIS C 402 55.25 -3.57 18.44
CA HIS C 402 55.90 -4.51 17.55
C HIS C 402 54.92 -5.39 16.78
N HIS C 403 53.63 -5.34 17.13
CA HIS C 403 52.61 -6.02 16.35
C HIS C 403 52.17 -5.23 15.14
N ILE C 404 52.66 -4.01 14.99
CA ILE C 404 52.34 -3.13 13.88
C ILE C 404 53.57 -3.08 12.99
N ASN C 405 53.49 -3.77 11.85
CA ASN C 405 54.51 -3.69 10.80
C ASN C 405 53.84 -3.98 9.47
N HIS C 406 52.96 -3.08 9.07
CA HIS C 406 52.16 -3.22 7.86
C HIS C 406 52.22 -1.91 7.10
N GLU C 407 52.42 -1.98 5.78
CA GLU C 407 52.51 -0.75 4.99
C GLU C 407 51.26 0.10 5.14
N MET C 408 50.09 -0.48 4.92
CA MET C 408 48.80 0.21 4.95
C MET C 408 48.90 1.55 4.20
N LYS C 409 49.18 1.44 2.90
CA LYS C 409 49.50 2.62 2.11
C LYS C 409 48.28 3.54 1.97
N ASP C 410 47.09 2.97 1.89
CA ASP C 410 45.89 3.76 1.58
C ASP C 410 45.17 4.28 2.82
N LEU C 411 45.65 3.97 4.02
CA LEU C 411 44.96 4.39 5.23
C LEU C 411 45.21 5.88 5.47
N ARG C 412 44.22 6.71 5.18
CA ARG C 412 44.38 8.15 5.33
C ARG C 412 43.45 8.78 6.38
N ILE C 413 42.43 8.07 6.86
CA ILE C 413 41.56 8.58 7.92
C ILE C 413 41.56 7.58 9.07
N LEU C 414 41.73 8.09 10.29
CA LEU C 414 41.73 7.29 11.52
C LEU C 414 40.65 7.82 12.47
N GLY C 415 39.48 7.21 12.48
CA GLY C 415 38.38 7.66 13.30
C GLY C 415 38.28 6.99 14.66
N SER C 416 37.76 7.72 15.64
CA SER C 416 37.56 7.23 16.99
C SER C 416 36.21 7.72 17.51
N VAL C 417 35.55 6.88 18.32
CA VAL C 417 34.24 7.17 18.89
C VAL C 417 34.13 6.51 20.25
N GLY C 418 33.34 7.11 21.14
CA GLY C 418 32.98 6.50 22.41
C GLY C 418 33.42 7.24 23.67
N GLU C 419 34.70 7.57 23.74
CA GLU C 419 35.27 8.41 24.79
C GLU C 419 36.31 9.29 24.12
N PRO C 420 36.76 10.36 24.79
CA PRO C 420 37.80 11.19 24.17
C PRO C 420 39.08 10.40 24.01
N ILE C 421 39.62 10.39 22.79
CA ILE C 421 40.92 9.78 22.56
C ILE C 421 41.99 10.70 23.15
N ALA C 422 42.51 10.33 24.33
CA ALA C 422 43.38 11.16 25.14
C ALA C 422 44.80 11.18 24.60
N ALA C 423 45.62 12.08 25.17
CA ALA C 423 46.92 12.44 24.59
C ALA C 423 47.78 11.21 24.27
N GLU C 424 48.20 10.47 25.30
CA GLU C 424 49.08 9.32 25.10
C GLU C 424 48.49 8.29 24.14
N VAL C 425 47.17 8.29 23.94
CA VAL C 425 46.55 7.41 22.96
C VAL C 425 46.47 8.06 21.59
N TRP C 426 46.23 9.37 21.57
CA TRP C 426 46.14 10.12 20.31
C TRP C 426 47.50 10.21 19.62
N LYS C 427 48.58 10.30 20.39
CA LYS C 427 49.90 10.33 19.78
C LYS C 427 50.29 8.95 19.26
N TRP C 428 50.01 7.90 20.04
CA TRP C 428 50.31 6.54 19.59
C TRP C 428 49.54 6.18 18.34
N TYR C 429 48.33 6.72 18.22
CA TYR C 429 47.48 6.48 17.06
C TYR C 429 47.99 7.23 15.84
N HIS C 430 48.41 8.49 16.04
CA HIS C 430 48.86 9.33 14.93
C HIS C 430 50.22 8.89 14.41
N GLU C 431 51.14 8.53 15.29
CA GLU C 431 52.50 8.24 14.85
C GLU C 431 52.68 6.76 14.47
N VAL C 432 52.42 5.85 15.40
CA VAL C 432 52.66 4.43 15.12
C VAL C 432 51.69 3.92 14.07
N VAL C 433 50.39 4.00 14.36
CA VAL C 433 49.38 3.46 13.45
C VAL C 433 49.34 4.25 12.15
N GLY C 434 49.24 5.58 12.25
CA GLY C 434 49.06 6.43 11.08
C GLY C 434 50.32 6.86 10.37
N LYS C 435 51.48 6.78 11.03
CA LYS C 435 52.76 7.17 10.44
C LYS C 435 52.78 8.64 10.07
N ARG C 436 51.99 9.45 10.78
CA ARG C 436 51.82 10.88 10.48
C ARG C 436 51.28 11.09 9.08
N GLN C 437 50.73 10.04 8.49
CA GLN C 437 50.07 10.08 7.19
C GLN C 437 48.58 10.38 7.32
N ALA C 438 47.97 10.10 8.47
CA ALA C 438 46.52 10.03 8.59
C ALA C 438 45.98 11.11 9.51
N HIS C 439 44.75 11.51 9.22
CA HIS C 439 44.03 12.49 10.03
C HIS C 439 43.21 11.74 11.08
N ILE C 440 43.34 12.14 12.35
CA ILE C 440 42.60 11.51 13.44
C ILE C 440 41.31 12.26 13.68
N VAL C 441 40.18 11.56 13.61
CA VAL C 441 38.86 12.18 13.64
C VAL C 441 38.14 11.66 14.89
N ASP C 442 38.15 12.46 15.96
CA ASP C 442 37.44 12.16 17.20
C ASP C 442 35.99 12.59 17.02
N THR C 443 35.11 11.64 16.71
CA THR C 443 33.71 11.94 16.43
C THR C 443 32.88 11.76 17.69
N TYR C 444 32.21 12.84 18.10
CA TYR C 444 31.26 12.77 19.19
C TYR C 444 29.86 12.67 18.61
N TRP C 445 29.08 11.71 19.13
CA TRP C 445 27.67 11.52 18.81
C TRP C 445 27.11 10.45 19.74
N GLN C 446 25.82 10.15 19.59
CA GLN C 446 25.14 9.16 20.41
C GLN C 446 24.08 8.47 19.56
N THR C 447 23.56 7.35 20.06
CA THR C 447 22.50 6.61 19.36
C THR C 447 21.38 7.55 18.91
N GLU C 448 21.05 8.54 19.74
CA GLU C 448 19.91 9.41 19.46
C GLU C 448 20.18 10.43 18.37
N THR C 449 21.44 10.71 18.01
CA THR C 449 21.73 11.72 16.98
C THR C 449 21.82 11.11 15.59
N GLY C 450 21.89 9.79 15.48
CA GLY C 450 21.90 9.10 14.20
C GLY C 450 23.25 9.07 13.53
N SER C 451 24.00 10.17 13.60
CA SER C 451 25.28 10.29 12.91
CA SER C 451 25.28 10.30 12.90
C SER C 451 26.10 11.36 13.63
N HIS C 452 27.34 11.58 13.15
CA HIS C 452 28.24 12.50 13.83
C HIS C 452 27.64 13.88 14.03
N VAL C 453 27.90 14.49 15.19
CA VAL C 453 27.38 15.82 15.47
C VAL C 453 28.44 16.82 15.89
N ILE C 454 29.51 16.37 16.54
CA ILE C 454 30.63 17.26 16.84
C ILE C 454 31.90 16.49 16.47
N THR C 455 32.66 17.02 15.51
CA THR C 455 33.72 16.24 14.90
C THR C 455 34.57 17.06 13.94
N PRO C 456 35.87 16.79 13.87
CA PRO C 456 36.66 17.28 12.73
C PRO C 456 36.08 16.74 11.43
N LEU C 457 36.31 17.47 10.35
CA LEU C 457 36.01 16.98 9.01
C LEU C 457 37.30 16.41 8.43
N GLY C 458 37.24 15.18 7.93
CA GLY C 458 38.43 14.50 7.47
C GLY C 458 39.21 15.28 6.42
N GLY C 459 40.51 15.47 6.63
CA GLY C 459 41.31 16.20 5.69
C GLY C 459 41.07 17.70 5.64
N ILE C 460 40.30 18.25 6.58
CA ILE C 460 39.92 19.66 6.52
C ILE C 460 40.20 20.34 7.85
N THR C 461 39.71 19.78 8.90
CA THR C 461 39.65 20.51 10.16
C THR C 461 40.91 20.28 10.98
N PRO C 462 41.60 21.34 11.41
CA PRO C 462 42.68 21.18 12.40
C PRO C 462 42.13 20.63 13.71
N THR C 463 42.83 19.64 14.26
CA THR C 463 42.37 18.93 15.44
C THR C 463 43.24 19.27 16.65
N LYS C 464 42.70 18.99 17.83
CA LYS C 464 43.44 19.07 19.10
C LYS C 464 43.28 17.72 19.80
N PRO C 465 44.37 17.10 20.26
CA PRO C 465 44.23 15.83 20.98
C PRO C 465 43.41 16.01 22.26
N GLY C 466 42.40 15.16 22.43
CA GLY C 466 41.47 15.27 23.52
C GLY C 466 40.14 15.94 23.17
N SER C 467 40.07 16.62 22.03
CA SER C 467 38.92 17.42 21.64
C SER C 467 38.21 16.82 20.45
N ALA C 468 36.88 16.98 20.42
CA ALA C 468 36.05 16.66 19.25
C ALA C 468 35.96 17.81 18.27
N SER C 469 36.69 18.90 18.49
CA SER C 469 36.73 20.08 17.64
C SER C 469 35.37 20.75 17.45
N LEU C 470 34.80 20.69 16.25
CA LEU C 470 33.78 21.62 15.83
C LEU C 470 32.47 20.94 15.44
N PRO C 471 31.34 21.65 15.52
CA PRO C 471 30.06 21.04 15.18
C PRO C 471 29.96 20.70 13.70
N PHE C 472 29.34 19.56 13.42
CA PHE C 472 29.00 19.19 12.05
C PHE C 472 27.86 20.09 11.53
N PHE C 473 27.67 20.05 10.22
CA PHE C 473 26.62 20.84 9.58
C PHE C 473 25.28 20.64 10.26
N GLY C 474 24.57 21.74 10.51
CA GLY C 474 23.25 21.68 11.11
C GLY C 474 23.24 21.51 12.62
N ILE C 475 24.41 21.42 13.25
CA ILE C 475 24.53 21.15 14.68
C ILE C 475 24.88 22.46 15.36
N ASP C 476 23.94 23.01 16.12
CA ASP C 476 24.11 24.29 16.82
C ASP C 476 24.28 24.02 18.31
N PRO C 477 25.50 23.77 18.79
CA PRO C 477 25.68 23.41 20.19
C PRO C 477 25.70 24.63 21.09
N VAL C 478 25.14 24.46 22.29
CA VAL C 478 25.20 25.47 23.33
C VAL C 478 25.69 24.81 24.60
N ILE C 479 26.18 25.64 25.53
CA ILE C 479 26.61 25.20 26.85
C ILE C 479 25.61 25.73 27.87
N LEU C 480 25.03 24.85 28.66
CA LEU C 480 23.97 25.20 29.61
C LEU C 480 24.48 25.14 31.04
N ASP C 481 24.06 26.11 31.84
CA ASP C 481 24.38 26.11 33.27
C ASP C 481 23.63 24.96 33.94
N PRO C 482 24.31 24.05 34.63
CA PRO C 482 23.65 22.80 35.06
C PRO C 482 22.46 23.00 35.99
N VAL C 483 22.35 24.14 36.67
CA VAL C 483 21.24 24.37 37.59
C VAL C 483 20.17 25.23 36.92
N THR C 484 20.52 26.47 36.59
CA THR C 484 19.54 27.40 36.05
C THR C 484 19.17 27.10 34.61
N GLY C 485 19.80 26.11 33.98
CA GLY C 485 19.55 25.79 32.59
C GLY C 485 19.88 26.88 31.62
N ALA C 486 20.48 27.98 32.07
CA ALA C 486 20.66 29.14 31.21
C ALA C 486 21.85 28.96 30.29
N GLU C 487 21.74 29.55 29.11
CA GLU C 487 22.81 29.49 28.12
C GLU C 487 23.98 30.37 28.55
N ILE C 488 25.19 29.81 28.51
CA ILE C 488 26.41 30.53 28.85
C ILE C 488 27.12 30.92 27.56
N PRO C 489 27.03 32.18 27.14
CA PRO C 489 27.54 32.56 25.82
C PRO C 489 29.05 32.74 25.81
N GLY C 490 29.60 32.68 24.59
CA GLY C 490 31.01 32.99 24.40
C GLY C 490 31.90 31.79 24.60
N ASN C 491 33.20 32.05 24.55
CA ASN C 491 34.23 31.02 24.61
C ASN C 491 34.78 30.86 26.02
N ASP C 492 35.49 29.76 26.23
CA ASP C 492 36.07 29.38 27.51
C ASP C 492 34.99 29.24 28.59
N VAL C 493 34.05 28.33 28.34
CA VAL C 493 32.94 28.06 29.23
C VAL C 493 32.70 26.56 29.29
N GLU C 494 32.07 26.12 30.38
CA GLU C 494 31.80 24.72 30.64
C GLU C 494 30.39 24.59 31.19
N GLY C 495 29.80 23.42 31.00
CA GLY C 495 28.44 23.15 31.45
C GLY C 495 27.84 21.96 30.71
N ILE C 496 26.51 21.96 30.65
CA ILE C 496 25.75 20.90 30.00
C ILE C 496 25.82 21.08 28.48
N LEU C 497 25.96 19.99 27.74
CA LEU C 497 26.01 20.04 26.28
C LEU C 497 24.60 19.90 25.71
N ALA C 498 24.17 20.89 24.93
CA ALA C 498 22.86 20.82 24.30
C ALA C 498 22.95 21.35 22.88
N PHE C 499 21.91 21.03 22.08
CA PHE C 499 21.79 21.52 20.72
C PHE C 499 20.55 22.41 20.61
N ARG C 500 20.71 23.54 19.91
CA ARG C 500 19.68 24.55 19.85
C ARG C 500 18.62 24.28 18.79
N LYS C 501 18.89 23.43 17.82
CA LYS C 501 18.05 23.28 16.65
C LYS C 501 17.97 21.81 16.25
N PRO C 502 16.88 21.39 15.61
CA PRO C 502 16.78 20.00 15.18
C PRO C 502 17.71 19.74 14.00
N TRP C 503 17.98 18.47 13.76
CA TRP C 503 18.88 18.11 12.67
C TRP C 503 18.30 16.86 12.02
N PRO C 504 18.61 16.61 10.75
CA PRO C 504 17.81 15.60 10.01
C PRO C 504 17.84 14.21 10.62
N SER C 505 18.98 13.73 11.11
CA SER C 505 19.06 12.35 11.58
C SER C 505 18.74 12.18 13.07
N MET C 506 18.14 13.17 13.73
CA MET C 506 17.76 13.00 15.14
C MET C 506 16.79 11.84 15.29
N ALA C 507 16.85 11.18 16.46
CA ALA C 507 15.84 10.16 16.78
C ALA C 507 14.47 10.80 16.85
N ARG C 508 13.46 10.09 16.34
CA ARG C 508 12.11 10.65 16.27
C ARG C 508 11.20 10.25 17.42
N THR C 509 11.43 9.10 18.07
CA THR C 509 10.68 8.75 19.29
C THR C 509 11.41 7.64 20.05
N VAL C 510 10.86 7.28 21.19
CA VAL C 510 11.18 6.05 21.88
C VAL C 510 9.99 5.14 21.66
N TRP C 511 10.25 3.97 21.08
CA TRP C 511 9.19 3.08 20.63
C TRP C 511 8.17 2.84 21.72
N GLY C 512 6.90 3.17 21.44
CA GLY C 512 5.84 2.96 22.38
C GLY C 512 5.78 3.96 23.52
N ASP C 513 6.73 4.89 23.62
CA ASP C 513 6.72 5.77 24.80
C ASP C 513 7.24 7.16 24.40
N HIS C 514 6.43 7.91 23.66
CA HIS C 514 6.88 9.22 23.20
C HIS C 514 7.07 10.15 24.38
N LYS C 515 6.24 10.00 25.41
CA LYS C 515 6.38 10.85 26.60
C LYS C 515 7.76 10.70 27.24
N ARG C 516 8.27 9.48 27.35
CA ARG C 516 9.62 9.29 27.87
C ARG C 516 10.66 9.95 26.97
N TYR C 517 10.50 9.81 25.66
CA TYR C 517 11.33 10.55 24.70
C TYR C 517 11.31 12.05 24.98
N MET C 518 10.11 12.62 25.14
CA MET C 518 10.00 14.04 25.43
C MET C 518 10.69 14.39 26.74
N ASP C 519 10.40 13.62 27.79
CA ASP C 519 10.93 13.94 29.12
C ASP C 519 12.44 13.71 29.17
N THR C 520 12.96 12.70 28.46
CA THR C 520 14.39 12.40 28.55
C THR C 520 15.23 13.43 27.80
N TYR C 521 14.77 13.83 26.63
CA TYR C 521 15.56 14.63 25.69
C TYR C 521 15.11 16.08 25.58
N LEU C 522 13.80 16.35 25.63
CA LEU C 522 13.29 17.65 25.20
C LEU C 522 12.66 18.50 26.31
N ASN C 523 12.25 17.92 27.43
CA ASN C 523 11.61 18.68 28.49
C ASN C 523 12.55 19.05 29.62
N VAL C 524 13.81 18.58 29.58
CA VAL C 524 14.76 18.95 30.64
C VAL C 524 15.14 20.42 30.52
N TYR C 525 15.43 20.88 29.31
CA TYR C 525 15.81 22.26 29.01
C TYR C 525 14.98 22.63 27.79
N LYS C 526 13.76 23.12 28.03
CA LYS C 526 12.80 23.32 26.95
C LYS C 526 13.36 24.26 25.88
N GLY C 527 13.18 23.89 24.62
CA GLY C 527 13.78 24.62 23.53
C GLY C 527 15.13 24.10 23.10
N PHE C 528 15.73 23.20 23.87
CA PHE C 528 17.02 22.60 23.52
C PHE C 528 16.90 21.08 23.50
N TYR C 529 17.90 20.44 22.90
CA TYR C 529 18.07 19.00 22.98
C TYR C 529 19.15 18.70 24.01
N PHE C 530 18.83 17.86 24.99
CA PHE C 530 19.74 17.53 26.08
C PHE C 530 20.55 16.28 25.73
N THR C 531 21.88 16.43 25.67
CA THR C 531 22.71 15.27 25.31
C THR C 531 22.95 14.32 26.47
N GLY C 532 22.76 14.77 27.71
CA GLY C 532 23.21 14.02 28.85
C GLY C 532 24.69 14.15 29.13
N ASP C 533 25.41 14.93 28.34
CA ASP C 533 26.86 15.06 28.44
C ASP C 533 27.23 16.44 28.92
N GLY C 534 28.34 16.53 29.64
CA GLY C 534 28.96 17.80 29.96
C GLY C 534 30.03 18.09 28.93
N ALA C 535 30.29 19.38 28.71
CA ALA C 535 31.32 19.76 27.77
C ALA C 535 31.86 21.14 28.14
N GLY C 536 33.06 21.43 27.64
CA GLY C 536 33.60 22.76 27.65
C GLY C 536 33.87 23.24 26.23
N ARG C 537 33.83 24.56 26.04
CA ARG C 537 34.12 25.19 24.76
C ARG C 537 35.26 26.16 24.97
N ASP C 538 36.43 25.83 24.44
CA ASP C 538 37.67 26.52 24.83
C ASP C 538 37.75 27.89 24.17
N HIS C 539 38.93 28.51 24.28
CA HIS C 539 39.15 29.85 23.75
C HIS C 539 38.98 29.90 22.23
N GLU C 540 39.26 28.80 21.54
CA GLU C 540 39.11 28.74 20.09
C GLU C 540 37.74 28.26 19.64
N GLY C 541 36.86 27.91 20.58
CA GLY C 541 35.57 27.37 20.22
C GLY C 541 35.54 25.88 19.99
N TYR C 542 36.64 25.17 20.24
CA TYR C 542 36.67 23.72 20.12
C TYR C 542 36.06 23.09 21.35
N TYR C 543 35.32 22.00 21.15
CA TYR C 543 34.55 21.38 22.21
C TYR C 543 35.33 20.26 22.86
N TRP C 544 35.15 20.11 24.18
CA TRP C 544 35.80 19.09 24.99
C TRP C 544 34.70 18.32 25.74
N ILE C 545 34.41 17.10 25.29
CA ILE C 545 33.34 16.29 25.86
C ILE C 545 33.78 15.72 27.20
N ARG C 546 33.08 16.09 28.27
CA ARG C 546 33.47 15.71 29.62
C ARG C 546 32.94 14.34 30.05
N GLY C 547 31.81 13.91 29.51
CA GLY C 547 31.22 12.64 29.87
C GLY C 547 29.81 12.81 30.40
N ARG C 548 29.19 11.68 30.72
CA ARG C 548 27.79 11.66 31.14
C ARG C 548 27.60 12.36 32.49
N VAL C 549 26.54 13.17 32.57
CA VAL C 549 26.14 13.75 33.86
C VAL C 549 25.10 12.90 34.58
N ASP C 550 24.55 11.89 33.91
CA ASP C 550 23.53 11.04 34.51
C ASP C 550 24.18 9.74 34.95
N ASP C 551 23.37 8.68 35.09
CA ASP C 551 23.87 7.38 35.54
C ASP C 551 24.07 6.43 34.38
N VAL C 552 24.47 6.96 33.22
CA VAL C 552 24.91 6.17 32.08
C VAL C 552 26.43 6.11 32.11
N VAL C 553 26.97 4.90 32.04
CA VAL C 553 28.41 4.68 32.04
C VAL C 553 28.78 3.95 30.77
N ASN C 554 30.07 4.01 30.42
CA ASN C 554 30.59 3.40 29.20
C ASN C 554 31.72 2.44 29.58
N VAL C 555 31.50 1.15 29.35
CA VAL C 555 32.42 0.10 29.75
C VAL C 555 32.88 -0.62 28.47
N SER C 556 34.15 -0.44 28.11
CA SER C 556 34.71 -1.02 26.89
C SER C 556 33.91 -0.59 25.66
N GLY C 557 33.51 0.68 25.63
CA GLY C 557 32.71 1.17 24.53
C GLY C 557 31.31 0.58 24.46
N HIS C 558 30.76 0.14 25.60
CA HIS C 558 29.39 -0.35 25.69
C HIS C 558 28.59 0.57 26.60
N ARG C 559 27.53 1.16 26.04
CA ARG C 559 26.67 2.06 26.81
C ARG C 559 25.82 1.24 27.76
N LEU C 560 26.11 1.35 29.06
CA LEU C 560 25.44 0.57 30.09
C LEU C 560 24.81 1.48 31.13
N SER C 561 23.67 1.05 31.66
CA SER C 561 23.01 1.77 32.73
C SER C 561 23.39 1.16 34.08
N THR C 562 23.77 2.01 35.03
CA THR C 562 24.01 1.48 36.37
C THR C 562 22.71 1.06 37.03
N ALA C 563 21.59 1.67 36.64
CA ALA C 563 20.29 1.24 37.13
C ALA C 563 19.99 -0.18 36.69
N GLU C 564 20.39 -0.54 35.47
CA GLU C 564 20.09 -1.87 34.94
C GLU C 564 20.92 -2.95 35.64
N ILE C 565 22.18 -2.64 35.94
CA ILE C 565 23.01 -3.59 36.67
C ILE C 565 22.52 -3.72 38.10
N GLU C 566 22.15 -2.59 38.72
CA GLU C 566 21.56 -2.63 40.06
C GLU C 566 20.29 -3.45 40.09
N ALA C 567 19.46 -3.34 39.03
CA ALA C 567 18.25 -4.15 38.98
C ALA C 567 18.56 -5.63 38.79
N ALA C 568 19.64 -5.93 38.06
CA ALA C 568 20.00 -7.33 37.86
C ALA C 568 20.55 -7.97 39.13
N LEU C 569 21.24 -7.18 39.97
CA LEU C 569 21.75 -7.72 41.23
C LEU C 569 20.63 -8.04 42.21
N ILE C 570 19.62 -7.17 42.30
CA ILE C 570 18.48 -7.43 43.16
C ILE C 570 17.79 -8.74 42.79
N GLU C 571 17.86 -9.13 41.51
CA GLU C 571 17.24 -10.37 41.07
C GLU C 571 17.77 -11.60 41.82
N HIS C 572 18.90 -11.47 42.52
CA HIS C 572 19.38 -12.55 43.35
C HIS C 572 18.62 -12.55 44.68
N HIS C 573 18.28 -13.76 45.16
CA HIS C 573 17.40 -13.89 46.31
C HIS C 573 18.06 -13.47 47.63
N CYS C 574 19.38 -13.24 47.64
CA CYS C 574 20.09 -12.87 48.85
C CYS C 574 20.40 -11.39 48.95
N VAL C 575 20.07 -10.59 47.93
CA VAL C 575 20.39 -9.16 47.90
C VAL C 575 19.14 -8.36 48.19
N ALA C 576 19.27 -7.30 48.98
CA ALA C 576 18.18 -6.38 49.27
C ALA C 576 18.36 -5.04 48.56
N GLU C 577 19.44 -4.31 48.86
CA GLU C 577 19.78 -3.06 48.22
C GLU C 577 21.06 -3.22 47.40
N ALA C 578 21.12 -2.52 46.27
CA ALA C 578 22.26 -2.60 45.37
C ALA C 578 22.58 -1.20 44.84
N ALA C 579 23.87 -0.92 44.69
CA ALA C 579 24.33 0.34 44.15
C ALA C 579 25.54 0.08 43.27
N VAL C 580 25.51 0.61 42.04
CA VAL C 580 26.60 0.50 41.08
C VAL C 580 27.07 1.91 40.72
N VAL C 581 28.39 2.08 40.66
CA VAL C 581 29.02 3.36 40.32
C VAL C 581 30.05 3.10 39.24
N GLY C 582 30.57 4.19 38.66
CA GLY C 582 31.59 4.08 37.64
C GLY C 582 32.83 4.91 37.93
N VAL C 583 33.99 4.27 37.97
CA VAL C 583 35.24 4.93 38.32
C VAL C 583 36.23 4.78 37.17
N PRO C 584 37.15 5.73 36.97
CA PRO C 584 38.02 5.68 35.78
C PRO C 584 38.87 4.43 35.72
N ASP C 585 39.05 3.90 34.50
CA ASP C 585 39.83 2.70 34.27
C ASP C 585 40.83 2.94 33.14
N PRO C 586 42.08 2.49 33.31
CA PRO C 586 43.10 2.72 32.28
C PRO C 586 43.10 1.72 31.14
N LEU C 587 42.19 0.76 31.14
CA LEU C 587 42.01 -0.16 30.02
C LEU C 587 40.66 -0.01 29.33
N THR C 588 39.58 0.13 30.11
CA THR C 588 38.23 0.23 29.57
C THR C 588 37.61 1.59 29.81
N GLY C 589 38.43 2.61 30.06
CA GLY C 589 37.93 3.95 30.33
C GLY C 589 37.32 4.04 31.72
N GLN C 590 36.19 3.36 31.91
CA GLN C 590 35.54 3.24 33.20
C GLN C 590 35.27 1.76 33.48
N ALA C 591 35.13 1.45 34.76
CA ALA C 591 34.79 0.10 35.20
C ALA C 591 33.61 0.17 36.16
N VAL C 592 32.64 -0.72 35.98
CA VAL C 592 31.46 -0.72 36.82
C VAL C 592 31.76 -1.48 38.11
N HIS C 593 31.50 -0.84 39.24
CA HIS C 593 31.72 -1.44 40.55
C HIS C 593 30.41 -1.47 41.31
N ALA C 594 30.11 -2.61 41.91
CA ALA C 594 28.83 -2.86 42.58
C ALA C 594 29.07 -3.14 44.06
N PHE C 595 28.45 -2.33 44.92
CA PHE C 595 28.36 -2.62 46.34
C PHE C 595 26.91 -2.95 46.65
N VAL C 596 26.68 -4.03 47.41
CA VAL C 596 25.34 -4.56 47.63
C VAL C 596 25.15 -4.93 49.09
N ALA C 597 23.92 -4.73 49.58
CA ALA C 597 23.53 -5.15 50.92
C ALA C 597 22.72 -6.44 50.83
N LEU C 598 22.82 -7.25 51.88
CA LEU C 598 22.20 -8.56 51.91
C LEU C 598 21.01 -8.57 52.85
N LYS C 599 20.09 -9.50 52.60
CA LYS C 599 18.88 -9.60 53.42
C LYS C 599 19.16 -10.23 54.77
N SER C 600 19.95 -11.30 54.80
CA SER C 600 20.36 -11.93 56.05
C SER C 600 21.80 -12.38 55.90
N GLY C 601 22.22 -13.33 56.72
CA GLY C 601 23.58 -13.83 56.66
C GLY C 601 23.75 -14.89 55.59
N ASN C 602 24.85 -14.77 54.84
CA ASN C 602 25.25 -15.77 53.84
C ASN C 602 26.58 -16.37 54.29
N ASP C 603 26.54 -17.63 54.73
CA ASP C 603 27.71 -18.28 55.31
C ASP C 603 28.80 -18.60 54.29
N ASN C 604 28.58 -18.28 53.02
CA ASN C 604 29.58 -18.52 51.97
C ASN C 604 29.72 -17.26 51.13
N ARG C 605 30.17 -16.17 51.77
CA ARG C 605 30.25 -14.88 51.10
C ARG C 605 31.23 -14.89 49.93
N GLU C 606 32.21 -15.80 49.92
CA GLU C 606 33.02 -15.98 48.72
C GLU C 606 32.18 -16.58 47.60
N GLN C 607 31.39 -17.62 47.92
CA GLN C 607 30.51 -18.22 46.92
C GLN C 607 29.41 -17.27 46.49
N LEU C 608 29.04 -16.30 47.34
CA LEU C 608 27.98 -15.38 46.99
C LEU C 608 28.43 -14.40 45.91
N GLN C 609 29.70 -13.97 45.94
CA GLN C 609 30.18 -13.03 44.94
C GLN C 609 30.35 -13.67 43.57
N LYS C 610 30.26 -15.00 43.47
CA LYS C 610 30.25 -15.63 42.16
C LYS C 610 28.84 -15.67 41.58
N GLU C 611 27.84 -15.97 42.40
CA GLU C 611 26.46 -16.04 41.92
C GLU C 611 25.92 -14.68 41.55
N LEU C 612 26.39 -13.63 42.22
CA LEU C 612 26.00 -12.27 41.84
C LEU C 612 26.60 -11.89 40.50
N ILE C 613 27.89 -12.22 40.31
CA ILE C 613 28.54 -11.97 39.02
C ILE C 613 27.81 -12.70 37.91
N MET C 614 27.43 -13.96 38.15
CA MET C 614 26.70 -14.71 37.15
C MET C 614 25.29 -14.18 36.94
N GLN C 615 24.71 -13.52 37.95
CA GLN C 615 23.37 -12.98 37.81
C GLN C 615 23.33 -11.88 36.76
N VAL C 616 24.13 -10.83 36.95
CA VAL C 616 24.21 -9.75 35.98
C VAL C 616 24.61 -10.30 34.62
N ARG C 617 25.47 -11.31 34.61
CA ARG C 617 25.83 -12.04 33.39
C ARG C 617 24.61 -12.66 32.73
N LYS C 618 23.62 -13.11 33.52
CA LYS C 618 22.42 -13.74 32.99
C LYS C 618 21.35 -12.74 32.59
N SER C 619 21.15 -11.68 33.37
CA SER C 619 20.05 -10.76 33.09
C SER C 619 20.36 -9.89 31.87
N ILE C 620 21.62 -9.46 31.74
CA ILE C 620 22.04 -8.53 30.70
C ILE C 620 22.93 -9.24 29.70
N GLY C 621 24.11 -9.64 30.16
CA GLY C 621 25.02 -10.37 29.32
C GLY C 621 26.42 -10.34 29.90
N PRO C 622 27.29 -11.23 29.44
CA PRO C 622 28.67 -11.23 29.93
C PRO C 622 29.32 -9.87 29.93
N PHE C 623 29.17 -9.10 28.83
CA PHE C 623 29.87 -7.84 28.67
C PHE C 623 29.49 -6.81 29.73
N ALA C 624 28.39 -7.00 30.44
CA ALA C 624 27.92 -6.05 31.44
C ALA C 624 28.23 -6.49 32.87
N ALA C 625 29.08 -7.50 33.05
CA ALA C 625 29.39 -7.97 34.40
C ALA C 625 30.29 -6.97 35.12
N PRO C 626 30.04 -6.71 36.40
CA PRO C 626 30.89 -5.76 37.13
C PRO C 626 32.25 -6.36 37.45
N LYS C 627 33.26 -5.50 37.54
CA LYS C 627 34.60 -5.95 37.90
C LYS C 627 34.59 -6.64 39.26
N VAL C 628 33.96 -6.01 40.25
CA VAL C 628 33.88 -6.53 41.60
C VAL C 628 32.48 -6.30 42.14
N VAL C 629 32.09 -7.11 43.13
CA VAL C 629 30.86 -6.92 43.87
C VAL C 629 31.22 -6.97 45.36
N PHE C 630 30.96 -5.87 46.06
CA PHE C 630 31.27 -5.71 47.47
C PHE C 630 30.02 -5.89 48.31
N VAL C 631 30.23 -6.26 49.57
CA VAL C 631 29.16 -6.47 50.54
C VAL C 631 29.32 -5.45 51.66
N ILE C 632 28.19 -4.93 52.16
CA ILE C 632 28.21 -3.92 53.21
C ILE C 632 26.92 -3.96 54.02
N ASP C 633 26.82 -3.12 55.04
CA ASP C 633 25.61 -2.99 55.84
C ASP C 633 24.65 -1.99 55.22
N ILE C 643 20.30 6.96 48.83
CA ILE C 643 21.57 6.29 48.57
C ILE C 643 22.63 7.30 48.18
N MET C 644 23.64 7.46 49.02
CA MET C 644 24.76 8.36 48.74
C MET C 644 25.69 7.68 47.74
N ARG C 645 25.33 7.79 46.47
CA ARG C 645 26.14 7.18 45.42
C ARG C 645 27.45 7.93 45.21
N ARG C 646 27.44 9.26 45.37
CA ARG C 646 28.65 10.05 45.21
C ARG C 646 29.67 9.79 46.31
N ILE C 647 29.29 9.12 47.40
CA ILE C 647 30.25 8.74 48.42
C ILE C 647 31.05 7.53 47.97
N LEU C 648 30.39 6.61 47.25
CA LEU C 648 31.07 5.43 46.73
C LEU C 648 32.07 5.83 45.64
N ARG C 649 31.62 6.66 44.69
CA ARG C 649 32.44 7.04 43.54
C ARG C 649 33.73 7.73 43.95
N LYS C 650 33.76 8.35 45.13
CA LYS C 650 34.96 9.03 45.64
C LYS C 650 35.87 8.08 46.43
N ILE C 651 35.28 7.16 47.19
CA ILE C 651 36.09 6.15 47.87
C ILE C 651 36.82 5.29 46.85
N LEU C 652 36.13 4.89 45.78
CA LEU C 652 36.76 4.16 44.70
C LEU C 652 37.38 5.15 43.70
N ILE C 674 29.39 4.73 59.44
CA ILE C 674 29.50 3.64 58.48
C ILE C 674 30.18 4.12 57.20
N ILE C 675 30.48 5.41 57.13
CA ILE C 675 31.28 5.92 56.02
C ILE C 675 32.74 5.56 56.21
N ASP C 676 33.22 5.53 57.44
CA ASP C 676 34.56 5.04 57.74
C ASP C 676 34.63 3.52 57.75
N THR C 677 33.49 2.83 57.70
CA THR C 677 33.47 1.37 57.70
C THR C 677 33.61 0.80 56.30
N PHE C 678 32.94 1.40 55.31
CA PHE C 678 33.08 0.95 53.93
C PHE C 678 34.43 1.32 53.34
N HIS C 679 35.12 2.30 53.92
CA HIS C 679 36.46 2.64 53.44
C HIS C 679 37.46 1.54 53.79
N GLU C 680 37.50 1.12 55.05
CA GLU C 680 38.31 -0.03 55.42
C GLU C 680 37.85 -1.29 54.69
N TRP C 681 36.56 -1.37 54.37
CA TRP C 681 36.04 -2.54 53.66
C TRP C 681 36.59 -2.63 52.25
N LYS C 682 36.87 -1.48 51.61
CA LYS C 682 37.41 -1.51 50.26
C LYS C 682 38.77 -2.19 50.22
N LYS C 683 39.64 -1.88 51.18
CA LYS C 683 40.96 -2.50 51.22
C LYS C 683 40.83 -4.00 51.43
N ALA C 684 41.52 -4.77 50.58
CA ALA C 684 41.46 -6.22 50.64
C ALA C 684 42.78 -6.85 50.22
#